data_3KKR
# 
_entry.id   3KKR 
# 
_audit_conform.dict_name       mmcif_pdbx.dic 
_audit_conform.dict_version    5.380 
_audit_conform.dict_location   http://mmcif.pdb.org/dictionaries/ascii/mmcif_pdbx.dic 
# 
loop_
_database_2.database_id 
_database_2.database_code 
_database_2.pdbx_database_accession 
_database_2.pdbx_DOI 
PDB   3KKR         pdb_00003kkr 10.2210/pdb3kkr/pdb 
RCSB  RCSB056114   ?            ?                   
WWPDB D_1000056114 ?            ?                   
# 
_pdbx_database_related.db_name        PDB 
_pdbx_database_related.db_id          3KKS 
_pdbx_database_related.details        . 
_pdbx_database_related.content_type   unspecified 
# 
_pdbx_database_status.status_code                     REL 
_pdbx_database_status.entry_id                        3KKR 
_pdbx_database_status.recvd_initial_deposition_date   2009-11-06 
_pdbx_database_status.deposit_site                    RCSB 
_pdbx_database_status.process_site                    PDBJ 
_pdbx_database_status.status_code_sf                  REL 
_pdbx_database_status.status_code_mr                  ? 
_pdbx_database_status.SG_entry                        ? 
_pdbx_database_status.status_code_cs                  ? 
_pdbx_database_status.pdb_format_compatible           Y 
_pdbx_database_status.status_code_nmr_data            ? 
_pdbx_database_status.methods_development_category    ? 
# 
_audit_author.name           'Shen, Y.' 
_audit_author.pdbx_ordinal   1 
# 
_citation.id                        primary 
_citation.title                     
'Crystal structures of catalytic core domain of BIV integrase: implications for the interaction between integrase and target DNA' 
_citation.journal_abbrev            'Protein Cell' 
_citation.journal_volume            1 
_citation.page_first                363 
_citation.page_last                 370 
_citation.year                      2010 
_citation.journal_id_ASTM           ? 
_citation.country                   CN 
_citation.journal_id_ISSN           1674-800X 
_citation.journal_id_CSD            ? 
_citation.book_publisher            ? 
_citation.pdbx_database_id_PubMed   21203948 
_citation.pdbx_database_id_DOI      10.1007/s13238-010-0047-5 
# 
loop_
_citation_author.citation_id 
_citation_author.name 
_citation_author.ordinal 
_citation_author.identifier_ORCID 
primary 'Yao, X.'  1 ? 
primary 'Fang, S.' 2 ? 
primary 'Qiao, W.' 3 ? 
primary 'Geng, Y.' 4 ? 
primary 'Shen, Y.' 5 ? 
# 
_cell.entry_id           3KKR 
_cell.length_a           82.320 
_cell.length_b           82.320 
_cell.length_c           51.057 
_cell.angle_alpha        90.00 
_cell.angle_beta         90.00 
_cell.angle_gamma        90.00 
_cell.Z_PDB              8 
_cell.pdbx_unique_axis   ? 
_cell.length_a_esd       ? 
_cell.length_b_esd       ? 
_cell.length_c_esd       ? 
_cell.angle_alpha_esd    ? 
_cell.angle_beta_esd     ? 
_cell.angle_gamma_esd    ? 
# 
_symmetry.entry_id                         3KKR 
_symmetry.space_group_name_H-M             'P 41 21 2' 
_symmetry.pdbx_full_space_group_name_H-M   ? 
_symmetry.cell_setting                     ? 
_symmetry.Int_Tables_number                92 
_symmetry.space_group_name_Hall            ? 
# 
loop_
_entity.id 
_entity.type 
_entity.src_method 
_entity.pdbx_description 
_entity.formula_weight 
_entity.pdbx_number_of_molecules 
_entity.pdbx_ec 
_entity.pdbx_mutation 
_entity.pdbx_fragment 
_entity.details 
1 polymer     man Integrase     17074.330 1   ? ? 'catalytic core domain' ? 
2 non-polymer syn 'NITRATE ION' 62.005    5   ? ? ?                       ? 
3 water       nat water         18.015    122 ? ? ?                       ? 
# 
_entity_name_com.entity_id   1 
_entity_name_com.name        IN 
# 
_entity_poly.entity_id                      1 
_entity_poly.type                           'polypeptide(L)' 
_entity_poly.nstd_linkage                   no 
_entity_poly.nstd_monomer                   no 
_entity_poly.pdbx_seq_one_letter_code       
;GSHLWQMDNTHWNKTIIWVAVETNSGLVEAQVIPEETALQVALCILQLIQRYTVLHLHSDNGPCFTAHRIENLCKYLGIT
KTTGIPYNPQSQGVVERAHRDLKDRLAAYQGDCETVEAALSLALVSLNKKRGGIGGHTPYEIYLESEHTKYQ
;
_entity_poly.pdbx_seq_one_letter_code_can   
;GSHLWQMDNTHWNKTIIWVAVETNSGLVEAQVIPEETALQVALCILQLIQRYTVLHLHSDNGPCFTAHRIENLCKYLGIT
KTTGIPYNPQSQGVVERAHRDLKDRLAAYQGDCETVEAALSLALVSLNKKRGGIGGHTPYEIYLESEHTKYQ
;
_entity_poly.pdbx_strand_id                 A 
_entity_poly.pdbx_target_identifier         ? 
# 
loop_
_entity_poly_seq.entity_id 
_entity_poly_seq.num 
_entity_poly_seq.mon_id 
_entity_poly_seq.hetero 
1 1   GLY n 
1 2   SER n 
1 3   HIS n 
1 4   LEU n 
1 5   TRP n 
1 6   GLN n 
1 7   MET n 
1 8   ASP n 
1 9   ASN n 
1 10  THR n 
1 11  HIS n 
1 12  TRP n 
1 13  ASN n 
1 14  LYS n 
1 15  THR n 
1 16  ILE n 
1 17  ILE n 
1 18  TRP n 
1 19  VAL n 
1 20  ALA n 
1 21  VAL n 
1 22  GLU n 
1 23  THR n 
1 24  ASN n 
1 25  SER n 
1 26  GLY n 
1 27  LEU n 
1 28  VAL n 
1 29  GLU n 
1 30  ALA n 
1 31  GLN n 
1 32  VAL n 
1 33  ILE n 
1 34  PRO n 
1 35  GLU n 
1 36  GLU n 
1 37  THR n 
1 38  ALA n 
1 39  LEU n 
1 40  GLN n 
1 41  VAL n 
1 42  ALA n 
1 43  LEU n 
1 44  CYS n 
1 45  ILE n 
1 46  LEU n 
1 47  GLN n 
1 48  LEU n 
1 49  ILE n 
1 50  GLN n 
1 51  ARG n 
1 52  TYR n 
1 53  THR n 
1 54  VAL n 
1 55  LEU n 
1 56  HIS n 
1 57  LEU n 
1 58  HIS n 
1 59  SER n 
1 60  ASP n 
1 61  ASN n 
1 62  GLY n 
1 63  PRO n 
1 64  CYS n 
1 65  PHE n 
1 66  THR n 
1 67  ALA n 
1 68  HIS n 
1 69  ARG n 
1 70  ILE n 
1 71  GLU n 
1 72  ASN n 
1 73  LEU n 
1 74  CYS n 
1 75  LYS n 
1 76  TYR n 
1 77  LEU n 
1 78  GLY n 
1 79  ILE n 
1 80  THR n 
1 81  LYS n 
1 82  THR n 
1 83  THR n 
1 84  GLY n 
1 85  ILE n 
1 86  PRO n 
1 87  TYR n 
1 88  ASN n 
1 89  PRO n 
1 90  GLN n 
1 91  SER n 
1 92  GLN n 
1 93  GLY n 
1 94  VAL n 
1 95  VAL n 
1 96  GLU n 
1 97  ARG n 
1 98  ALA n 
1 99  HIS n 
1 100 ARG n 
1 101 ASP n 
1 102 LEU n 
1 103 LYS n 
1 104 ASP n 
1 105 ARG n 
1 106 LEU n 
1 107 ALA n 
1 108 ALA n 
1 109 TYR n 
1 110 GLN n 
1 111 GLY n 
1 112 ASP n 
1 113 CYS n 
1 114 GLU n 
1 115 THR n 
1 116 VAL n 
1 117 GLU n 
1 118 ALA n 
1 119 ALA n 
1 120 LEU n 
1 121 SER n 
1 122 LEU n 
1 123 ALA n 
1 124 LEU n 
1 125 VAL n 
1 126 SER n 
1 127 LEU n 
1 128 ASN n 
1 129 LYS n 
1 130 LYS n 
1 131 ARG n 
1 132 GLY n 
1 133 GLY n 
1 134 ILE n 
1 135 GLY n 
1 136 GLY n 
1 137 HIS n 
1 138 THR n 
1 139 PRO n 
1 140 TYR n 
1 141 GLU n 
1 142 ILE n 
1 143 TYR n 
1 144 LEU n 
1 145 GLU n 
1 146 SER n 
1 147 GLU n 
1 148 HIS n 
1 149 THR n 
1 150 LYS n 
1 151 TYR n 
1 152 GLN n 
# 
_entity_src_gen.entity_id                          1 
_entity_src_gen.pdbx_src_id                        1 
_entity_src_gen.pdbx_alt_source_flag               sample 
_entity_src_gen.pdbx_seq_type                      ? 
_entity_src_gen.pdbx_beg_seq_num                   ? 
_entity_src_gen.pdbx_end_seq_num                   ? 
_entity_src_gen.gene_src_common_name               BIV 
_entity_src_gen.gene_src_genus                     ? 
_entity_src_gen.pdbx_gene_src_gene                 gag-pol 
_entity_src_gen.gene_src_species                   ? 
_entity_src_gen.gene_src_strain                    R29 
_entity_src_gen.gene_src_tissue                    ? 
_entity_src_gen.gene_src_tissue_fraction           ? 
_entity_src_gen.gene_src_details                   ? 
_entity_src_gen.pdbx_gene_src_fragment             ? 
_entity_src_gen.pdbx_gene_src_scientific_name      'Bovine immunodeficiency virus' 
_entity_src_gen.pdbx_gene_src_ncbi_taxonomy_id     417296 
_entity_src_gen.pdbx_gene_src_variant              ? 
_entity_src_gen.pdbx_gene_src_cell_line            ? 
_entity_src_gen.pdbx_gene_src_atcc                 ? 
_entity_src_gen.pdbx_gene_src_organ                ? 
_entity_src_gen.pdbx_gene_src_organelle            ? 
_entity_src_gen.pdbx_gene_src_cell                 ? 
_entity_src_gen.pdbx_gene_src_cellular_location    ? 
_entity_src_gen.host_org_common_name               ? 
_entity_src_gen.pdbx_host_org_scientific_name      'Escherichia coli' 
_entity_src_gen.pdbx_host_org_ncbi_taxonomy_id     562 
_entity_src_gen.host_org_genus                     ? 
_entity_src_gen.pdbx_host_org_gene                 ? 
_entity_src_gen.pdbx_host_org_organ                ? 
_entity_src_gen.host_org_species                   ? 
_entity_src_gen.pdbx_host_org_tissue               ? 
_entity_src_gen.pdbx_host_org_tissue_fraction      ? 
_entity_src_gen.pdbx_host_org_strain               ? 
_entity_src_gen.pdbx_host_org_variant              ? 
_entity_src_gen.pdbx_host_org_cell_line            ? 
_entity_src_gen.pdbx_host_org_atcc                 ? 
_entity_src_gen.pdbx_host_org_culture_collection   ? 
_entity_src_gen.pdbx_host_org_cell                 ? 
_entity_src_gen.pdbx_host_org_organelle            ? 
_entity_src_gen.pdbx_host_org_cellular_location    ? 
_entity_src_gen.pdbx_host_org_vector_type          plasmid 
_entity_src_gen.pdbx_host_org_vector               ? 
_entity_src_gen.host_org_details                   ? 
_entity_src_gen.expression_system_id               ? 
_entity_src_gen.plasmid_name                       pET32a 
_entity_src_gen.plasmid_details                    ? 
_entity_src_gen.pdbx_description                   ? 
# 
_struct_ref.id                         1 
_struct_ref.db_name                    UNP 
_struct_ref.db_code                    POL_BIV29 
_struct_ref.pdbx_db_accession          P19560 
_struct_ref.entity_id                  1 
_struct_ref.pdbx_seq_one_letter_code   
;LWQMDNTHWNKTIIWVAVETNSGLVEAQVIPEETALQVALCILQLIQRYTVLHLHSDNGPCFTAHRIENLCKYLGITKTT
GIPYNPQSQGVVERAHRDLKDRLAAYQGDCETVEAALSLALVSLNKKRGGIGGHTPYEIYLESEHTKYQ
;
_struct_ref.pdbx_align_begin           1257 
_struct_ref.pdbx_db_isoform            ? 
# 
_struct_ref_seq.align_id                      1 
_struct_ref_seq.ref_id                        1 
_struct_ref_seq.pdbx_PDB_id_code              3KKR 
_struct_ref_seq.pdbx_strand_id                A 
_struct_ref_seq.seq_align_beg                 4 
_struct_ref_seq.pdbx_seq_align_beg_ins_code   ? 
_struct_ref_seq.seq_align_end                 152 
_struct_ref_seq.pdbx_seq_align_end_ins_code   ? 
_struct_ref_seq.pdbx_db_accession             P19560 
_struct_ref_seq.db_align_beg                  1257 
_struct_ref_seq.pdbx_db_align_beg_ins_code    ? 
_struct_ref_seq.db_align_end                  1405 
_struct_ref_seq.pdbx_db_align_end_ins_code    ? 
_struct_ref_seq.pdbx_auth_seq_align_beg       60 
_struct_ref_seq.pdbx_auth_seq_align_end       208 
# 
loop_
_struct_ref_seq_dif.align_id 
_struct_ref_seq_dif.pdbx_pdb_id_code 
_struct_ref_seq_dif.mon_id 
_struct_ref_seq_dif.pdbx_pdb_strand_id 
_struct_ref_seq_dif.seq_num 
_struct_ref_seq_dif.pdbx_pdb_ins_code 
_struct_ref_seq_dif.pdbx_seq_db_name 
_struct_ref_seq_dif.pdbx_seq_db_accession_code 
_struct_ref_seq_dif.db_mon_id 
_struct_ref_seq_dif.pdbx_seq_db_seq_num 
_struct_ref_seq_dif.details 
_struct_ref_seq_dif.pdbx_auth_seq_num 
_struct_ref_seq_dif.pdbx_ordinal 
1 3KKR GLY A 1 ? UNP P19560 ? ? 'expression tag' 57 1 
1 3KKR SER A 2 ? UNP P19560 ? ? 'expression tag' 58 2 
1 3KKR HIS A 3 ? UNP P19560 ? ? 'expression tag' 59 3 
# 
loop_
_chem_comp.id 
_chem_comp.type 
_chem_comp.mon_nstd_flag 
_chem_comp.name 
_chem_comp.pdbx_synonyms 
_chem_comp.formula 
_chem_comp.formula_weight 
ALA 'L-peptide linking' y ALANINE         ? 'C3 H7 N O2'     89.093  
ARG 'L-peptide linking' y ARGININE        ? 'C6 H15 N4 O2 1' 175.209 
ASN 'L-peptide linking' y ASPARAGINE      ? 'C4 H8 N2 O3'    132.118 
ASP 'L-peptide linking' y 'ASPARTIC ACID' ? 'C4 H7 N O4'     133.103 
CYS 'L-peptide linking' y CYSTEINE        ? 'C3 H7 N O2 S'   121.158 
GLN 'L-peptide linking' y GLUTAMINE       ? 'C5 H10 N2 O3'   146.144 
GLU 'L-peptide linking' y 'GLUTAMIC ACID' ? 'C5 H9 N O4'     147.129 
GLY 'peptide linking'   y GLYCINE         ? 'C2 H5 N O2'     75.067  
HIS 'L-peptide linking' y HISTIDINE       ? 'C6 H10 N3 O2 1' 156.162 
HOH non-polymer         . WATER           ? 'H2 O'           18.015  
ILE 'L-peptide linking' y ISOLEUCINE      ? 'C6 H13 N O2'    131.173 
LEU 'L-peptide linking' y LEUCINE         ? 'C6 H13 N O2'    131.173 
LYS 'L-peptide linking' y LYSINE          ? 'C6 H15 N2 O2 1' 147.195 
MET 'L-peptide linking' y METHIONINE      ? 'C5 H11 N O2 S'  149.211 
NO3 non-polymer         . 'NITRATE ION'   ? 'N O3 -1'        62.005  
PHE 'L-peptide linking' y PHENYLALANINE   ? 'C9 H11 N O2'    165.189 
PRO 'L-peptide linking' y PROLINE         ? 'C5 H9 N O2'     115.130 
SER 'L-peptide linking' y SERINE          ? 'C3 H7 N O3'     105.093 
THR 'L-peptide linking' y THREONINE       ? 'C4 H9 N O3'     119.119 
TRP 'L-peptide linking' y TRYPTOPHAN      ? 'C11 H12 N2 O2'  204.225 
TYR 'L-peptide linking' y TYROSINE        ? 'C9 H11 N O3'    181.189 
VAL 'L-peptide linking' y VALINE          ? 'C5 H11 N O2'    117.146 
# 
_exptl.entry_id          3KKR 
_exptl.method            'X-RAY DIFFRACTION' 
_exptl.crystals_number   1 
# 
_exptl_crystal.id                    1 
_exptl_crystal.density_meas          ? 
_exptl_crystal.density_Matthews      2.53 
_exptl_crystal.density_percent_sol   51.44 
_exptl_crystal.description           ? 
_exptl_crystal.F_000                 ? 
_exptl_crystal.preparation           ? 
# 
_exptl_crystal_grow.crystal_id      1 
_exptl_crystal_grow.method          'VAPOR DIFFUSION, SITTING DROP' 
_exptl_crystal_grow.temp            293 
_exptl_crystal_grow.temp_details    ? 
_exptl_crystal_grow.pH              7.5 
_exptl_crystal_grow.pdbx_details    'ammonium sulfate, sodium nitrate, pH 7.5, VAPOR DIFFUSION, SITTING DROP, temperature 293K' 
_exptl_crystal_grow.pdbx_pH_range   . 
# 
_diffrn.id                     1 
_diffrn.ambient_temp           200 
_diffrn.ambient_temp_details   ? 
_diffrn.crystal_id             1 
# 
_diffrn_detector.diffrn_id              1 
_diffrn_detector.detector               'IMAGE PLATE' 
_diffrn_detector.type                   'RIGAKU RAXIS HTC' 
_diffrn_detector.pdbx_collection_date   2008-04-01 
_diffrn_detector.details                ? 
# 
_diffrn_radiation.diffrn_id                        1 
_diffrn_radiation.wavelength_id                    1 
_diffrn_radiation.pdbx_monochromatic_or_laue_m_l   M 
_diffrn_radiation.monochromator                    Mirrors 
_diffrn_radiation.pdbx_diffrn_protocol             'SINGLE WAVELENGTH' 
_diffrn_radiation.pdbx_scattering_type             x-ray 
# 
_diffrn_radiation_wavelength.id           1 
_diffrn_radiation_wavelength.wavelength   1.5418 
_diffrn_radiation_wavelength.wt           1.0 
# 
_diffrn_source.diffrn_id                   1 
_diffrn_source.source                      'ROTATING ANODE' 
_diffrn_source.type                        'RIGAKU MICROMAX-007' 
_diffrn_source.pdbx_synchrotron_site       ? 
_diffrn_source.pdbx_synchrotron_beamline   ? 
_diffrn_source.pdbx_wavelength             ? 
_diffrn_source.pdbx_wavelength_list        1.5418 
# 
_reflns.entry_id                     3KKR 
_reflns.observed_criterion_sigma_I   2.0 
_reflns.observed_criterion_sigma_F   2.0 
_reflns.d_resolution_low             50 
_reflns.d_resolution_high            2.45 
_reflns.number_obs                   6827 
_reflns.number_all                   6840 
_reflns.percent_possible_obs         99.8 
_reflns.pdbx_Rmerge_I_obs            ? 
_reflns.pdbx_Rsym_value              0.046 
_reflns.pdbx_netI_over_sigmaI        49.2 
_reflns.B_iso_Wilson_estimate        39.630 
_reflns.pdbx_redundancy              13.4 
_reflns.R_free_details               ? 
_reflns.limit_h_max                  ? 
_reflns.limit_h_min                  ? 
_reflns.limit_k_max                  ? 
_reflns.limit_k_min                  ? 
_reflns.limit_l_max                  ? 
_reflns.limit_l_min                  ? 
_reflns.observed_criterion_F_max     ? 
_reflns.observed_criterion_F_min     ? 
_reflns.pdbx_chi_squared             ? 
_reflns.pdbx_scaling_rejects         ? 
_reflns.pdbx_ordinal                 1 
_reflns.pdbx_diffrn_id               1 
# 
_reflns_shell.d_res_high             2.45 
_reflns_shell.d_res_low              2.54 
_reflns_shell.percent_possible_all   100 
_reflns_shell.Rmerge_I_obs           ? 
_reflns_shell.pdbx_Rsym_value        0.225 
_reflns_shell.meanI_over_sigI_obs    14.6 
_reflns_shell.pdbx_redundancy        14.0 
_reflns_shell.percent_possible_obs   ? 
_reflns_shell.number_unique_all      665 
_reflns_shell.number_measured_all    ? 
_reflns_shell.number_measured_obs    ? 
_reflns_shell.number_unique_obs      ? 
_reflns_shell.pdbx_chi_squared       ? 
_reflns_shell.pdbx_ordinal           1 
_reflns_shell.pdbx_diffrn_id         1 
# 
_refine.entry_id                                 3KKR 
_refine.ls_number_reflns_obs                     6749 
_refine.ls_number_reflns_all                     ? 
_refine.pdbx_ls_sigma_I                          ? 
_refine.pdbx_ls_sigma_F                          0.11 
_refine.pdbx_data_cutoff_high_absF               ? 
_refine.pdbx_data_cutoff_low_absF                ? 
_refine.pdbx_data_cutoff_high_rms_absF           ? 
_refine.ls_d_res_low                             20.978 
_refine.ls_d_res_high                            2.453 
_refine.ls_percent_reflns_obs                    99.25 
_refine.ls_R_factor_obs                          0.1938 
_refine.ls_R_factor_all                          ? 
_refine.ls_R_factor_R_work                       0.1916 
_refine.ls_R_factor_R_free                       0.2420 
_refine.ls_R_factor_R_free_error                 ? 
_refine.ls_R_factor_R_free_error_details         ? 
_refine.ls_percent_reflns_R_free                 4.85 
_refine.ls_number_reflns_R_free                  327 
_refine.ls_number_reflns_R_work                  6422 
_refine.ls_number_parameters                     ? 
_refine.ls_number_restraints                     ? 
_refine.correlation_coeff_Fo_to_Fc               ? 
_refine.correlation_coeff_Fo_to_Fc_free          ? 
_refine.B_iso_mean                               40.078 
_refine.aniso_B[1][1]                            1.197 
_refine.aniso_B[2][2]                            1.197 
_refine.aniso_B[3][3]                            -2.394 
_refine.aniso_B[1][2]                            0.000 
_refine.aniso_B[1][3]                            -0.000 
_refine.aniso_B[2][3]                            0.000 
_refine.solvent_model_details                    'FLAT BULK SOLVENT MODEL' 
_refine.solvent_model_param_ksol                 0.351 
_refine.solvent_model_param_bsol                 81.243 
_refine.pdbx_solvent_vdw_probe_radii             1.11 
_refine.pdbx_solvent_ion_probe_radii             ? 
_refine.pdbx_solvent_shrinkage_radii             0.90 
_refine.pdbx_ls_cross_valid_method               THROUGHOUT 
_refine.details                                  'The structure was refined also with CNS1.1' 
_refine.pdbx_starting_model                      'PDB ENTRY 1BIS' 
_refine.pdbx_method_to_determine_struct          'MOLECULAR REPLACEMENT' 
_refine.pdbx_isotropic_thermal_model             ? 
_refine.pdbx_stereochemistry_target_values       ML 
_refine.pdbx_stereochem_target_val_spec_case     ? 
_refine.pdbx_R_Free_selection_details            RANDOM 
_refine.pdbx_overall_ESU_R_Free                  ? 
_refine.overall_SU_ML                            0.31 
_refine.overall_SU_B                             ? 
_refine.ls_redundancy_reflns_obs                 ? 
_refine.overall_FOM_work_R_set                   0.853 
_refine.B_iso_max                                80.03 
_refine.B_iso_min                                20.00 
_refine.overall_SU_R_Cruickshank_DPI             ? 
_refine.overall_SU_R_free                        ? 
_refine.ls_wR_factor_R_free                      ? 
_refine.ls_wR_factor_R_work                      ? 
_refine.overall_FOM_free_R_set                   ? 
_refine.pdbx_overall_phase_error                 20.640 
_refine.occupancy_max                            1.00 
_refine.occupancy_min                            1.00 
_refine.pdbx_refine_id                           'X-RAY DIFFRACTION' 
_refine.pdbx_overall_ESU_R                       ? 
_refine.pdbx_diffrn_id                           1 
_refine.pdbx_TLS_residual_ADP_flag               ? 
_refine.pdbx_overall_SU_R_free_Cruickshank_DPI   ? 
_refine.pdbx_overall_SU_R_Blow_DPI               ? 
_refine.pdbx_overall_SU_R_free_Blow_DPI          ? 
# 
_refine_hist.pdbx_refine_id                   'X-RAY DIFFRACTION' 
_refine_hist.cycle_id                         LAST 
_refine_hist.pdbx_number_atoms_protein        1191 
_refine_hist.pdbx_number_atoms_nucleic_acid   0 
_refine_hist.pdbx_number_atoms_ligand         20 
_refine_hist.number_atoms_solvent             122 
_refine_hist.number_atoms_total               1333 
_refine_hist.d_res_high                       2.453 
_refine_hist.d_res_low                        20.978 
# 
loop_
_refine_ls_restr.type 
_refine_ls_restr.dev_ideal 
_refine_ls_restr.dev_ideal_target 
_refine_ls_restr.weight 
_refine_ls_restr.number 
_refine_ls_restr.pdbx_refine_id 
_refine_ls_restr.pdbx_restraint_function 
f_bond_d           0.006  ? ? 1232 'X-RAY DIFFRACTION' ? 
f_angle_d          0.886  ? ? 1667 'X-RAY DIFFRACTION' ? 
f_dihedral_angle_d 17.701 ? ? 428  'X-RAY DIFFRACTION' ? 
f_chiral_restr     0.057  ? ? 188  'X-RAY DIFFRACTION' ? 
f_plane_restr      0.004  ? ? 216  'X-RAY DIFFRACTION' ? 
# 
loop_
_refine_ls_shell.pdbx_total_number_of_bins_used 
_refine_ls_shell.d_res_high 
_refine_ls_shell.d_res_low 
_refine_ls_shell.number_reflns_R_work 
_refine_ls_shell.R_factor_R_work 
_refine_ls_shell.percent_reflns_obs 
_refine_ls_shell.R_factor_R_free 
_refine_ls_shell.R_factor_R_free_error 
_refine_ls_shell.percent_reflns_R_free 
_refine_ls_shell.number_reflns_R_free 
_refine_ls_shell.number_reflns_all 
_refine_ls_shell.R_factor_all 
_refine_ls_shell.number_reflns_obs 
_refine_ls_shell.redundancy_reflns_obs 
_refine_ls_shell.pdbx_refine_id 
2 2.4527 2.54    3106 0.1996 99.00 0.2784 . . 178 . . . . 'X-RAY DIFFRACTION' 
2 3.0885 20.9790 3316 0.1885 99.00 0.2241 . . 149 . . . . 'X-RAY DIFFRACTION' 
# 
_struct.entry_id                  3KKR 
_struct.title                     'Crystal structure of catalytic core domain of BIV integrase in crystal form I' 
_struct.pdbx_model_details        ? 
_struct.pdbx_CASP_flag            ? 
_struct.pdbx_model_type_details   ? 
# 
_struct_keywords.entry_id        3KKR 
_struct_keywords.pdbx_keywords   'DNA BINDING PROTEIN' 
_struct_keywords.text            'beta-strands flanked by alpha-helices, DNA BINDING PROTEIN' 
# 
loop_
_struct_asym.id 
_struct_asym.pdbx_blank_PDB_chainid_flag 
_struct_asym.pdbx_modified 
_struct_asym.entity_id 
_struct_asym.details 
A N N 1 ? 
B N N 2 ? 
C N N 2 ? 
D N N 2 ? 
E N N 2 ? 
F N N 2 ? 
G N N 3 ? 
# 
_struct_biol.id        1 
_struct_biol.details   ? 
# 
loop_
_struct_conf.conf_type_id 
_struct_conf.id 
_struct_conf.pdbx_PDB_helix_id 
_struct_conf.beg_label_comp_id 
_struct_conf.beg_label_asym_id 
_struct_conf.beg_label_seq_id 
_struct_conf.pdbx_beg_PDB_ins_code 
_struct_conf.end_label_comp_id 
_struct_conf.end_label_asym_id 
_struct_conf.end_label_seq_id 
_struct_conf.pdbx_end_PDB_ins_code 
_struct_conf.beg_auth_comp_id 
_struct_conf.beg_auth_asym_id 
_struct_conf.beg_auth_seq_id 
_struct_conf.end_auth_comp_id 
_struct_conf.end_auth_asym_id 
_struct_conf.end_auth_seq_id 
_struct_conf.pdbx_PDB_helix_class 
_struct_conf.details 
_struct_conf.pdbx_PDB_helix_length 
HELX_P HELX_P1 1 THR A 37  ? TYR A 52  ? THR A 93  TYR A 108 1 ? 16 
HELX_P HELX_P2 2 GLY A 62  ? ALA A 67  ? GLY A 118 ALA A 123 1 ? 6  
HELX_P HELX_P3 3 ALA A 67  ? LEU A 77  ? ALA A 123 LEU A 133 1 ? 11 
HELX_P HELX_P4 4 ASN A 88  ? GLY A 111 ? ASN A 144 GLY A 167 1 ? 24 
HELX_P HELX_P5 5 THR A 115 ? LYS A 130 ? THR A 171 LYS A 186 1 ? 16 
HELX_P HELX_P6 6 THR A 138 ? THR A 149 ? THR A 194 THR A 205 1 ? 12 
# 
_struct_conf_type.id          HELX_P 
_struct_conf_type.criteria    ? 
_struct_conf_type.reference   ? 
# 
_struct_mon_prot_cis.pdbx_id                1 
_struct_mon_prot_cis.label_comp_id          ILE 
_struct_mon_prot_cis.label_seq_id           85 
_struct_mon_prot_cis.label_asym_id          A 
_struct_mon_prot_cis.label_alt_id           . 
_struct_mon_prot_cis.pdbx_PDB_ins_code      ? 
_struct_mon_prot_cis.auth_comp_id           ILE 
_struct_mon_prot_cis.auth_seq_id            141 
_struct_mon_prot_cis.auth_asym_id           A 
_struct_mon_prot_cis.pdbx_label_comp_id_2   PRO 
_struct_mon_prot_cis.pdbx_label_seq_id_2    86 
_struct_mon_prot_cis.pdbx_label_asym_id_2   A 
_struct_mon_prot_cis.pdbx_PDB_ins_code_2    ? 
_struct_mon_prot_cis.pdbx_auth_comp_id_2    PRO 
_struct_mon_prot_cis.pdbx_auth_seq_id_2     142 
_struct_mon_prot_cis.pdbx_auth_asym_id_2    A 
_struct_mon_prot_cis.pdbx_PDB_model_num     1 
_struct_mon_prot_cis.pdbx_omega_angle       0.55 
# 
_struct_sheet.id               A 
_struct_sheet.type             ? 
_struct_sheet.number_strands   5 
_struct_sheet.details          ? 
# 
loop_
_struct_sheet_order.sheet_id 
_struct_sheet_order.range_id_1 
_struct_sheet_order.range_id_2 
_struct_sheet_order.offset 
_struct_sheet_order.sense 
A 1 2 ? anti-parallel 
A 2 3 ? anti-parallel 
A 3 4 ? parallel      
A 4 5 ? parallel      
# 
loop_
_struct_sheet_range.sheet_id 
_struct_sheet_range.id 
_struct_sheet_range.beg_label_comp_id 
_struct_sheet_range.beg_label_asym_id 
_struct_sheet_range.beg_label_seq_id 
_struct_sheet_range.pdbx_beg_PDB_ins_code 
_struct_sheet_range.end_label_comp_id 
_struct_sheet_range.end_label_asym_id 
_struct_sheet_range.end_label_seq_id 
_struct_sheet_range.pdbx_end_PDB_ins_code 
_struct_sheet_range.beg_auth_comp_id 
_struct_sheet_range.beg_auth_asym_id 
_struct_sheet_range.beg_auth_seq_id 
_struct_sheet_range.end_auth_comp_id 
_struct_sheet_range.end_auth_asym_id 
_struct_sheet_range.end_auth_seq_id 
A 1 LEU A 27 ? ILE A 33 ? LEU A 83  ILE A 89  
A 2 ILE A 16 ? GLU A 22 ? ILE A 72  GLU A 78  
A 3 LEU A 4  ? HIS A 11 ? LEU A 60  HIS A 67  
A 4 HIS A 56 ? SER A 59 ? HIS A 112 SER A 115 
A 5 THR A 80 ? THR A 83 ? THR A 136 THR A 139 
# 
loop_
_pdbx_struct_sheet_hbond.sheet_id 
_pdbx_struct_sheet_hbond.range_id_1 
_pdbx_struct_sheet_hbond.range_id_2 
_pdbx_struct_sheet_hbond.range_1_label_atom_id 
_pdbx_struct_sheet_hbond.range_1_label_comp_id 
_pdbx_struct_sheet_hbond.range_1_label_asym_id 
_pdbx_struct_sheet_hbond.range_1_label_seq_id 
_pdbx_struct_sheet_hbond.range_1_PDB_ins_code 
_pdbx_struct_sheet_hbond.range_1_auth_atom_id 
_pdbx_struct_sheet_hbond.range_1_auth_comp_id 
_pdbx_struct_sheet_hbond.range_1_auth_asym_id 
_pdbx_struct_sheet_hbond.range_1_auth_seq_id 
_pdbx_struct_sheet_hbond.range_2_label_atom_id 
_pdbx_struct_sheet_hbond.range_2_label_comp_id 
_pdbx_struct_sheet_hbond.range_2_label_asym_id 
_pdbx_struct_sheet_hbond.range_2_label_seq_id 
_pdbx_struct_sheet_hbond.range_2_PDB_ins_code 
_pdbx_struct_sheet_hbond.range_2_auth_atom_id 
_pdbx_struct_sheet_hbond.range_2_auth_comp_id 
_pdbx_struct_sheet_hbond.range_2_auth_asym_id 
_pdbx_struct_sheet_hbond.range_2_auth_seq_id 
A 1 2 O LEU A 27 ? O LEU A 83  N GLU A 22 ? N GLU A 78  
A 2 3 O VAL A 19 ? O VAL A 75  N ASP A 8  ? N ASP A 64  
A 3 4 N MET A 7  ? N MET A 63  O HIS A 58 ? O HIS A 114 
A 4 5 N LEU A 57 ? N LEU A 113 O THR A 80 ? O THR A 136 
# 
loop_
_struct_site.id 
_struct_site.pdbx_evidence_code 
_struct_site.pdbx_auth_asym_id 
_struct_site.pdbx_auth_comp_id 
_struct_site.pdbx_auth_seq_id 
_struct_site.pdbx_auth_ins_code 
_struct_site.pdbx_num_residues 
_struct_site.details 
AC1 Software A NO3 1 ? 3 'BINDING SITE FOR RESIDUE NO3 A 1' 
AC2 Software A NO3 2 ? 5 'BINDING SITE FOR RESIDUE NO3 A 2' 
AC3 Software A NO3 3 ? 4 'BINDING SITE FOR RESIDUE NO3 A 3' 
AC4 Software A NO3 4 ? 2 'BINDING SITE FOR RESIDUE NO3 A 4' 
AC5 Software A NO3 5 ? 2 'BINDING SITE FOR RESIDUE NO3 A 5' 
# 
loop_
_struct_site_gen.id 
_struct_site_gen.site_id 
_struct_site_gen.pdbx_num_res 
_struct_site_gen.label_comp_id 
_struct_site_gen.label_asym_id 
_struct_site_gen.label_seq_id 
_struct_site_gen.pdbx_auth_ins_code 
_struct_site_gen.auth_comp_id 
_struct_site_gen.auth_asym_id 
_struct_site_gen.auth_seq_id 
_struct_site_gen.label_atom_id 
_struct_site_gen.label_alt_id 
_struct_site_gen.symmetry 
_struct_site_gen.details 
1  AC1 3 THR A 10  ? THR A 66  . ? 1_555 ? 
2  AC1 3 HIS A 11  ? HIS A 67  . ? 1_555 ? 
3  AC1 3 LYS A 103 ? LYS A 159 . ? 1_555 ? 
4  AC2 5 ASP A 60  ? ASP A 116 . ? 1_555 ? 
5  AC2 5 ASN A 61  ? ASN A 117 . ? 1_555 ? 
6  AC2 5 GLY A 84  ? GLY A 140 . ? 1_555 ? 
7  AC2 5 ILE A 85  ? ILE A 141 . ? 1_555 ? 
8  AC2 5 HOH G .   ? HOH A 309 . ? 1_555 ? 
9  AC3 4 THR A 80  ? THR A 136 . ? 1_555 ? 
10 AC3 4 LYS A 81  ? LYS A 137 . ? 1_555 ? 
11 AC3 4 HOH G .   ? HOH A 210 . ? 1_555 ? 
12 AC3 4 HOH G .   ? HOH A 249 . ? 1_555 ? 
13 AC4 2 THR A 82  ? THR A 138 . ? 1_555 ? 
14 AC4 2 THR A 83  ? THR A 139 . ? 1_555 ? 
15 AC5 2 ARG A 105 ? ARG A 161 . ? 1_555 ? 
16 AC5 2 HOH G .   ? HOH A 294 . ? 1_555 ? 
# 
_atom_sites.entry_id                    3KKR 
_atom_sites.fract_transf_matrix[1][1]   -0.01058031 
_atom_sites.fract_transf_matrix[1][2]   -0.00035048 
_atom_sites.fract_transf_matrix[1][3]   -0.00595888 
_atom_sites.fract_transf_matrix[2][1]   0.00593308 
_atom_sites.fract_transf_matrix[2][2]   -0.00194899 
_atom_sites.fract_transf_matrix[2][3]   -0.01041988 
_atom_sites.fract_transf_matrix[3][1]   -0.00105669 
_atom_sites.fract_transf_matrix[3][2]   -0.01932402 
_atom_sites.fract_transf_matrix[3][3]   0.00301279 
_atom_sites.fract_transf_vector[1]      0.193033 
_atom_sites.fract_transf_vector[2]      0.211368 
_atom_sites.fract_transf_vector[3]      -0.212895 
# 
loop_
_atom_type.symbol 
C 
N 
O 
S 
# 
loop_
_atom_site.group_PDB 
_atom_site.id 
_atom_site.type_symbol 
_atom_site.label_atom_id 
_atom_site.label_alt_id 
_atom_site.label_comp_id 
_atom_site.label_asym_id 
_atom_site.label_entity_id 
_atom_site.label_seq_id 
_atom_site.pdbx_PDB_ins_code 
_atom_site.Cartn_x 
_atom_site.Cartn_y 
_atom_site.Cartn_z 
_atom_site.occupancy 
_atom_site.B_iso_or_equiv 
_atom_site.pdbx_formal_charge 
_atom_site.auth_seq_id 
_atom_site.auth_comp_id 
_atom_site.auth_asym_id 
_atom_site.auth_atom_id 
_atom_site.pdbx_PDB_model_num 
ATOM   1    N N   . GLY A 1 1   ? 0.199   -2.021  -16.084 1.00 46.89 ? 57  GLY A N   1 
ATOM   2    C CA  . GLY A 1 1   ? 1.199   -3.053  -15.881 1.00 55.22 ? 57  GLY A CA  1 
ATOM   3    C C   . GLY A 1 1   ? 2.566   -2.525  -15.469 1.00 60.34 ? 57  GLY A C   1 
ATOM   4    O O   . GLY A 1 1   ? 3.583   -2.843  -16.092 1.00 62.58 ? 57  GLY A O   1 
ATOM   5    N N   . SER A 1 2   ? 2.597   -1.727  -14.407 1.00 54.95 ? 58  SER A N   1 
ATOM   6    C CA  . SER A 1 2   ? 3.855   -1.152  -13.940 1.00 47.19 ? 58  SER A CA  1 
ATOM   7    C C   . SER A 1 2   ? 4.249   -1.707  -12.575 1.00 39.99 ? 58  SER A C   1 
ATOM   8    O O   . SER A 1 2   ? 5.430   -1.859  -12.276 1.00 43.22 ? 58  SER A O   1 
ATOM   9    C CB  . SER A 1 2   ? 3.762   0.374   -13.892 1.00 53.88 ? 58  SER A CB  1 
ATOM   10   O OG  . SER A 1 2   ? 5.043   0.961   -14.049 1.00 56.14 ? 58  SER A OG  1 
ATOM   11   N N   . HIS A 1 3   ? 3.256   -2.021  -11.752 1.00 41.03 ? 59  HIS A N   1 
ATOM   12   C CA  . HIS A 1 3   ? 3.526   -2.589  -10.438 1.00 34.57 ? 59  HIS A CA  1 
ATOM   13   C C   . HIS A 1 3   ? 4.478   -1.694  -9.668  1.00 27.62 ? 59  HIS A C   1 
ATOM   14   O O   . HIS A 1 3   ? 5.402   -2.162  -9.005  1.00 27.95 ? 59  HIS A O   1 
ATOM   15   C CB  . HIS A 1 3   ? 4.084   -4.010  -10.565 1.00 34.03 ? 59  HIS A CB  1 
ATOM   16   C CG  . HIS A 1 3   ? 3.225   -4.913  -11.388 1.00 34.32 ? 59  HIS A CG  1 
ATOM   17   N ND1 . HIS A 1 3   ? 2.048   -5.454  -10.914 1.00 33.01 ? 59  HIS A ND1 1 
ATOM   18   C CD2 . HIS A 1 3   ? 3.356   -5.348  -12.664 1.00 38.41 ? 59  HIS A CD2 1 
ATOM   19   C CE1 . HIS A 1 3   ? 1.495   -6.193  -11.861 1.00 38.35 ? 59  HIS A CE1 1 
ATOM   20   N NE2 . HIS A 1 3   ? 2.268   -6.148  -12.933 1.00 39.54 ? 59  HIS A NE2 1 
ATOM   21   N N   . LEU A 1 4   ? 4.247   -0.395  -9.774  1.00 29.77 ? 60  LEU A N   1 
ATOM   22   C CA  . LEU A 1 4   ? 4.931   0.567   -8.926  1.00 33.36 ? 60  LEU A CA  1 
ATOM   23   C C   . LEU A 1 4   ? 4.082   0.789   -7.679  1.00 28.92 ? 60  LEU A C   1 
ATOM   24   O O   . LEU A 1 4   ? 2.902   1.119   -7.776  1.00 31.21 ? 60  LEU A O   1 
ATOM   25   C CB  . LEU A 1 4   ? 5.151   1.886   -9.668  1.00 33.46 ? 60  LEU A CB  1 
ATOM   26   C CG  . LEU A 1 4   ? 6.152   2.861   -9.038  1.00 35.40 ? 60  LEU A CG  1 
ATOM   27   C CD1 . LEU A 1 4   ? 6.593   3.895   -10.057 1.00 43.48 ? 60  LEU A CD1 1 
ATOM   28   C CD2 . LEU A 1 4   ? 5.602   3.546   -7.792  1.00 34.26 ? 60  LEU A CD2 1 
ATOM   29   N N   . TRP A 1 5   ? 4.684   0.588   -6.512  1.00 31.38 ? 61  TRP A N   1 
ATOM   30   C CA  . TRP A 1 5   ? 3.996   0.749   -5.238  1.00 27.87 ? 61  TRP A CA  1 
ATOM   31   C C   . TRP A 1 5   ? 4.638   1.901   -4.486  1.00 27.59 ? 61  TRP A C   1 
ATOM   32   O O   . TRP A 1 5   ? 5.861   1.999   -4.436  1.00 29.68 ? 61  TRP A O   1 
ATOM   33   C CB  . TRP A 1 5   ? 4.112   -0.536  -4.393  1.00 26.28 ? 61  TRP A CB  1 
ATOM   34   C CG  . TRP A 1 5   ? 3.361   -1.731  -4.930  1.00 25.56 ? 61  TRP A CG  1 
ATOM   35   C CD1 . TRP A 1 5   ? 3.749   -2.552  -5.950  1.00 27.14 ? 61  TRP A CD1 1 
ATOM   36   C CD2 . TRP A 1 5   ? 2.106   -2.246  -4.459  1.00 22.44 ? 61  TRP A CD2 1 
ATOM   37   N NE1 . TRP A 1 5   ? 2.809   -3.534  -6.152  1.00 23.84 ? 61  TRP A NE1 1 
ATOM   38   C CE2 . TRP A 1 5   ? 1.791   -3.366  -5.251  1.00 23.16 ? 61  TRP A CE2 1 
ATOM   39   C CE3 . TRP A 1 5   ? 1.215   -1.863  -3.455  1.00 22.75 ? 61  TRP A CE3 1 
ATOM   40   C CZ2 . TRP A 1 5   ? 0.622   -4.104  -5.069  1.00 23.91 ? 61  TRP A CZ2 1 
ATOM   41   C CZ3 . TRP A 1 5   ? 0.057   -2.601  -3.275  1.00 23.13 ? 61  TRP A CZ3 1 
ATOM   42   C CH2 . TRP A 1 5   ? -0.226  -3.709  -4.075  1.00 22.17 ? 61  TRP A CH2 1 
ATOM   43   N N   . GLN A 1 6   ? 3.827   2.773   -3.897  1.00 27.06 ? 62  GLN A N   1 
ATOM   44   C CA  . GLN A 1 6   ? 4.365   3.790   -2.997  1.00 29.22 ? 62  GLN A CA  1 
ATOM   45   C C   . GLN A 1 6   ? 3.979   3.500   -1.554  1.00 30.17 ? 62  GLN A C   1 
ATOM   46   O O   . GLN A 1 6   ? 2.808   3.274   -1.250  1.00 27.95 ? 62  GLN A O   1 
ATOM   47   C CB  . GLN A 1 6   ? 3.892   5.189   -3.378  1.00 29.69 ? 62  GLN A CB  1 
ATOM   48   C CG  . GLN A 1 6   ? 4.373   6.256   -2.397  1.00 35.25 ? 62  GLN A CG  1 
ATOM   49   C CD  . GLN A 1 6   ? 4.067   7.664   -2.860  1.00 33.57 ? 62  GLN A CD  1 
ATOM   50   O OE1 . GLN A 1 6   ? 3.733   8.532   -2.056  1.00 31.58 ? 62  GLN A OE1 1 
ATOM   51   N NE2 . GLN A 1 6   ? 4.171   7.897   -4.165  1.00 32.58 ? 62  GLN A NE2 1 
ATOM   52   N N   . MET A 1 7   ? 4.962   3.506   -0.663  1.00 28.34 ? 63  MET A N   1 
ATOM   53   C CA  . MET A 1 7   ? 4.681   3.285   0.747   1.00 32.03 ? 63  MET A CA  1 
ATOM   54   C C   . MET A 1 7   ? 4.818   4.565   1.567   1.00 31.24 ? 63  MET A C   1 
ATOM   55   O O   . MET A 1 7   ? 5.610   5.446   1.250   1.00 32.75 ? 63  MET A O   1 
ATOM   56   C CB  . MET A 1 7   ? 5.569   2.180   1.315   1.00 34.83 ? 63  MET A CB  1 
ATOM   57   C CG  . MET A 1 7   ? 7.041   2.494   1.284   1.00 34.14 ? 63  MET A CG  1 
ATOM   58   S SD  . MET A 1 7   ? 8.023   1.134   1.926   1.00 32.88 ? 63  MET A SD  1 
ATOM   59   C CE  . MET A 1 7   ? 9.642   1.678   1.389   1.00 33.82 ? 63  MET A CE  1 
ATOM   60   N N   . ASP A 1 8   ? 4.022   4.665   2.617   1.00 32.14 ? 64  ASP A N   1 
ATOM   61   C CA  . ASP A 1 8   ? 4.061   5.820   3.490   1.00 33.46 ? 64  ASP A CA  1 
ATOM   62   C C   . ASP A 1 8   ? 3.419   5.393   4.773   1.00 36.13 ? 64  ASP A C   1 
ATOM   63   O O   . ASP A 1 8   ? 2.529   4.540   4.770   1.00 37.38 ? 64  ASP A O   1 
ATOM   64   C CB  . ASP A 1 8   ? 3.266   6.978   2.895   1.00 35.74 ? 64  ASP A CB  1 
ATOM   65   C CG  . ASP A 1 8   ? 3.960   7.604   1.702   1.00 44.68 ? 64  ASP A CG  1 
ATOM   66   O OD1 . ASP A 1 8   ? 5.178   7.899   1.803   1.00 43.42 ? 64  ASP A OD1 1 
ATOM   67   O OD2 . ASP A 1 8   ? 3.287   7.793   0.662   1.00 39.13 ? 64  ASP A OD2 1 
ATOM   68   N N   . ASN A 1 9   ? 3.876   5.976   5.871   1.00 38.06 ? 65  ASN A N   1 
ATOM   69   C CA  . ASN A 1 9   ? 3.274   5.728   7.166   1.00 35.20 ? 65  ASN A CA  1 
ATOM   70   C C   . ASN A 1 9   ? 2.175   6.742   7.437   1.00 38.05 ? 65  ASN A C   1 
ATOM   71   O O   . ASN A 1 9   ? 2.291   7.918   7.093   1.00 40.61 ? 65  ASN A O   1 
ATOM   72   C CB  . ASN A 1 9   ? 4.332   5.755   8.271   1.00 34.27 ? 65  ASN A CB  1 
ATOM   73   C CG  . ASN A 1 9   ? 5.317   4.606   8.157   1.00 38.91 ? 65  ASN A CG  1 
ATOM   74   O OD1 . ASN A 1 9   ? 4.923   3.441   8.106   1.00 35.18 ? 65  ASN A OD1 1 
ATOM   75   N ND2 . ASN A 1 9   ? 6.606   4.928   8.118   1.00 33.57 ? 65  ASN A ND2 1 
ATOM   76   N N   . THR A 1 10  ? 1.099   6.269   8.043   1.00 41.48 ? 66  THR A N   1 
ATOM   77   C CA  . THR A 1 10  ? -0.021  7.120   8.379   1.00 44.41 ? 66  THR A CA  1 
ATOM   78   C C   . THR A 1 10  ? -0.390  6.910   9.840   1.00 46.21 ? 66  THR A C   1 
ATOM   79   O O   . THR A 1 10  ? 0.026   5.937   10.464  1.00 42.89 ? 66  THR A O   1 
ATOM   80   C CB  . THR A 1 10  ? -1.224  6.798   7.488   1.00 46.13 ? 66  THR A CB  1 
ATOM   81   O OG1 . THR A 1 10  ? -0.834  6.913   6.115   1.00 45.36 ? 66  THR A OG1 1 
ATOM   82   C CG2 . THR A 1 10  ? -2.357  7.763   7.759   1.00 57.57 ? 66  THR A CG2 1 
ATOM   83   N N   . HIS A 1 11  ? -1.157  7.838   10.391  1.00 48.45 ? 67  HIS A N   1 
ATOM   84   C CA  . HIS A 1 11  ? -1.648  7.687   11.748  1.00 53.17 ? 67  HIS A CA  1 
ATOM   85   C C   . HIS A 1 11  ? -3.156  7.825   11.724  1.00 53.46 ? 67  HIS A C   1 
ATOM   86   O O   . HIS A 1 11  ? -3.690  8.676   11.018  1.00 52.81 ? 67  HIS A O   1 
ATOM   87   C CB  . HIS A 1 11  ? -1.021  8.741   12.656  1.00 47.22 ? 67  HIS A CB  1 
ATOM   88   C CG  . HIS A 1 11  ? 0.472   8.683   12.698  1.00 43.92 ? 67  HIS A CG  1 
ATOM   89   N ND1 . HIS A 1 11  ? 1.167   8.057   13.711  1.00 46.21 ? 67  HIS A ND1 1 
ATOM   90   C CD2 . HIS A 1 11  ? 1.411   9.168   11.846  1.00 45.32 ? 67  HIS A CD2 1 
ATOM   91   C CE1 . HIS A 1 11  ? 2.466   8.163   13.488  1.00 40.95 ? 67  HIS A CE1 1 
ATOM   92   N NE2 . HIS A 1 11  ? 2.638   8.832   12.358  1.00 48.24 ? 67  HIS A NE2 1 
ATOM   93   N N   . TRP A 1 12  ? -3.848  6.975   12.470  1.00 55.66 ? 68  TRP A N   1 
ATOM   94   C CA  . TRP A 1 12  ? -5.299  7.065   12.510  1.00 57.19 ? 68  TRP A CA  1 
ATOM   95   C C   . TRP A 1 12  ? -5.790  7.480   13.893  1.00 66.75 ? 68  TRP A C   1 
ATOM   96   O O   . TRP A 1 12  ? -5.894  8.676   14.186  1.00 64.86 ? 68  TRP A O   1 
ATOM   97   C CB  . TRP A 1 12  ? -5.938  5.758   12.064  1.00 53.92 ? 68  TRP A CB  1 
ATOM   98   C CG  . TRP A 1 12  ? -7.384  5.912   11.798  1.00 57.41 ? 68  TRP A CG  1 
ATOM   99   C CD1 . TRP A 1 12  ? -7.980  6.885   11.046  1.00 56.89 ? 68  TRP A CD1 1 
ATOM   100  C CD2 . TRP A 1 12  ? -8.434  5.074   12.279  1.00 58.90 ? 68  TRP A CD2 1 
ATOM   101  N NE1 . TRP A 1 12  ? -9.342  6.703   11.032  1.00 56.23 ? 68  TRP A NE1 1 
ATOM   102  C CE2 . TRP A 1 12  ? -9.645  5.594   11.780  1.00 63.37 ? 68  TRP A CE2 1 
ATOM   103  C CE3 . TRP A 1 12  ? -8.469  3.932   13.083  1.00 57.27 ? 68  TRP A CE3 1 
ATOM   104  C CZ2 . TRP A 1 12  ? -10.876 5.009   12.061  1.00 59.14 ? 68  TRP A CZ2 1 
ATOM   105  C CZ3 . TRP A 1 12  ? -9.691  3.353   13.355  1.00 62.24 ? 68  TRP A CZ3 1 
ATOM   106  C CH2 . TRP A 1 12  ? -10.877 3.892   12.847  1.00 60.06 ? 68  TRP A CH2 1 
ATOM   107  N N   . ASN A 1 13  ? -6.036  6.535   14.789  1.00 64.56 ? 69  ASN A N   1 
ATOM   108  C CA  . ASN A 1 13  ? -6.451  6.853   16.145  1.00 61.58 ? 69  ASN A CA  1 
ATOM   109  C C   . ASN A 1 13  ? -5.283  7.344   16.596  1.00 62.19 ? 69  ASN A C   1 
ATOM   110  O O   . ASN A 1 13  ? -4.982  8.402   16.420  1.00 69.32 ? 69  ASN A O   1 
ATOM   111  C CB  . ASN A 1 13  ? -6.628  5.598   16.938  1.00 68.16 ? 69  ASN A CB  1 
ATOM   112  C CG  . ASN A 1 13  ? -7.987  5.126   16.856  1.00 73.89 ? 69  ASN A CG  1 
ATOM   113  O OD1 . ASN A 1 13  ? -8.744  5.738   16.177  1.00 73.85 ? 69  ASN A OD1 1 
ATOM   114  N ND2 . ASN A 1 13  ? -8.342  4.109   17.560  1.00 68.94 ? 69  ASN A ND2 1 
ATOM   115  N N   . LYS A 1 14  ? -4.490  6.503   17.076  1.00 60.35 ? 70  LYS A N   1 
ATOM   116  C CA  . LYS A 1 14  ? -3.162  6.884   17.051  1.00 61.58 ? 70  LYS A CA  1 
ATOM   117  C C   . LYS A 1 14  ? -2.237  5.724   16.717  1.00 65.56 ? 70  LYS A C   1 
ATOM   118  O O   . LYS A 1 14  ? -1.104  5.721   16.927  1.00 58.79 ? 70  LYS A O   1 
ATOM   119  C CB  . LYS A 1 14  ? -2.864  7.470   18.164  1.00 20.00 ? 70  LYS A CB  1 
ATOM   120  N N   . THR A 1 15  ? -2.803  4.730   16.149  1.00 56.86 ? 71  THR A N   1 
ATOM   121  C CA  . THR A 1 15  ? -2.045  3.707   15.659  1.00 55.04 ? 71  THR A CA  1 
ATOM   122  C C   . THR A 1 15  ? -1.389  4.167   14.400  1.00 55.81 ? 71  THR A C   1 
ATOM   123  O O   . THR A 1 15  ? -1.888  4.989   13.688  1.00 50.73 ? 71  THR A O   1 
ATOM   124  C CB  . THR A 1 15  ? -2.878  2.561   15.416  1.00 55.76 ? 71  THR A CB  1 
ATOM   125  O OG1 . THR A 1 15  ? -3.325  2.655   14.137  1.00 54.92 ? 71  THR A OG1 1 
ATOM   126  C CG2 . THR A 1 15  ? -4.002  2.729   16.082  1.00 60.86 ? 71  THR A CG2 1 
ATOM   127  N N   . ILE A 1 16  ? -0.211  3.607   14.215  1.00 52.44 ? 72  ILE A N   1 
ATOM   128  C CA  . ILE A 1 16  ? 0.626   3.857   13.054  1.00 45.27 ? 72  ILE A CA  1 
ATOM   129  C C   . ILE A 1 16  ? 0.297   2.799   12.018  1.00 41.29 ? 72  ILE A C   1 
ATOM   130  O O   . ILE A 1 16  ? 0.445   1.609   12.276  1.00 38.31 ? 72  ILE A O   1 
ATOM   131  C CB  . ILE A 1 16  ? 2.124   3.739   13.384  1.00 44.76 ? 72  ILE A CB  1 
ATOM   132  C CG1 . ILE A 1 16  ? 2.490   4.603   14.592  1.00 43.40 ? 72  ILE A CG1 1 
ATOM   133  C CG2 . ILE A 1 16  ? 2.965   4.122   12.173  1.00 37.58 ? 72  ILE A CG2 1 
ATOM   134  C CD1 . ILE A 1 16  ? 3.856   4.277   15.195  1.00 40.61 ? 72  ILE A CD1 1 
ATOM   135  N N   . ILE A 1 17  ? -0.163  3.230   10.851  1.00 38.56 ? 73  ILE A N   1 
ATOM   136  C CA  . ILE A 1 17  ? -0.446  2.295   9.780   1.00 37.83 ? 73  ILE A CA  1 
ATOM   137  C C   . ILE A 1 17  ? 0.461   2.527   8.584   1.00 35.29 ? 73  ILE A C   1 
ATOM   138  O O   . ILE A 1 17  ? 0.577   3.646   8.087   1.00 31.86 ? 73  ILE A O   1 
ATOM   139  C CB  . ILE A 1 17  ? -1.885  2.405   9.307   1.00 33.90 ? 73  ILE A CB  1 
ATOM   140  C CG1 . ILE A 1 17  ? -2.841  2.353   10.497  1.00 38.73 ? 73  ILE A CG1 1 
ATOM   141  C CG2 . ILE A 1 17  ? -2.174  1.302   8.311   1.00 26.65 ? 73  ILE A CG2 1 
ATOM   142  C CD1 . ILE A 1 17  ? -4.279  2.697   10.139  1.00 42.33 ? 73  ILE A CD1 1 
ATOM   143  N N   . TRP A 1 18  ? 1.080   1.446   8.123   1.00 33.17 ? 74  TRP A N   1 
ATOM   144  C CA  . TRP A 1 18  ? 1.964   1.467   6.966   1.00 28.64 ? 74  TRP A CA  1 
ATOM   145  C C   . TRP A 1 18  ? 1.129   1.203   5.732   1.00 26.02 ? 74  TRP A C   1 
ATOM   146  O O   . TRP A 1 18  ? 0.420   0.203   5.668   1.00 32.62 ? 74  TRP A O   1 
ATOM   147  C CB  . TRP A 1 18  ? 3.022   0.383   7.129   1.00 30.34 ? 74  TRP A CB  1 
ATOM   148  C CG  . TRP A 1 18  ? 3.947   0.223   5.973   1.00 27.95 ? 74  TRP A CG  1 
ATOM   149  C CD1 . TRP A 1 18  ? 5.098   0.914   5.739   1.00 25.34 ? 74  TRP A CD1 1 
ATOM   150  C CD2 . TRP A 1 18  ? 3.815   -0.716  4.904   1.00 25.89 ? 74  TRP A CD2 1 
ATOM   151  N NE1 . TRP A 1 18  ? 5.684   0.475   4.583   1.00 27.48 ? 74  TRP A NE1 1 
ATOM   152  C CE2 . TRP A 1 18  ? 4.919   -0.533  4.054   1.00 27.32 ? 74  TRP A CE2 1 
ATOM   153  C CE3 . TRP A 1 18  ? 2.867   -1.695  4.585   1.00 24.90 ? 74  TRP A CE3 1 
ATOM   154  C CZ2 . TRP A 1 18  ? 5.103   -1.291  2.898   1.00 29.06 ? 74  TRP A CZ2 1 
ATOM   155  C CZ3 . TRP A 1 18  ? 3.049   -2.446  3.439   1.00 25.84 ? 74  TRP A CZ3 1 
ATOM   156  C CH2 . TRP A 1 18  ? 4.157   -2.240  2.608   1.00 29.24 ? 74  TRP A CH2 1 
ATOM   157  N N   . VAL A 1 19  ? 1.201   2.097   4.759   1.00 22.97 ? 75  VAL A N   1 
ATOM   158  C CA  . VAL A 1 19  ? 0.289   2.040   3.630   1.00 22.63 ? 75  VAL A CA  1 
ATOM   159  C C   . VAL A 1 19  ? 1.020   1.954   2.305   1.00 31.06 ? 75  VAL A C   1 
ATOM   160  O O   . VAL A 1 19  ? 1.830   2.821   1.971   1.00 31.15 ? 75  VAL A O   1 
ATOM   161  C CB  . VAL A 1 19  ? -0.605  3.276   3.590   1.00 26.47 ? 75  VAL A CB  1 
ATOM   162  C CG1 . VAL A 1 19  ? -1.519  3.239   2.371   1.00 23.20 ? 75  VAL A CG1 1 
ATOM   163  C CG2 . VAL A 1 19  ? -1.398  3.377   4.872   1.00 29.26 ? 75  VAL A CG2 1 
ATOM   164  N N   . ALA A 1 20  ? 0.725   0.903   1.549   1.00 30.11 ? 76  ALA A N   1 
ATOM   165  C CA  . ALA A 1 20  ? 1.326   0.719   0.237   1.00 25.63 ? 76  ALA A CA  1 
ATOM   166  C C   . ALA A 1 20  ? 0.249   0.778   -0.818  1.00 25.16 ? 76  ALA A C   1 
ATOM   167  O O   . ALA A 1 20  ? -0.745  0.065   -0.734  1.00 25.98 ? 76  ALA A O   1 
ATOM   168  C CB  . ALA A 1 20  ? 2.039   -0.601  0.166   1.00 25.87 ? 76  ALA A CB  1 
ATOM   169  N N   . VAL A 1 21  ? 0.451   1.637   -1.809  1.00 27.88 ? 77  VAL A N   1 
ATOM   170  C CA  . VAL A 1 21  ? -0.515  1.813   -2.873  1.00 26.72 ? 77  VAL A CA  1 
ATOM   171  C C   . VAL A 1 21  ? 0.097   1.461   -4.214  1.00 26.08 ? 77  VAL A C   1 
ATOM   172  O O   . VAL A 1 21  ? 1.170   1.943   -4.567  1.00 28.01 ? 77  VAL A O   1 
ATOM   173  C CB  . VAL A 1 21  ? -1.044  3.256   -2.923  1.00 24.89 ? 77  VAL A CB  1 
ATOM   174  C CG1 . VAL A 1 21  ? -2.172  3.378   -3.949  1.00 25.10 ? 77  VAL A CG1 1 
ATOM   175  C CG2 . VAL A 1 21  ? -1.524  3.688   -1.545  1.00 22.63 ? 77  VAL A CG2 1 
ATOM   176  N N   . GLU A 1 22  ? -0.593  0.605   -4.954  1.00 26.30 ? 78  GLU A N   1 
ATOM   177  C CA  . GLU A 1 22  ? -0.213  0.310   -6.322  1.00 27.92 ? 78  GLU A CA  1 
ATOM   178  C C   . GLU A 1 22  ? -0.770  1.425   -7.203  1.00 29.75 ? 78  GLU A C   1 
ATOM   179  O O   . GLU A 1 22  ? -1.979  1.581   -7.335  1.00 32.87 ? 78  GLU A O   1 
ATOM   180  C CB  . GLU A 1 22  ? -0.768  -1.048  -6.733  1.00 23.82 ? 78  GLU A CB  1 
ATOM   181  C CG  . GLU A 1 22  ? 0.084   -1.761  -7.755  1.00 27.76 ? 78  GLU A CG  1 
ATOM   182  C CD  . GLU A 1 22  ? -0.310  -1.439  -9.177  1.00 29.90 ? 78  GLU A CD  1 
ATOM   183  O OE1 . GLU A 1 22  ? 0.469   -1.775  -10.088 1.00 34.47 ? 78  GLU A OE1 1 
ATOM   184  O OE2 . GLU A 1 22  ? -1.398  -0.862  -9.386  1.00 32.83 ? 78  GLU A OE2 1 
ATOM   185  N N   . THR A 1 23  ? 0.118   2.202   -7.801  1.00 28.53 ? 79  THR A N   1 
ATOM   186  C CA  . THR A 1 23  ? -0.268  3.465   -8.408  1.00 28.38 ? 79  THR A CA  1 
ATOM   187  C C   . THR A 1 23  ? -1.051  3.328   -9.695  1.00 30.71 ? 79  THR A C   1 
ATOM   188  O O   . THR A 1 23  ? -1.621  4.299   -10.172 1.00 36.96 ? 79  THR A O   1 
ATOM   189  C CB  . THR A 1 23  ? 0.955   4.315   -8.700  1.00 33.66 ? 79  THR A CB  1 
ATOM   190  O OG1 . THR A 1 23  ? 1.855   3.571   -9.535  1.00 37.03 ? 79  THR A OG1 1 
ATOM   191  C CG2 . THR A 1 23  ? 1.651   4.697   -7.398  1.00 24.37 ? 79  THR A CG2 1 
ATOM   192  N N   . ASN A 1 24  ? -1.073  2.138   -10.271 1.00 33.52 ? 80  ASN A N   1 
ATOM   193  C CA  . ASN A 1 24  ? -1.836  1.933   -11.493 1.00 33.31 ? 80  ASN A CA  1 
ATOM   194  C C   . ASN A 1 24  ? -3.298  1.603   -11.212 1.00 33.31 ? 80  ASN A C   1 
ATOM   195  O O   . ASN A 1 24  ? -4.200  2.129   -11.863 1.00 34.36 ? 80  ASN A O   1 
ATOM   196  C CB  . ASN A 1 24  ? -1.214  0.828   -12.350 1.00 32.98 ? 80  ASN A CB  1 
ATOM   197  C CG  . ASN A 1 24  ? -2.055  0.507   -13.568 1.00 35.59 ? 80  ASN A CG  1 
ATOM   198  O OD1 . ASN A 1 24  ? -2.393  1.396   -14.347 1.00 40.53 ? 80  ASN A OD1 1 
ATOM   199  N ND2 . ASN A 1 24  ? -2.417  -0.760  -13.727 1.00 37.47 ? 80  ASN A ND2 1 
ATOM   200  N N   . SER A 1 25  ? -3.528  0.727   -10.236 1.00 30.18 ? 81  SER A N   1 
ATOM   201  C CA  . SER A 1 25  ? -4.872  0.254   -9.933  1.00 30.30 ? 81  SER A CA  1 
ATOM   202  C C   . SER A 1 25  ? -5.513  1.001   -8.766  1.00 32.90 ? 81  SER A C   1 
ATOM   203  O O   . SER A 1 25  ? -6.739  1.010   -8.627  1.00 32.31 ? 81  SER A O   1 
ATOM   204  C CB  . SER A 1 25  ? -4.855  -1.249  -9.640  1.00 32.86 ? 81  SER A CB  1 
ATOM   205  O OG  . SER A 1 25  ? -3.970  -1.553  -8.577  1.00 29.71 ? 81  SER A OG  1 
ATOM   206  N N   . GLY A 1 26  ? -4.686  1.636   -7.942  1.00 28.71 ? 82  GLY A N   1 
ATOM   207  C CA  . GLY A 1 26  ? -5.157  2.247   -6.718  1.00 23.14 ? 82  GLY A CA  1 
ATOM   208  C C   . GLY A 1 26  ? -5.352  1.207   -5.631  1.00 26.12 ? 82  GLY A C   1 
ATOM   209  O O   . GLY A 1 26  ? -5.923  1.488   -4.583  1.00 27.81 ? 82  GLY A O   1 
ATOM   210  N N   . LEU A 1 27  ? -4.874  -0.005  -5.879  1.00 26.72 ? 83  LEU A N   1 
ATOM   211  C CA  . LEU A 1 27  ? -4.956  -1.059  -4.882  1.00 24.85 ? 83  LEU A CA  1 
ATOM   212  C C   . LEU A 1 27  ? -4.103  -0.728  -3.668  1.00 25.34 ? 83  LEU A C   1 
ATOM   213  O O   . LEU A 1 27  ? -2.958  -0.293  -3.802  1.00 21.93 ? 83  LEU A O   1 
ATOM   214  C CB  . LEU A 1 27  ? -4.505  -2.397  -5.461  1.00 26.07 ? 83  LEU A CB  1 
ATOM   215  C CG  . LEU A 1 27  ? -4.784  -3.604  -4.573  1.00 26.24 ? 83  LEU A CG  1 
ATOM   216  C CD1 . LEU A 1 27  ? -6.205  -4.108  -4.810  1.00 29.46 ? 83  LEU A CD1 1 
ATOM   217  C CD2 . LEU A 1 27  ? -3.785  -4.693  -4.854  1.00 29.11 ? 83  LEU A CD2 1 
ATOM   218  N N   . VAL A 1 28  ? -4.667  -0.967  -2.484  1.00 29.24 ? 84  VAL A N   1 
ATOM   219  C CA  . VAL A 1 28  ? -4.016  -0.638  -1.220  1.00 23.71 ? 84  VAL A CA  1 
ATOM   220  C C   . VAL A 1 28  ? -3.693  -1.856  -0.368  1.00 26.02 ? 84  VAL A C   1 
ATOM   221  O O   . VAL A 1 28  ? -4.486  -2.791  -0.255  1.00 23.90 ? 84  VAL A O   1 
ATOM   222  C CB  . VAL A 1 28  ? -4.899  0.278   -0.372  1.00 28.65 ? 84  VAL A CB  1 
ATOM   223  C CG1 . VAL A 1 28  ? -4.240  0.547   0.969   1.00 24.82 ? 84  VAL A CG1 1 
ATOM   224  C CG2 . VAL A 1 28  ? -5.172  1.565   -1.113  1.00 26.90 ? 84  VAL A CG2 1 
ATOM   225  N N   . GLU A 1 29  ? -2.514  -1.820  0.241   1.00 32.57 ? 85  GLU A N   1 
ATOM   226  C CA  . GLU A 1 29  ? -2.085  -2.838  1.189   1.00 26.51 ? 85  GLU A CA  1 
ATOM   227  C C   . GLU A 1 29  ? -1.575  -2.132  2.423   1.00 24.14 ? 85  GLU A C   1 
ATOM   228  O O   . GLU A 1 29  ? -0.627  -1.358  2.355   1.00 29.99 ? 85  GLU A O   1 
ATOM   229  C CB  . GLU A 1 29  ? -0.971  -3.693  0.593   1.00 27.36 ? 85  GLU A CB  1 
ATOM   230  C CG  . GLU A 1 29  ? -0.177  -4.494  1.629   1.00 35.26 ? 85  GLU A CG  1 
ATOM   231  C CD  . GLU A 1 29  ? -0.860  -5.798  2.038   1.00 36.09 ? 85  GLU A CD  1 
ATOM   232  O OE1 . GLU A 1 29  ? -0.142  -6.746  2.413   1.00 38.75 ? 85  GLU A OE1 1 
ATOM   233  O OE2 . GLU A 1 29  ? -2.106  -5.881  1.981   1.00 31.05 ? 85  GLU A OE2 1 
ATOM   234  N N   . ALA A 1 30  ? -2.213  -2.380  3.553   1.00 26.43 ? 86  ALA A N   1 
ATOM   235  C CA  . ALA A 1 30  ? -1.845  -1.667  4.761   1.00 28.92 ? 86  ALA A CA  1 
ATOM   236  C C   . ALA A 1 30  ? -1.706  -2.614  5.945   1.00 30.46 ? 86  ALA A C   1 
ATOM   237  O O   . ALA A 1 30  ? -2.214  -3.734  5.929   1.00 27.06 ? 86  ALA A O   1 
ATOM   238  C CB  . ALA A 1 30  ? -2.847  -0.576  5.049   1.00 24.25 ? 86  ALA A CB  1 
ATOM   239  N N   . GLN A 1 31  ? -0.998  -2.154  6.967   1.00 31.05 ? 87  GLN A N   1 
ATOM   240  C CA  . GLN A 1 31  ? -0.686  -2.988  8.115   1.00 33.04 ? 87  GLN A CA  1 
ATOM   241  C C   . GLN A 1 31  ? -0.375  -2.095  9.305   1.00 36.68 ? 87  GLN A C   1 
ATOM   242  O O   . GLN A 1 31  ? 0.406   -1.150  9.187   1.00 39.97 ? 87  GLN A O   1 
ATOM   243  C CB  . GLN A 1 31  ? 0.507   -3.897  7.791   1.00 35.52 ? 87  GLN A CB  1 
ATOM   244  C CG  . GLN A 1 31  ? 1.192   -4.520  9.005   1.00 46.79 ? 87  GLN A CG  1 
ATOM   245  C CD  . GLN A 1 31  ? 1.957   -5.807  8.676   1.00 55.87 ? 87  GLN A CD  1 
ATOM   246  O OE1 . GLN A 1 31  ? 2.353   -6.038  7.529   1.00 53.03 ? 87  GLN A OE1 1 
ATOM   247  N NE2 . GLN A 1 31  ? 2.167   -6.648  9.691   1.00 48.46 ? 87  GLN A NE2 1 
ATOM   248  N N   . VAL A 1 32  ? -1.008  -2.372  10.441  1.00 34.65 ? 88  VAL A N   1 
ATOM   249  C CA  . VAL A 1 32  ? -0.678  -1.665  11.669  1.00 31.74 ? 88  VAL A CA  1 
ATOM   250  C C   . VAL A 1 32  ? 0.734   -2.055  12.085  1.00 34.99 ? 88  VAL A C   1 
ATOM   251  O O   . VAL A 1 32  ? 1.061   -3.242  12.172  1.00 39.20 ? 88  VAL A O   1 
ATOM   252  C CB  . VAL A 1 32  ? -1.658  -2.006  12.826  1.00 36.47 ? 88  VAL A CB  1 
ATOM   253  C CG1 . VAL A 1 32  ? -1.212  -1.337  14.120  1.00 38.85 ? 88  VAL A CG1 1 
ATOM   254  C CG2 . VAL A 1 32  ? -3.086  -1.603  12.479  1.00 28.67 ? 88  VAL A CG2 1 
ATOM   255  N N   . ILE A 1 33  ? 1.577   -1.057  12.320  1.00 34.95 ? 89  ILE A N   1 
ATOM   256  C CA  . ILE A 1 33  ? 2.905   -1.304  12.874  1.00 42.97 ? 89  ILE A CA  1 
ATOM   257  C C   . ILE A 1 33  ? 3.085   -0.600  14.224  1.00 42.09 ? 89  ILE A C   1 
ATOM   258  O O   . ILE A 1 33  ? 2.608   0.514   14.419  1.00 43.20 ? 89  ILE A O   1 
ATOM   259  C CB  . ILE A 1 33  ? 4.020   -0.857  11.908  1.00 41.24 ? 89  ILE A CB  1 
ATOM   260  C CG1 . ILE A 1 33  ? 3.820   0.601   11.501  1.00 35.72 ? 89  ILE A CG1 1 
ATOM   261  C CG2 . ILE A 1 33  ? 4.054   -1.756  10.689  1.00 37.90 ? 89  ILE A CG2 1 
ATOM   262  C CD1 . ILE A 1 33  ? 4.990   1.185   10.752  1.00 37.02 ? 89  ILE A CD1 1 
ATOM   263  N N   . PRO A 1 34  ? 3.777   -1.262  15.161  1.00 43.53 ? 90  PRO A N   1 
ATOM   264  C CA  . PRO A 1 34  ? 4.046   -0.749  16.508  1.00 40.97 ? 90  PRO A CA  1 
ATOM   265  C C   . PRO A 1 34  ? 4.869   0.544   16.503  1.00 43.68 ? 90  PRO A C   1 
ATOM   266  O O   . PRO A 1 34  ? 4.453   1.536   17.096  1.00 49.38 ? 90  PRO A O   1 
ATOM   267  C CB  . PRO A 1 34  ? 4.853   -1.885  17.145  1.00 41.83 ? 90  PRO A CB  1 
ATOM   268  C CG  . PRO A 1 34  ? 5.411   -2.643  15.977  1.00 41.89 ? 90  PRO A CG  1 
ATOM   269  C CD  . PRO A 1 34  ? 4.285   -2.634  15.011  1.00 45.28 ? 90  PRO A CD  1 
ATOM   270  N N   . GLU A 1 35  ? 6.026   0.532   15.853  1.00 39.45 ? 91  GLU A N   1 
ATOM   271  C CA  . GLU A 1 35  ? 6.858   1.726   15.775  1.00 41.86 ? 91  GLU A CA  1 
ATOM   272  C C   . GLU A 1 35  ? 7.390   1.922   14.367  1.00 43.12 ? 91  GLU A C   1 
ATOM   273  O O   . GLU A 1 35  ? 7.375   1.000   13.552  1.00 40.70 ? 91  GLU A O   1 
ATOM   274  C CB  . GLU A 1 35  ? 8.023   1.639   16.762  1.00 41.32 ? 91  GLU A CB  1 
ATOM   275  C CG  . GLU A 1 35  ? 8.732   0.295   16.747  1.00 47.42 ? 91  GLU A CG  1 
ATOM   276  C CD  . GLU A 1 35  ? 9.923   0.240   17.689  1.00 63.10 ? 91  GLU A CD  1 
ATOM   277  O OE1 . GLU A 1 35  ? 10.555  -0.835  17.777  1.00 66.44 ? 91  GLU A OE1 1 
ATOM   278  O OE2 . GLU A 1 35  ? 10.228  1.265   18.339  1.00 72.03 ? 91  GLU A OE2 1 
ATOM   279  N N   . GLU A 1 36  ? 7.866   3.127   14.084  1.00 42.41 ? 92  GLU A N   1 
ATOM   280  C CA  . GLU A 1 36  ? 8.382   3.429   12.759  1.00 41.36 ? 92  GLU A CA  1 
ATOM   281  C C   . GLU A 1 36  ? 9.853   3.099   12.636  1.00 40.63 ? 92  GLU A C   1 
ATOM   282  O O   . GLU A 1 36  ? 10.699  3.988   12.655  1.00 41.59 ? 92  GLU A O   1 
ATOM   283  C CB  . GLU A 1 36  ? 8.137   4.887   12.397  1.00 34.74 ? 92  GLU A CB  1 
ATOM   284  C CG  . GLU A 1 36  ? 6.686   5.187   12.171  1.00 39.33 ? 92  GLU A CG  1 
ATOM   285  C CD  . GLU A 1 36  ? 6.467   6.579   11.657  1.00 46.25 ? 92  GLU A CD  1 
ATOM   286  O OE1 . GLU A 1 36  ? 5.470   7.207   12.067  1.00 46.24 ? 92  GLU A OE1 1 
ATOM   287  O OE2 . GLU A 1 36  ? 7.296   7.049   10.849  1.00 54.18 ? 92  GLU A OE2 1 
ATOM   288  N N   . THR A 1 37  ? 10.146  1.812   12.499  1.00 42.83 ? 93  THR A N   1 
ATOM   289  C CA  . THR A 1 37  ? 11.511  1.356   12.294  1.00 39.64 ? 93  THR A CA  1 
ATOM   290  C C   . THR A 1 37  ? 11.658  0.584   10.986  1.00 43.81 ? 93  THR A C   1 
ATOM   291  O O   . THR A 1 37  ? 10.691  0.004   10.482  1.00 39.21 ? 93  THR A O   1 
ATOM   292  C CB  . THR A 1 37  ? 11.970  0.470   13.448  1.00 45.48 ? 93  THR A CB  1 
ATOM   293  O OG1 . THR A 1 37  ? 10.975  -0.527  13.708  1.00 39.50 ? 93  THR A OG1 1 
ATOM   294  C CG2 . THR A 1 37  ? 12.179  1.314   14.700  1.00 49.92 ? 93  THR A CG2 1 
ATOM   295  N N   . ALA A 1 38  ? 12.872  0.581   10.440  1.00 42.18 ? 94  ALA A N   1 
ATOM   296  C CA  . ALA A 1 38  ? 13.165  -0.168  9.226   1.00 38.11 ? 94  ALA A CA  1 
ATOM   297  C C   . ALA A 1 38  ? 12.879  -1.650  9.422   1.00 36.91 ? 94  ALA A C   1 
ATOM   298  O O   . ALA A 1 38  ? 12.570  -2.359  8.468   1.00 40.58 ? 94  ALA A O   1 
ATOM   299  C CB  . ALA A 1 38  ? 14.603  0.045   8.791   1.00 39.28 ? 94  ALA A CB  1 
ATOM   300  N N   . LEU A 1 39  ? 12.978  -2.110  10.660  1.00 37.06 ? 95  LEU A N   1 
ATOM   301  C CA  . LEU A 1 39  ? 12.663  -3.494  10.983  1.00 37.99 ? 95  LEU A CA  1 
ATOM   302  C C   . LEU A 1 39  ? 11.204  -3.762  10.678  1.00 38.16 ? 95  LEU A C   1 
ATOM   303  O O   . LEU A 1 39  ? 10.863  -4.751  10.040  1.00 41.74 ? 95  LEU A O   1 
ATOM   304  C CB  . LEU A 1 39  ? 12.940  -3.772  12.455  1.00 38.35 ? 95  LEU A CB  1 
ATOM   305  C CG  . LEU A 1 39  ? 13.279  -5.213  12.830  1.00 44.99 ? 95  LEU A CG  1 
ATOM   306  C CD1 . LEU A 1 39  ? 14.038  -5.252  14.153  1.00 44.51 ? 95  LEU A CD1 1 
ATOM   307  C CD2 . LEU A 1 39  ? 12.032  -6.088  12.886  1.00 45.66 ? 95  LEU A CD2 1 
ATOM   308  N N   . GLN A 1 40  ? 10.336  -2.871  11.136  1.00 38.63 ? 96  GLN A N   1 
ATOM   309  C CA  . GLN A 1 40  ? 8.913   -2.998  10.866  1.00 37.59 ? 96  GLN A CA  1 
ATOM   310  C C   . GLN A 1 40  ? 8.609   -2.913  9.376   1.00 38.55 ? 96  GLN A C   1 
ATOM   311  O O   . GLN A 1 40  ? 7.872   -3.740  8.839   1.00 40.65 ? 96  GLN A O   1 
ATOM   312  C CB  . GLN A 1 40  ? 8.142   -1.918  11.613  1.00 40.18 ? 96  GLN A CB  1 
ATOM   313  C CG  . GLN A 1 40  ? 8.282   -2.033  13.106  1.00 39.42 ? 96  GLN A CG  1 
ATOM   314  C CD  . GLN A 1 40  ? 7.955   -3.424  13.586  1.00 41.67 ? 96  GLN A CD  1 
ATOM   315  O OE1 . GLN A 1 40  ? 6.808   -3.861  13.521  1.00 43.34 ? 96  GLN A OE1 1 
ATOM   316  N NE2 . GLN A 1 40  ? 8.967   -4.136  14.070  1.00 48.85 ? 96  GLN A NE2 1 
ATOM   317  N N   . VAL A 1 41  ? 9.172   -1.902  8.719   1.00 35.51 ? 97  VAL A N   1 
ATOM   318  C CA  . VAL A 1 41  ? 8.976   -1.690  7.292   1.00 27.95 ? 97  VAL A CA  1 
ATOM   319  C C   . VAL A 1 41  ? 9.422   -2.908  6.480   1.00 31.68 ? 97  VAL A C   1 
ATOM   320  O O   . VAL A 1 41  ? 8.786   -3.275  5.498   1.00 32.47 ? 97  VAL A O   1 
ATOM   321  C CB  . VAL A 1 41  ? 9.729   -0.426  6.816   1.00 34.25 ? 97  VAL A CB  1 
ATOM   322  C CG1 . VAL A 1 41  ? 9.842   -0.400  5.314   1.00 29.89 ? 97  VAL A CG1 1 
ATOM   323  C CG2 . VAL A 1 41  ? 9.031   0.829   7.310   1.00 33.40 ? 97  VAL A CG2 1 
ATOM   324  N N   . ALA A 1 42  ? 10.512  -3.539  6.900   1.00 35.07 ? 98  ALA A N   1 
ATOM   325  C CA  . ALA A 1 42  ? 11.042  -4.707  6.199   1.00 31.23 ? 98  ALA A CA  1 
ATOM   326  C C   . ALA A 1 42  ? 10.084  -5.887  6.255   1.00 30.70 ? 98  ALA A C   1 
ATOM   327  O O   . ALA A 1 42  ? 10.017  -6.675  5.319   1.00 32.90 ? 98  ALA A O   1 
ATOM   328  C CB  . ALA A 1 42  ? 12.399  -5.102  6.761   1.00 32.59 ? 98  ALA A CB  1 
ATOM   329  N N   . LEU A 1 43  ? 9.358   -6.015  7.361   1.00 35.51 ? 99  LEU A N   1 
ATOM   330  C CA  . LEU A 1 43  ? 8.356   -7.066  7.514   1.00 35.85 ? 99  LEU A CA  1 
ATOM   331  C C   . LEU A 1 43  ? 7.156   -6.802  6.612   1.00 34.12 ? 99  LEU A C   1 
ATOM   332  O O   . LEU A 1 43  ? 6.618   -7.712  5.979   1.00 31.25 ? 99  LEU A O   1 
ATOM   333  C CB  . LEU A 1 43  ? 7.899   -7.155  8.970   1.00 30.49 ? 99  LEU A CB  1 
ATOM   334  C CG  . LEU A 1 43  ? 8.584   -8.202  9.845   1.00 37.37 ? 99  LEU A CG  1 
ATOM   335  C CD1 . LEU A 1 43  ? 10.007  -8.448  9.395   1.00 34.94 ? 99  LEU A CD1 1 
ATOM   336  C CD2 . LEU A 1 43  ? 8.535   -7.796  11.314  1.00 38.48 ? 99  LEU A CD2 1 
ATOM   337  N N   . CYS A 1 44  ? 6.747   -5.541  6.567   1.00 33.06 ? 100 CYS A N   1 
ATOM   338  C CA  . CYS A 1 44  ? 5.651   -5.125  5.719   1.00 27.81 ? 100 CYS A CA  1 
ATOM   339  C C   . CYS A 1 44  ? 6.001   -5.347  4.265   1.00 27.11 ? 100 CYS A C   1 
ATOM   340  O O   . CYS A 1 44  ? 5.187   -5.844  3.494   1.00 30.93 ? 100 CYS A O   1 
ATOM   341  C CB  . CYS A 1 44  ? 5.327   -3.661  5.969   1.00 31.72 ? 100 CYS A CB  1 
ATOM   342  S SG  . CYS A 1 44  ? 4.614   -3.366  7.590   1.00 36.17 ? 100 CYS A SG  1 
ATOM   343  N N   . ILE A 1 45  ? 7.219   -4.985  3.889   1.00 25.10 ? 101 ILE A N   1 
ATOM   344  C CA  . ILE A 1 45  ? 7.657   -5.157  2.515   1.00 25.69 ? 101 ILE A CA  1 
ATOM   345  C C   . ILE A 1 45  ? 7.720   -6.629  2.135   1.00 27.62 ? 101 ILE A C   1 
ATOM   346  O O   . ILE A 1 45  ? 7.322   -7.010  1.032   1.00 27.27 ? 101 ILE A O   1 
ATOM   347  C CB  . ILE A 1 45  ? 9.010   -4.483  2.273   1.00 29.14 ? 101 ILE A CB  1 
ATOM   348  C CG1 . ILE A 1 45  ? 8.799   -2.977  2.079   1.00 29.45 ? 101 ILE A CG1 1 
ATOM   349  C CG2 . ILE A 1 45  ? 9.718   -5.107  1.071   1.00 20.63 ? 101 ILE A CG2 1 
ATOM   350  C CD1 . ILE A 1 45  ? 10.083  -2.147  2.115   1.00 27.40 ? 101 ILE A CD1 1 
ATOM   351  N N   . LEU A 1 46  ? 8.209   -7.459  3.054   1.00 31.45 ? 102 LEU A N   1 
ATOM   352  C CA  . LEU A 1 46  ? 8.290   -8.896  2.813   1.00 26.01 ? 102 LEU A CA  1 
ATOM   353  C C   . LEU A 1 46  ? 6.906   -9.487  2.630   1.00 28.59 ? 102 LEU A C   1 
ATOM   354  O O   . LEU A 1 46  ? 6.695   -10.335 1.764   1.00 30.85 ? 102 LEU A O   1 
ATOM   355  C CB  . LEU A 1 46  ? 9.024   -9.611  3.943   1.00 26.97 ? 102 LEU A CB  1 
ATOM   356  C CG  . LEU A 1 46  ? 10.548  -9.599  3.807   1.00 28.62 ? 102 LEU A CG  1 
ATOM   357  C CD1 . LEU A 1 46  ? 11.235  -10.049 5.090   1.00 23.91 ? 102 LEU A CD1 1 
ATOM   358  C CD2 . LEU A 1 46  ? 10.982  -10.446 2.616   1.00 30.37 ? 102 LEU A CD2 1 
ATOM   359  N N   . GLN A 1 47  ? 5.955   -9.030  3.433   1.00 26.40 ? 103 GLN A N   1 
ATOM   360  C CA  . GLN A 1 47  ? 4.577   -9.478  3.266   1.00 30.48 ? 103 GLN A CA  1 
ATOM   361  C C   . GLN A 1 47  ? 3.949   -8.946  1.979   1.00 31.05 ? 103 GLN A C   1 
ATOM   362  O O   . GLN A 1 47  ? 3.201   -9.649  1.296   1.00 30.96 ? 103 GLN A O   1 
ATOM   363  C CB  . GLN A 1 47  ? 3.744   -9.108  4.484   1.00 27.59 ? 103 GLN A CB  1 
ATOM   364  C CG  . GLN A 1 47  ? 4.170   -9.884  5.709   1.00 40.82 ? 103 GLN A CG  1 
ATOM   365  C CD  . GLN A 1 47  ? 3.539   -9.375  6.987   1.00 54.62 ? 103 GLN A CD  1 
ATOM   366  O OE1 . GLN A 1 47  ? 2.354   -9.036  7.020   1.00 67.35 ? 103 GLN A OE1 1 
ATOM   367  N NE2 . GLN A 1 47  ? 4.328   -9.331  8.057   1.00 51.84 ? 103 GLN A NE2 1 
ATOM   368  N N   . LEU A 1 48  ? 4.266   -7.705  1.639   1.00 32.24 ? 104 LEU A N   1 
ATOM   369  C CA  . LEU A 1 48  ? 3.766   -7.117  0.406   1.00 28.88 ? 104 LEU A CA  1 
ATOM   370  C C   . LEU A 1 48  ? 4.219   -7.950  -0.790  1.00 28.67 ? 104 LEU A C   1 
ATOM   371  O O   . LEU A 1 48  ? 3.402   -8.402  -1.588  1.00 24.72 ? 104 LEU A O   1 
ATOM   372  C CB  . LEU A 1 48  ? 4.244   -5.670  0.266   1.00 21.91 ? 104 LEU A CB  1 
ATOM   373  C CG  . LEU A 1 48  ? 3.884   -4.942  -1.028  1.00 23.72 ? 104 LEU A CG  1 
ATOM   374  C CD1 . LEU A 1 48  ? 2.375   -4.737  -1.139  1.00 24.07 ? 104 LEU A CD1 1 
ATOM   375  C CD2 . LEU A 1 48  ? 4.612   -3.604  -1.096  1.00 23.56 ? 104 LEU A CD2 1 
ATOM   376  N N   . ILE A 1 49  ? 5.527   -8.170  -0.891  1.00 31.72 ? 105 ILE A N   1 
ATOM   377  C CA  . ILE A 1 49  ? 6.109   -8.800  -2.071  1.00 28.84 ? 105 ILE A CA  1 
ATOM   378  C C   . ILE A 1 49  ? 5.728   -10.275 -2.103  1.00 31.59 ? 105 ILE A C   1 
ATOM   379  O O   . ILE A 1 49  ? 5.818   -10.948 -3.137  1.00 32.83 ? 105 ILE A O   1 
ATOM   380  C CB  . ILE A 1 49  ? 7.643   -8.647  -2.076  1.00 30.84 ? 105 ILE A CB  1 
ATOM   381  C CG1 . ILE A 1 49  ? 8.149   -8.242  -3.469  1.00 38.98 ? 105 ILE A CG1 1 
ATOM   382  C CG2 . ILE A 1 49  ? 8.319   -9.906  -1.539  1.00 25.24 ? 105 ILE A CG2 1 
ATOM   383  C CD1 . ILE A 1 49  ? 7.646   -9.108  -4.629  1.00 39.68 ? 105 ILE A CD1 1 
ATOM   384  N N   . GLN A 1 50  ? 5.275   -10.764 -0.959  1.00 28.24 ? 106 GLN A N   1 
ATOM   385  C CA  . GLN A 1 50  ? 4.858   -12.146 -0.834  1.00 29.54 ? 106 GLN A CA  1 
ATOM   386  C C   . GLN A 1 50  ? 3.487   -12.379 -1.449  1.00 33.02 ? 106 GLN A C   1 
ATOM   387  O O   . GLN A 1 50  ? 3.270   -13.380 -2.131  1.00 42.12 ? 106 GLN A O   1 
ATOM   388  C CB  . GLN A 1 50  ? 4.819   -12.535 0.640   1.00 31.46 ? 106 GLN A CB  1 
ATOM   389  C CG  . GLN A 1 50  ? 4.259   -13.917 0.910   1.00 27.64 ? 106 GLN A CG  1 
ATOM   390  C CD  . GLN A 1 50  ? 3.405   -13.955 2.173   1.00 38.83 ? 106 GLN A CD  1 
ATOM   391  O OE1 . GLN A 1 50  ? 3.825   -13.517 3.259   1.00 32.62 ? 106 GLN A OE1 1 
ATOM   392  N NE2 . GLN A 1 50  ? 2.197   -14.485 2.038   1.00 39.69 ? 106 GLN A NE2 1 
ATOM   393  N N   . ARG A 1 51  ? 2.682   -11.351 -1.248  1.00 30.05 ? 107 ARG A N   1 
ATOM   394  C CA  . ARG A 1 51  ? 1.455   -11.448 -1.735  1.00 31.04 ? 107 ARG A CA  1 
ATOM   395  C C   . ARG A 1 51  ? 1.170   -10.799 -3.068  1.00 35.98 ? 107 ARG A C   1 
ATOM   396  O O   . ARG A 1 51  ? 0.320   -11.126 -3.598  1.00 29.55 ? 107 ARG A O   1 
ATOM   397  C CB  . ARG A 1 51  ? 0.585   -10.981 -0.738  1.00 20.00 ? 107 ARG A CB  1 
ATOM   398  N N   . TYR A 1 52  ? 2.289   -9.753  -3.427  1.00 30.17 ? 108 TYR A N   1 
ATOM   399  C CA  . TYR A 1 52  ? 1.844   -9.110  -4.652  1.00 31.12 ? 108 TYR A CA  1 
ATOM   400  C C   . TYR A 1 52  ? 3.003   -9.076  -5.607  1.00 28.21 ? 108 TYR A C   1 
ATOM   401  O O   . TYR A 1 52  ? 4.069   -9.625  -5.331  1.00 35.29 ? 108 TYR A O   1 
ATOM   402  C CB  . TYR A 1 52  ? 1.380   -7.675  -4.377  1.00 27.38 ? 108 TYR A CB  1 
ATOM   403  C CG  . TYR A 1 52  ? 0.034   -7.574  -3.707  1.00 22.29 ? 108 TYR A CG  1 
ATOM   404  C CD1 . TYR A 1 52  ? -1.133  -7.723  -4.436  1.00 25.64 ? 108 TYR A CD1 1 
ATOM   405  C CD2 . TYR A 1 52  ? -0.073  -7.321  -2.353  1.00 23.08 ? 108 TYR A CD2 1 
ATOM   406  C CE1 . TYR A 1 52  ? -2.378  -7.624  -3.837  1.00 23.78 ? 108 TYR A CE1 1 
ATOM   407  C CE2 . TYR A 1 52  ? -1.313  -7.219  -1.740  1.00 27.75 ? 108 TYR A CE2 1 
ATOM   408  C CZ  . TYR A 1 52  ? -2.466  -7.366  -2.488  1.00 29.15 ? 108 TYR A CZ  1 
ATOM   409  O OH  . TYR A 1 52  ? -3.708  -7.266  -1.885  1.00 31.82 ? 108 TYR A OH  1 
ATOM   410  N N   . THR A 1 53  ? 2.794   -8.415  -6.735  1.00 29.83 ? 109 THR A N   1 
ATOM   411  C CA  . THR A 1 53  ? 3.869   -8.174  -7.677  1.00 28.54 ? 109 THR A CA  1 
ATOM   412  C C   . THR A 1 53  ? 4.366   -6.747  -7.494  1.00 26.98 ? 109 THR A C   1 
ATOM   413  O O   . THR A 1 53  ? 3.609   -5.791  -7.625  1.00 31.50 ? 109 THR A O   1 
ATOM   414  C CB  . THR A 1 53  ? 3.413   -8.412  -9.124  1.00 31.94 ? 109 THR A CB  1 
ATOM   415  O OG1 . THR A 1 53  ? 3.048   -9.790  -9.285  1.00 27.05 ? 109 THR A OG1 1 
ATOM   416  C CG2 . THR A 1 53  ? 4.526   -8.051  -10.103 1.00 29.95 ? 109 THR A CG2 1 
ATOM   417  N N   . VAL A 1 54  ? 5.646   -6.616  -7.172  1.00 32.34 ? 110 VAL A N   1 
ATOM   418  C CA  . VAL A 1 54  ? 6.242   -5.320  -6.923  1.00 28.97 ? 110 VAL A CA  1 
ATOM   419  C C   . VAL A 1 54  ? 7.542   -5.188  -7.706  1.00 32.42 ? 110 VAL A C   1 
ATOM   420  O O   . VAL A 1 54  ? 8.512   -5.888  -7.428  1.00 33.49 ? 110 VAL A O   1 
ATOM   421  C CB  . VAL A 1 54  ? 6.543   -5.148  -5.434  1.00 31.20 ? 110 VAL A CB  1 
ATOM   422  C CG1 . VAL A 1 54  ? 7.103   -3.759  -5.168  1.00 31.83 ? 110 VAL A CG1 1 
ATOM   423  C CG2 . VAL A 1 54  ? 5.285   -5.407  -4.614  1.00 24.85 ? 110 VAL A CG2 1 
ATOM   424  N N   . LEU A 1 55  ? 7.549   -4.298  -8.692  1.00 30.73 ? 111 LEU A N   1 
ATOM   425  C CA  . LEU A 1 55  ? 8.720   -4.082  -9.533  1.00 32.66 ? 111 LEU A CA  1 
ATOM   426  C C   . LEU A 1 55  ? 9.495   -2.855  -9.065  1.00 33.89 ? 111 LEU A C   1 
ATOM   427  O O   . LEU A 1 55  ? 10.719  -2.795  -9.150  1.00 35.84 ? 111 LEU A O   1 
ATOM   428  C CB  . LEU A 1 55  ? 8.285   -3.882  -10.988 1.00 33.42 ? 111 LEU A CB  1 
ATOM   429  C CG  . LEU A 1 55  ? 8.125   -5.096  -11.908 1.00 35.00 ? 111 LEU A CG  1 
ATOM   430  C CD1 . LEU A 1 55  ? 7.633   -6.310  -11.146 1.00 35.47 ? 111 LEU A CD1 1 
ATOM   431  C CD2 . LEU A 1 55  ? 7.202   -4.760  -13.076 1.00 33.66 ? 111 LEU A CD2 1 
ATOM   432  N N   . HIS A 1 56  ? 8.763   -1.874  -8.558  1.00 35.31 ? 112 HIS A N   1 
ATOM   433  C CA  . HIS A 1 56  ? 9.345   -0.597  -8.201  1.00 31.28 ? 112 HIS A CA  1 
ATOM   434  C C   . HIS A 1 56  ? 8.723   -0.196  -6.889  1.00 33.42 ? 112 HIS A C   1 
ATOM   435  O O   . HIS A 1 56  ? 7.512   -0.311  -6.714  1.00 35.23 ? 112 HIS A O   1 
ATOM   436  C CB  . HIS A 1 56  ? 9.005   0.431   -9.276  1.00 31.30 ? 112 HIS A CB  1 
ATOM   437  C CG  . HIS A 1 56  ? 9.784   1.704   -9.175  1.00 38.99 ? 112 HIS A CG  1 
ATOM   438  N ND1 . HIS A 1 56  ? 10.108  2.465   -10.280 1.00 41.96 ? 112 HIS A ND1 1 
ATOM   439  C CD2 . HIS A 1 56  ? 10.305  2.355   -8.106  1.00 38.50 ? 112 HIS A CD2 1 
ATOM   440  C CE1 . HIS A 1 56  ? 10.791  3.527   -9.894  1.00 44.83 ? 112 HIS A CE1 1 
ATOM   441  N NE2 . HIS A 1 56  ? 10.924  3.486   -8.580  1.00 34.48 ? 112 HIS A NE2 1 
ATOM   442  N N   . LEU A 1 57  ? 9.552   0.260   -5.960  1.00 35.29 ? 113 LEU A N   1 
ATOM   443  C CA  . LEU A 1 57  ? 9.071   0.717   -4.669  1.00 32.28 ? 113 LEU A CA  1 
ATOM   444  C C   . LEU A 1 57  ? 9.532   2.153   -4.428  1.00 35.81 ? 113 LEU A C   1 
ATOM   445  O O   . LEU A 1 57  ? 10.709  2.472   -4.622  1.00 37.83 ? 113 LEU A O   1 
ATOM   446  C CB  . LEU A 1 57  ? 9.587   -0.195  -3.563  1.00 28.07 ? 113 LEU A CB  1 
ATOM   447  C CG  . LEU A 1 57  ? 8.985   0.066   -2.187  1.00 35.00 ? 113 LEU A CG  1 
ATOM   448  C CD1 . LEU A 1 57  ? 7.499   -0.244  -2.192  1.00 29.13 ? 113 LEU A CD1 1 
ATOM   449  C CD2 . LEU A 1 57  ? 9.701   -0.776  -1.149  1.00 37.54 ? 113 LEU A CD2 1 
ATOM   450  N N   . HIS A 1 58  ? 8.605   3.006   -4.002  1.00 29.71 ? 114 HIS A N   1 
ATOM   451  C CA  . HIS A 1 58  ? 8.869   4.430   -3.835  1.00 32.64 ? 114 HIS A CA  1 
ATOM   452  C C   . HIS A 1 58  ? 8.343   4.924   -2.495  1.00 33.04 ? 114 HIS A C   1 
ATOM   453  O O   . HIS A 1 58  ? 7.432   4.325   -1.926  1.00 34.23 ? 114 HIS A O   1 
ATOM   454  C CB  . HIS A 1 58  ? 8.222   5.220   -4.971  1.00 31.33 ? 114 HIS A CB  1 
ATOM   455  C CG  . HIS A 1 58  ? 8.604   6.672   -5.011  1.00 38.28 ? 114 HIS A CG  1 
ATOM   456  N ND1 . HIS A 1 58  ? 9.732   7.129   -5.659  1.00 39.70 ? 114 HIS A ND1 1 
ATOM   457  C CD2 . HIS A 1 58  ? 7.986   7.772   -4.517  1.00 38.10 ? 114 HIS A CD2 1 
ATOM   458  C CE1 . HIS A 1 58  ? 9.799   8.445   -5.550  1.00 33.88 ? 114 HIS A CE1 1 
ATOM   459  N NE2 . HIS A 1 58  ? 8.751   8.859   -4.864  1.00 32.47 ? 114 HIS A NE2 1 
ATOM   460  N N   . SER A 1 59  ? 8.915   6.023   -2.006  1.00 32.55 ? 115 SER A N   1 
ATOM   461  C CA  . SER A 1 59  ? 8.540   6.589   -0.721  1.00 31.91 ? 115 SER A CA  1 
ATOM   462  C C   . SER A 1 59  ? 9.202   7.951   -0.478  1.00 37.98 ? 115 SER A C   1 
ATOM   463  O O   . SER A 1 59  ? 9.892   8.479   -1.350  1.00 38.75 ? 115 SER A O   1 
ATOM   464  C CB  . SER A 1 59  ? 8.934   5.623   0.390   1.00 32.06 ? 115 SER A CB  1 
ATOM   465  O OG  . SER A 1 59  ? 10.344  5.506   0.472   1.00 37.25 ? 115 SER A OG  1 
ATOM   466  N N   . ASP A 1 60  ? 8.980   8.518   0.707   1.00 37.69 ? 116 ASP A N   1 
ATOM   467  C CA  . ASP A 1 60  ? 9.710   9.713   1.129   1.00 40.10 ? 116 ASP A CA  1 
ATOM   468  C C   . ASP A 1 60  ? 11.072  9.322   1.691   1.00 43.16 ? 116 ASP A C   1 
ATOM   469  O O   . ASP A 1 60  ? 11.438  8.146   1.678   1.00 40.22 ? 116 ASP A O   1 
ATOM   470  C CB  . ASP A 1 60  ? 8.920   10.537  2.160   1.00 40.19 ? 116 ASP A CB  1 
ATOM   471  C CG  . ASP A 1 60  ? 8.742   9.819   3.498   1.00 35.30 ? 116 ASP A CG  1 
ATOM   472  O OD1 . ASP A 1 60  ? 9.573   8.960   3.861   1.00 31.98 ? 116 ASP A OD1 1 
ATOM   473  O OD2 . ASP A 1 60  ? 7.754   10.129  4.195   1.00 36.48 ? 116 ASP A OD2 1 
ATOM   474  N N   . ASN A 1 61  ? 11.805  10.306  2.200   1.00 43.13 ? 117 ASN A N   1 
ATOM   475  C CA  . ASN A 1 61  ? 13.177  10.092  2.653   1.00 45.85 ? 117 ASN A CA  1 
ATOM   476  C C   . ASN A 1 61  ? 13.345  9.507   4.055   1.00 44.99 ? 117 ASN A C   1 
ATOM   477  O O   . ASN A 1 61  ? 14.450  9.130   4.439   1.00 56.44 ? 117 ASN A O   1 
ATOM   478  C CB  . ASN A 1 61  ? 13.984  11.387  2.532   1.00 48.07 ? 117 ASN A CB  1 
ATOM   479  C CG  . ASN A 1 61  ? 14.791  11.447  1.252   1.00 54.47 ? 117 ASN A CG  1 
ATOM   480  O OD1 . ASN A 1 61  ? 14.259  11.278  0.159   1.00 52.33 ? 117 ASN A OD1 1 
ATOM   481  N ND2 . ASN A 1 61  ? 16.089  11.686  1.384   1.00 73.83 ? 117 ASN A ND2 1 
ATOM   482  N N   . GLY A 1 62  ? 12.259  9.438   4.815   1.00 46.44 ? 118 GLY A N   1 
ATOM   483  C CA  . GLY A 1 62  ? 12.306  8.904   6.165   1.00 42.42 ? 118 GLY A CA  1 
ATOM   484  C C   . GLY A 1 62  ? 13.296  7.769   6.356   1.00 45.90 ? 118 GLY A C   1 
ATOM   485  O O   . GLY A 1 62  ? 13.399  6.865   5.523   1.00 44.41 ? 118 GLY A O   1 
ATOM   486  N N   . PRO A 1 63  ? 14.038  7.808   7.466   1.00 50.56 ? 119 PRO A N   1 
ATOM   487  C CA  . PRO A 1 63  ? 15.078  6.817   7.758   1.00 47.33 ? 119 PRO A CA  1 
ATOM   488  C C   . PRO A 1 63  ? 14.557  5.376   7.800   1.00 46.59 ? 119 PRO A C   1 
ATOM   489  O O   . PRO A 1 63  ? 15.326  4.446   7.544   1.00 45.79 ? 119 PRO A O   1 
ATOM   490  C CB  . PRO A 1 63  ? 15.595  7.257   9.139   1.00 43.49 ? 119 PRO A CB  1 
ATOM   491  C CG  . PRO A 1 63  ? 14.518  8.157   9.685   1.00 44.53 ? 119 PRO A CG  1 
ATOM   492  C CD  . PRO A 1 63  ? 14.023  8.876   8.476   1.00 49.92 ? 119 PRO A CD  1 
ATOM   493  N N   . CYS A 1 64  ? 13.281  5.178   8.115   1.00 42.86 ? 120 CYS A N   1 
ATOM   494  C CA  . CYS A 1 64  ? 12.740  3.818   8.138   1.00 41.44 ? 120 CYS A CA  1 
ATOM   495  C C   . CYS A 1 64  ? 12.512  3.270   6.723   1.00 44.24 ? 120 CYS A C   1 
ATOM   496  O O   . CYS A 1 64  ? 12.216  2.087   6.545   1.00 43.92 ? 120 CYS A O   1 
ATOM   497  C CB  . CYS A 1 64  ? 11.451  3.753   8.956   1.00 39.75 ? 120 CYS A CB  1 
ATOM   498  S SG  . CYS A 1 64  ? 10.084  4.668   8.232   1.00 43.57 ? 120 CYS A SG  1 
ATOM   499  N N   . PHE A 1 65  ? 12.658  4.137   5.723   1.00 40.93 ? 121 PHE A N   1 
ATOM   500  C CA  . PHE A 1 65  ? 12.453  3.759   4.335   1.00 33.73 ? 121 PHE A CA  1 
ATOM   501  C C   . PHE A 1 65  ? 13.765  3.761   3.576   1.00 39.02 ? 121 PHE A C   1 
ATOM   502  O O   . PHE A 1 65  ? 13.832  3.306   2.435   1.00 37.80 ? 121 PHE A O   1 
ATOM   503  C CB  . PHE A 1 65  ? 11.511  4.745   3.647   1.00 35.05 ? 121 PHE A CB  1 
ATOM   504  C CG  . PHE A 1 65  ? 10.101  4.708   4.158   1.00 36.41 ? 121 PHE A CG  1 
ATOM   505  C CD1 . PHE A 1 65  ? 9.524   3.525   4.565   1.00 36.41 ? 121 PHE A CD1 1 
ATOM   506  C CD2 . PHE A 1 65  ? 9.337   5.861   4.191   1.00 41.02 ? 121 PHE A CD2 1 
ATOM   507  C CE1 . PHE A 1 65  ? 8.223   3.497   5.020   1.00 38.64 ? 121 PHE A CE1 1 
ATOM   508  C CE2 . PHE A 1 65  ? 8.036   5.835   4.637   1.00 35.33 ? 121 PHE A CE2 1 
ATOM   509  C CZ  . PHE A 1 65  ? 7.481   4.654   5.056   1.00 33.66 ? 121 PHE A CZ  1 
ATOM   510  N N   . THR A 1 66  ? 14.806  4.305   4.193   1.00 40.79 ? 122 THR A N   1 
ATOM   511  C CA  . THR A 1 66  ? 16.073  4.470   3.498   1.00 40.65 ? 122 THR A CA  1 
ATOM   512  C C   . THR A 1 66  ? 17.196  3.688   4.146   1.00 36.70 ? 122 THR A C   1 
ATOM   513  O O   . THR A 1 66  ? 18.285  3.608   3.592   1.00 40.31 ? 122 THR A O   1 
ATOM   514  C CB  . THR A 1 66  ? 16.488  5.953   3.400   1.00 38.82 ? 122 THR A CB  1 
ATOM   515  O OG1 . THR A 1 66  ? 16.511  6.537   4.708   1.00 37.45 ? 122 THR A OG1 1 
ATOM   516  C CG2 . THR A 1 66  ? 15.513  6.716   2.518   1.00 40.18 ? 122 THR A CG2 1 
ATOM   517  N N   . ALA A 1 67  ? 16.921  3.109   5.313   1.00 38.40 ? 123 ALA A N   1 
ATOM   518  C CA  . ALA A 1 67  ? 17.928  2.380   6.079   1.00 32.67 ? 123 ALA A CA  1 
ATOM   519  C C   . ALA A 1 67  ? 18.523  1.259   5.257   1.00 33.64 ? 123 ALA A C   1 
ATOM   520  O O   . ALA A 1 67  ? 17.848  0.689   4.402   1.00 34.03 ? 123 ALA A O   1 
ATOM   521  C CB  . ALA A 1 67  ? 17.331  1.834   7.347   1.00 37.82 ? 123 ALA A CB  1 
ATOM   522  N N   . HIS A 1 68  ? 19.785  0.940   5.522   1.00 39.27 ? 124 HIS A N   1 
ATOM   523  C CA  . HIS A 1 68  ? 20.502  -0.062  4.740   1.00 34.28 ? 124 HIS A CA  1 
ATOM   524  C C   . HIS A 1 68  ? 19.708  -1.354  4.606   1.00 39.31 ? 124 HIS A C   1 
ATOM   525  O O   . HIS A 1 68  ? 19.739  -2.013  3.566   1.00 34.38 ? 124 HIS A O   1 
ATOM   526  C CB  . HIS A 1 68  ? 21.866  -0.368  5.351   1.00 32.45 ? 124 HIS A CB  1 
ATOM   527  C CG  . HIS A 1 68  ? 22.580  -1.489  4.668   1.00 39.74 ? 124 HIS A CG  1 
ATOM   528  N ND1 . HIS A 1 68  ? 22.454  -2.804  5.064   1.00 36.88 ? 124 HIS A ND1 1 
ATOM   529  C CD2 . HIS A 1 68  ? 23.401  -1.497  3.588   1.00 37.76 ? 124 HIS A CD2 1 
ATOM   530  C CE1 . HIS A 1 68  ? 23.173  -3.573  4.264   1.00 39.32 ? 124 HIS A CE1 1 
ATOM   531  N NE2 . HIS A 1 68  ? 23.761  -2.802  3.366   1.00 40.11 ? 124 HIS A NE2 1 
ATOM   532  N N   . ARG A 1 69  ? 19.006  -1.718  5.672   1.00 42.10 ? 125 ARG A N   1 
ATOM   533  C CA  . ARG A 1 69  ? 18.215  -2.937  5.683   1.00 37.86 ? 125 ARG A CA  1 
ATOM   534  C C   . ARG A 1 69  ? 17.183  -2.948  4.551   1.00 40.40 ? 125 ARG A C   1 
ATOM   535  O O   . ARG A 1 69  ? 17.046  -3.941  3.825   1.00 37.43 ? 125 ARG A O   1 
ATOM   536  C CB  . ARG A 1 69  ? 17.542  -3.111  7.039   1.00 34.92 ? 125 ARG A CB  1 
ATOM   537  C CG  . ARG A 1 69  ? 16.249  -3.862  6.965   1.00 42.87 ? 125 ARG A CG  1 
ATOM   538  C CD  . ARG A 1 69  ? 16.000  -4.651  8.218   1.00 46.26 ? 125 ARG A CD  1 
ATOM   539  N NE  . ARG A 1 69  ? 16.279  -3.892  9.431   1.00 48.88 ? 125 ARG A NE  1 
ATOM   540  C CZ  . ARG A 1 69  ? 16.162  -4.405  10.653  1.00 54.97 ? 125 ARG A CZ  1 
ATOM   541  N NH1 . ARG A 1 69  ? 15.770  -5.665  10.808  1.00 47.97 ? 125 ARG A NH1 1 
ATOM   542  N NH2 . ARG A 1 69  ? 16.432  -3.668  11.719  1.00 56.59 ? 125 ARG A NH2 1 
ATOM   543  N N   . ILE A 1 70  ? 16.471  -1.835  4.396   1.00 39.14 ? 126 ILE A N   1 
ATOM   544  C CA  . ILE A 1 70  ? 15.480  -1.690  3.330   1.00 39.47 ? 126 ILE A CA  1 
ATOM   545  C C   . ILE A 1 70  ? 16.123  -1.708  1.946   1.00 33.72 ? 126 ILE A C   1 
ATOM   546  O O   . ILE A 1 70  ? 15.681  -2.429  1.060   1.00 39.00 ? 126 ILE A O   1 
ATOM   547  C CB  . ILE A 1 70  ? 14.663  -0.396  3.491   1.00 34.24 ? 126 ILE A CB  1 
ATOM   548  C CG1 . ILE A 1 70  ? 14.107  -0.297  4.911   1.00 33.70 ? 126 ILE A CG1 1 
ATOM   549  C CG2 . ILE A 1 70  ? 13.553  -0.337  2.460   1.00 36.57 ? 126 ILE A CG2 1 
ATOM   550  C CD1 . ILE A 1 70  ? 13.428  -1.568  5.393   1.00 38.08 ? 126 ILE A CD1 1 
ATOM   551  N N   . GLU A 1 71  ? 17.169  -0.914  1.764   1.00 36.90 ? 127 GLU A N   1 
ATOM   552  C CA  . GLU A 1 71  ? 17.877  -0.871  0.491   1.00 37.89 ? 127 GLU A CA  1 
ATOM   553  C C   . GLU A 1 71  ? 18.385  -2.257  0.086   1.00 37.86 ? 127 GLU A C   1 
ATOM   554  O O   . GLU A 1 71  ? 18.303  -2.654  -1.078  1.00 43.40 ? 127 GLU A O   1 
ATOM   555  C CB  . GLU A 1 71  ? 19.049  0.106   0.580   1.00 36.41 ? 127 GLU A CB  1 
ATOM   556  C CG  . GLU A 1 71  ? 18.660  1.507   1.019   1.00 39.94 ? 127 GLU A CG  1 
ATOM   557  C CD  . GLU A 1 71  ? 19.866  2.396   1.290   1.00 44.82 ? 127 GLU A CD  1 
ATOM   558  O OE1 . GLU A 1 71  ? 21.003  1.877   1.308   1.00 52.56 ? 127 GLU A OE1 1 
ATOM   559  O OE2 . GLU A 1 71  ? 19.679  3.617   1.488   1.00 48.55 ? 127 GLU A OE2 1 
ATOM   560  N N   . ASN A 1 72  ? 18.913  -2.986  1.058   1.00 37.32 ? 128 ASN A N   1 
ATOM   561  C CA  . ASN A 1 72  ? 19.452  -4.316  0.824   1.00 33.94 ? 128 ASN A CA  1 
ATOM   562  C C   . ASN A 1 72  ? 18.351  -5.281  0.435   1.00 35.40 ? 128 ASN A C   1 
ATOM   563  O O   . ASN A 1 72  ? 18.491  -6.065  -0.499  1.00 36.23 ? 128 ASN A O   1 
ATOM   564  C CB  . ASN A 1 72  ? 20.135  -4.820  2.093   1.00 41.54 ? 128 ASN A CB  1 
ATOM   565  C CG  . ASN A 1 72  ? 20.789  -6.174  1.910   1.00 50.89 ? 128 ASN A CG  1 
ATOM   566  O OD1 . ASN A 1 72  ? 20.321  -7.184  2.449   1.00 49.49 ? 128 ASN A OD1 1 
ATOM   567  N ND2 . ASN A 1 72  ? 21.878  -6.205  1.143   1.00 42.65 ? 128 ASN A ND2 1 
ATOM   568  N N   . LEU A 1 73  ? 17.254  -5.219  1.175   1.00 38.49 ? 129 LEU A N   1 
ATOM   569  C CA  . LEU A 1 73  ? 16.112  -6.074  0.920   1.00 33.94 ? 129 LEU A CA  1 
ATOM   570  C C   . LEU A 1 73  ? 15.640  -5.895  -0.518  1.00 35.41 ? 129 LEU A C   1 
ATOM   571  O O   . LEU A 1 73  ? 15.461  -6.870  -1.248  1.00 35.74 ? 129 LEU A O   1 
ATOM   572  C CB  . LEU A 1 73  ? 14.988  -5.750  1.900   1.00 34.86 ? 129 LEU A CB  1 
ATOM   573  C CG  . LEU A 1 73  ? 13.758  -6.650  1.842   1.00 37.01 ? 129 LEU A CG  1 
ATOM   574  C CD1 . LEU A 1 73  ? 14.160  -8.081  2.167   1.00 35.49 ? 129 LEU A CD1 1 
ATOM   575  C CD2 . LEU A 1 73  ? 12.707  -6.149  2.812   1.00 34.94 ? 129 LEU A CD2 1 
ATOM   576  N N   . CYS A 1 74  ? 15.458  -4.647  -0.930  1.00 29.87 ? 130 CYS A N   1 
ATOM   577  C CA  . CYS A 1 74  ? 14.962  -4.373  -2.273  1.00 33.94 ? 130 CYS A CA  1 
ATOM   578  C C   . CYS A 1 74  ? 15.910  -4.869  -3.351  1.00 35.20 ? 130 CYS A C   1 
ATOM   579  O O   . CYS A 1 74  ? 15.481  -5.348  -4.401  1.00 35.46 ? 130 CYS A O   1 
ATOM   580  C CB  . CYS A 1 74  ? 14.668  -2.887  -2.449  1.00 33.40 ? 130 CYS A CB  1 
ATOM   581  S SG  . CYS A 1 74  ? 13.240  -2.365  -1.484  1.00 33.31 ? 130 CYS A SG  1 
ATOM   582  N N   . LYS A 1 75  ? 17.201  -4.754  -3.085  1.00 38.09 ? 131 LYS A N   1 
ATOM   583  C CA  . LYS A 1 75  ? 18.204  -5.252  -4.005  1.00 42.42 ? 131 LYS A CA  1 
ATOM   584  C C   . LYS A 1 75  ? 18.040  -6.766  -4.150  1.00 41.32 ? 131 LYS A C   1 
ATOM   585  O O   . LYS A 1 75  ? 17.987  -7.305  -5.258  1.00 41.76 ? 131 LYS A O   1 
ATOM   586  C CB  . LYS A 1 75  ? 19.590  -4.907  -3.476  1.00 42.69 ? 131 LYS A CB  1 
ATOM   587  C CG  . LYS A 1 75  ? 20.664  -4.874  -4.531  1.00 51.24 ? 131 LYS A CG  1 
ATOM   588  C CD  . LYS A 1 75  ? 21.868  -4.094  -4.032  1.00 64.81 ? 131 LYS A CD  1 
ATOM   589  C CE  . LYS A 1 75  ? 21.445  -2.768  -3.401  1.00 52.86 ? 131 LYS A CE  1 
ATOM   590  N NZ  . LYS A 1 75  ? 22.613  -1.901  -3.066  1.00 50.91 ? 131 LYS A NZ  1 
ATOM   591  N N   . TYR A 1 76  ? 17.942  -7.442  -3.013  1.00 38.71 ? 132 TYR A N   1 
ATOM   592  C CA  . TYR A 1 76  ? 17.681  -8.873  -2.974  1.00 36.35 ? 132 TYR A CA  1 
ATOM   593  C C   . TYR A 1 76  ? 16.428  -9.269  -3.773  1.00 40.23 ? 132 TYR A C   1 
ATOM   594  O O   . TYR A 1 76  ? 16.468  -10.182 -4.595  1.00 39.21 ? 132 TYR A O   1 
ATOM   595  C CB  . TYR A 1 76  ? 17.535  -9.318  -1.519  1.00 36.49 ? 132 TYR A CB  1 
ATOM   596  C CG  . TYR A 1 76  ? 17.258  -10.789 -1.364  1.00 42.68 ? 132 TYR A CG  1 
ATOM   597  C CD1 . TYR A 1 76  ? 18.286  -11.715 -1.452  1.00 40.59 ? 132 TYR A CD1 1 
ATOM   598  C CD2 . TYR A 1 76  ? 15.969  -11.255 -1.138  1.00 38.00 ? 132 TYR A CD2 1 
ATOM   599  C CE1 . TYR A 1 76  ? 18.043  -13.060 -1.316  1.00 39.93 ? 132 TYR A CE1 1 
ATOM   600  C CE2 . TYR A 1 76  ? 15.716  -12.599 -1.000  1.00 36.15 ? 132 TYR A CE2 1 
ATOM   601  C CZ  . TYR A 1 76  ? 16.757  -13.498 -1.092  1.00 43.70 ? 132 TYR A CZ  1 
ATOM   602  O OH  . TYR A 1 76  ? 16.520  -14.848 -0.958  1.00 51.32 ? 132 TYR A OH  1 
ATOM   603  N N   . LEU A 1 77  ? 15.315  -8.586  -3.523  1.00 38.81 ? 133 LEU A N   1 
ATOM   604  C CA  . LEU A 1 77  ? 14.054  -8.916  -4.177  1.00 33.25 ? 133 LEU A CA  1 
ATOM   605  C C   . LEU A 1 77  ? 14.008  -8.452  -5.627  1.00 32.71 ? 133 LEU A C   1 
ATOM   606  O O   . LEU A 1 77  ? 13.001  -8.619  -6.309  1.00 36.10 ? 133 LEU A O   1 
ATOM   607  C CB  . LEU A 1 77  ? 12.883  -8.322  -3.398  1.00 30.03 ? 133 LEU A CB  1 
ATOM   608  C CG  . LEU A 1 77  ? 12.756  -8.850  -1.971  1.00 31.07 ? 133 LEU A CG  1 
ATOM   609  C CD1 . LEU A 1 77  ? 11.645  -8.146  -1.220  1.00 32.74 ? 133 LEU A CD1 1 
ATOM   610  C CD2 . LEU A 1 77  ? 12.540  -10.351 -1.976  1.00 25.56 ? 133 LEU A CD2 1 
ATOM   611  N N   . GLY A 1 78  ? 15.101  -7.869  -6.098  1.00 36.70 ? 134 GLY A N   1 
ATOM   612  C CA  . GLY A 1 78  ? 15.160  -7.383  -7.463  1.00 30.68 ? 134 GLY A CA  1 
ATOM   613  C C   . GLY A 1 78  ? 14.238  -6.205  -7.688  1.00 34.30 ? 134 GLY A C   1 
ATOM   614  O O   . GLY A 1 78  ? 13.728  -6.002  -8.789  1.00 32.66 ? 134 GLY A O   1 
ATOM   615  N N   . ILE A 1 79  ? 14.029  -5.412  -6.643  1.00 34.75 ? 135 ILE A N   1 
ATOM   616  C CA  . ILE A 1 79  ? 13.086  -4.310  -6.729  1.00 31.48 ? 135 ILE A CA  1 
ATOM   617  C C   . ILE A 1 79  ? 13.746  -2.950  -6.904  1.00 31.82 ? 135 ILE A C   1 
ATOM   618  O O   . ILE A 1 79  ? 14.574  -2.540  -6.100  1.00 33.40 ? 135 ILE A O   1 
ATOM   619  C CB  . ILE A 1 79  ? 12.148  -4.278  -5.517  1.00 30.86 ? 135 ILE A CB  1 
ATOM   620  C CG1 . ILE A 1 79  ? 11.309  -5.562  -5.467  1.00 33.09 ? 135 ILE A CG1 1 
ATOM   621  C CG2 . ILE A 1 79  ? 11.264  -3.039  -5.576  1.00 28.51 ? 135 ILE A CG2 1 
ATOM   622  C CD1 . ILE A 1 79  ? 10.528  -5.761  -4.163  1.00 28.03 ? 135 ILE A CD1 1 
ATOM   623  N N   . THR A 1 80  ? 13.363  -2.249  -7.964  1.00 34.08 ? 136 THR A N   1 
ATOM   624  C CA  . THR A 1 80  ? 13.796  -0.874  -8.176  1.00 30.83 ? 136 THR A CA  1 
ATOM   625  C C   . THR A 1 80  ? 13.330  0.026   -7.032  1.00 33.12 ? 136 THR A C   1 
ATOM   626  O O   . THR A 1 80  ? 12.149  0.041   -6.691  1.00 34.67 ? 136 THR A O   1 
ATOM   627  C CB  . THR A 1 80  ? 13.211  -0.340  -9.474  1.00 35.24 ? 136 THR A CB  1 
ATOM   628  O OG1 . THR A 1 80  ? 13.377  -1.320  -10.507 1.00 36.64 ? 136 THR A OG1 1 
ATOM   629  C CG2 . THR A 1 80  ? 13.893  0.947   -9.876  1.00 39.80 ? 136 THR A CG2 1 
ATOM   630  N N   . LYS A 1 81  ? 14.251  0.786   -6.447  1.00 34.90 ? 137 LYS A N   1 
ATOM   631  C CA  . LYS A 1 81  ? 13.919  1.634   -5.304  1.00 35.14 ? 137 LYS A CA  1 
ATOM   632  C C   . LYS A 1 81  ? 14.202  3.125   -5.541  1.00 34.72 ? 137 LYS A C   1 
ATOM   633  O O   . LYS A 1 81  ? 15.318  3.507   -5.865  1.00 32.89 ? 137 LYS A O   1 
ATOM   634  C CB  . LYS A 1 81  ? 14.650  1.146   -4.053  1.00 27.35 ? 137 LYS A CB  1 
ATOM   635  C CG  . LYS A 1 81  ? 14.439  2.026   -2.817  1.00 30.18 ? 137 LYS A CG  1 
ATOM   636  C CD  . LYS A 1 81  ? 14.661  1.231   -1.536  1.00 30.84 ? 137 LYS A CD  1 
ATOM   637  C CE  . LYS A 1 81  ? 14.825  2.123   -0.316  1.00 37.23 ? 137 LYS A CE  1 
ATOM   638  N NZ  . LYS A 1 81  ? 13.841  3.235   -0.262  1.00 33.48 ? 137 LYS A NZ  1 
ATOM   639  N N   . THR A 1 82  ? 13.184  3.964   -5.381  1.00 32.54 ? 138 THR A N   1 
ATOM   640  C CA  . THR A 1 82  ? 13.384  5.407   -5.497  1.00 39.97 ? 138 THR A CA  1 
ATOM   641  C C   . THR A 1 82  ? 12.784  6.125   -4.309  1.00 37.79 ? 138 THR A C   1 
ATOM   642  O O   . THR A 1 82  ? 11.925  5.582   -3.612  1.00 35.67 ? 138 THR A O   1 
ATOM   643  C CB  . THR A 1 82  ? 12.778  6.008   -6.794  1.00 39.10 ? 138 THR A CB  1 
ATOM   644  O OG1 . THR A 1 82  ? 11.441  5.533   -6.976  1.00 35.32 ? 138 THR A OG1 1 
ATOM   645  C CG2 . THR A 1 82  ? 13.631  5.658   -8.019  1.00 31.06 ? 138 THR A CG2 1 
ATOM   646  N N   . THR A 1 83  ? 13.241  7.350   -4.085  1.00 37.92 ? 139 THR A N   1 
ATOM   647  C CA  . THR A 1 83  ? 12.723  8.168   -2.999  1.00 38.58 ? 139 THR A CA  1 
ATOM   648  C C   . THR A 1 83  ? 12.409  9.573   -3.493  1.00 38.83 ? 139 THR A C   1 
ATOM   649  O O   . THR A 1 83  ? 12.934  10.005  -4.515  1.00 39.41 ? 139 THR A O   1 
ATOM   650  C CB  . THR A 1 83  ? 13.719  8.250   -1.826  1.00 46.89 ? 139 THR A CB  1 
ATOM   651  O OG1 . THR A 1 83  ? 14.042  6.929   -1.365  1.00 48.38 ? 139 THR A OG1 1 
ATOM   652  C CG2 . THR A 1 83  ? 13.099  9.010   -0.688  1.00 50.55 ? 139 THR A CG2 1 
ATOM   653  N N   . GLY A 1 84  ? 11.535  10.275  -2.776  1.00 42.55 ? 140 GLY A N   1 
ATOM   654  C CA  . GLY A 1 84  ? 11.191  11.642  -3.124  1.00 41.03 ? 140 GLY A CA  1 
ATOM   655  C C   . GLY A 1 84  ? 9.770   11.832  -3.624  1.00 39.57 ? 140 GLY A C   1 
ATOM   656  O O   . GLY A 1 84  ? 9.462   11.527  -4.773  1.00 43.89 ? 140 GLY A O   1 
ATOM   657  N N   . ILE A 1 85  ? 8.903   12.352  -2.761  1.00 39.56 ? 141 ILE A N   1 
ATOM   658  C CA  . ILE A 1 85  ? 7.532   12.672  -3.151  1.00 41.69 ? 141 ILE A CA  1 
ATOM   659  C C   . ILE A 1 85  ? 7.434   14.024  -3.865  1.00 42.10 ? 141 ILE A C   1 
ATOM   660  O O   . ILE A 1 85  ? 7.990   15.025  -3.405  1.00 38.42 ? 141 ILE A O   1 
ATOM   661  C CB  . ILE A 1 85  ? 6.568   12.643  -1.938  1.00 39.69 ? 141 ILE A CB  1 
ATOM   662  C CG1 . ILE A 1 85  ? 6.159   11.208  -1.616  1.00 36.80 ? 141 ILE A CG1 1 
ATOM   663  C CG2 . ILE A 1 85  ? 5.326   13.457  -2.216  1.00 39.46 ? 141 ILE A CG2 1 
ATOM   664  C CD1 . ILE A 1 85  ? 7.014   10.583  -0.577  1.00 42.07 ? 141 ILE A CD1 1 
ATOM   665  N N   . PRO A 1 86  ? 6.720   14.056  -5.000  1.00 43.71 ? 142 PRO A N   1 
ATOM   666  C CA  . PRO A 1 86  ? 6.030   12.908  -5.590  1.00 41.10 ? 142 PRO A CA  1 
ATOM   667  C C   . PRO A 1 86  ? 6.903   12.193  -6.609  1.00 42.97 ? 142 PRO A C   1 
ATOM   668  O O   . PRO A 1 86  ? 7.791   12.799  -7.202  1.00 47.73 ? 142 PRO A O   1 
ATOM   669  C CB  . PRO A 1 86  ? 4.854   13.557  -6.337  1.00 42.08 ? 142 PRO A CB  1 
ATOM   670  C CG  . PRO A 1 86  ? 5.050   15.074  -6.206  1.00 40.07 ? 142 PRO A CG  1 
ATOM   671  C CD  . PRO A 1 86  ? 6.454   15.282  -5.762  1.00 37.23 ? 142 PRO A CD  1 
ATOM   672  N N   . TYR A 1 87  ? 6.649   10.912  -6.826  1.00 44.38 ? 143 TYR A N   1 
ATOM   673  C CA  . TYR A 1 87  ? 7.261   10.253  -7.957  1.00 37.26 ? 143 TYR A CA  1 
ATOM   674  C C   . TYR A 1 87  ? 6.846   11.091  -9.151  1.00 38.47 ? 143 TYR A C   1 
ATOM   675  O O   . TYR A 1 87  ? 7.678   11.573  -9.910  1.00 39.88 ? 143 TYR A O   1 
ATOM   676  C CB  . TYR A 1 87  ? 6.736   8.833   -8.094  1.00 32.15 ? 143 TYR A CB  1 
ATOM   677  C CG  . TYR A 1 87  ? 7.399   8.059   -9.197  1.00 40.75 ? 143 TYR A CG  1 
ATOM   678  C CD1 . TYR A 1 87  ? 8.690   7.570   -9.049  1.00 42.63 ? 143 TYR A CD1 1 
ATOM   679  C CD2 . TYR A 1 87  ? 6.739   7.814   -10.390 1.00 39.08 ? 143 TYR A CD2 1 
ATOM   680  C CE1 . TYR A 1 87  ? 9.305   6.860   -10.059 1.00 35.24 ? 143 TYR A CE1 1 
ATOM   681  C CE2 . TYR A 1 87  ? 7.349   7.104   -11.405 1.00 39.84 ? 143 TYR A CE2 1 
ATOM   682  C CZ  . TYR A 1 87  ? 8.631   6.631   -11.238 1.00 39.28 ? 143 TYR A CZ  1 
ATOM   683  O OH  . TYR A 1 87  ? 9.236   5.917   -12.259 1.00 45.57 ? 143 TYR A OH  1 
ATOM   684  N N   . ASN A 1 88  ? 5.539   11.269  -9.291  1.00 37.90 ? 144 ASN A N   1 
ATOM   685  C CA  . ASN A 1 88  ? 4.976   12.182  -10.272 1.00 40.27 ? 144 ASN A CA  1 
ATOM   686  C C   . ASN A 1 88  ? 3.546   12.549  -9.883  1.00 39.93 ? 144 ASN A C   1 
ATOM   687  O O   . ASN A 1 88  ? 2.980   11.946  -8.971  1.00 42.43 ? 144 ASN A O   1 
ATOM   688  C CB  . ASN A 1 88  ? 5.049   11.587  -11.680 1.00 41.92 ? 144 ASN A CB  1 
ATOM   689  C CG  . ASN A 1 88  ? 4.267   10.301  -11.815 1.00 44.86 ? 144 ASN A CG  1 
ATOM   690  O OD1 . ASN A 1 88  ? 3.121   10.197  -11.365 1.00 38.26 ? 144 ASN A OD1 1 
ATOM   691  N ND2 . ASN A 1 88  ? 4.875   9.312   -12.458 1.00 51.21 ? 144 ASN A ND2 1 
ATOM   692  N N   . PRO A 1 89  ? 2.962   13.555  -10.554 1.00 42.94 ? 145 PRO A N   1 
ATOM   693  C CA  . PRO A 1 89  ? 1.614   14.028  -10.210 1.00 37.75 ? 145 PRO A CA  1 
ATOM   694  C C   . PRO A 1 89  ? 0.562   12.927  -10.285 1.00 38.14 ? 145 PRO A C   1 
ATOM   695  O O   . PRO A 1 89  ? -0.301  12.822  -9.413  1.00 35.80 ? 145 PRO A O   1 
ATOM   696  C CB  . PRO A 1 89  ? 1.343   15.095  -11.280 1.00 44.17 ? 145 PRO A CB  1 
ATOM   697  C CG  . PRO A 1 89  ? 2.703   15.611  -11.638 1.00 37.21 ? 145 PRO A CG  1 
ATOM   698  C CD  . PRO A 1 89  ? 3.591   14.396  -11.590 1.00 45.09 ? 145 PRO A CD  1 
ATOM   699  N N   . GLN A 1 90  ? 0.650   12.120  -11.338 1.00 47.28 ? 146 GLN A N   1 
ATOM   700  C CA  . GLN A 1 90  ? -0.260  11.014  -11.587 1.00 39.19 ? 146 GLN A CA  1 
ATOM   701  C C   . GLN A 1 90  ? -0.328  10.079  -10.389 1.00 37.05 ? 146 GLN A C   1 
ATOM   702  O O   . GLN A 1 90  ? -1.403  9.706   -9.926  1.00 36.86 ? 146 GLN A O   1 
ATOM   703  C CB  . GLN A 1 90  ? 0.223   10.232  -12.809 1.00 45.23 ? 146 GLN A CB  1 
ATOM   704  C CG  . GLN A 1 90  ? 0.185   11.001  -14.134 1.00 53.31 ? 146 GLN A CG  1 
ATOM   705  C CD  . GLN A 1 90  ? 1.066   12.255  -14.158 1.00 57.70 ? 146 GLN A CD  1 
ATOM   706  O OE1 . GLN A 1 90  ? 0.616   13.325  -14.577 1.00 62.99 ? 146 GLN A OE1 1 
ATOM   707  N NE2 . GLN A 1 90  ? 2.320   12.125  -13.717 1.00 49.52 ? 146 GLN A NE2 1 
ATOM   708  N N   . SER A 1 91  ? 0.842   9.705   -9.893  1.00 39.01 ? 147 SER A N   1 
ATOM   709  C CA  . SER A 1 91  ? 0.951   8.711   -8.842  1.00 36.19 ? 147 SER A CA  1 
ATOM   710  C C   . SER A 1 91  ? 0.548   9.290   -7.509  1.00 35.04 ? 147 SER A C   1 
ATOM   711  O O   . SER A 1 91  ? -0.183  8.660   -6.748  1.00 36.15 ? 147 SER A O   1 
ATOM   712  C CB  . SER A 1 91  ? 2.389   8.210   -8.753  1.00 35.35 ? 147 SER A CB  1 
ATOM   713  O OG  . SER A 1 91  ? 2.838   7.779   -10.020 1.00 43.35 ? 147 SER A OG  1 
ATOM   714  N N   . GLN A 1 92  ? 1.055   10.481  -7.214  1.00 33.12 ? 148 GLN A N   1 
ATOM   715  C CA  . GLN A 1 92  ? 0.752   11.120  -5.949  1.00 37.46 ? 148 GLN A CA  1 
ATOM   716  C C   . GLN A 1 92  ? -0.749  11.226  -5.767  1.00 32.92 ? 148 GLN A C   1 
ATOM   717  O O   . GLN A 1 92  ? -1.271  10.935  -4.692  1.00 35.52 ? 148 GLN A O   1 
ATOM   718  C CB  . GLN A 1 92  ? 1.372   12.511  -5.866  1.00 38.93 ? 148 GLN A CB  1 
ATOM   719  C CG  . GLN A 1 92  ? 1.299   13.088  -4.469  1.00 29.43 ? 148 GLN A CG  1 
ATOM   720  C CD  . GLN A 1 92  ? 2.003   12.212  -3.451  1.00 28.20 ? 148 GLN A CD  1 
ATOM   721  O OE1 . GLN A 1 92  ? 2.978   11.535  -3.770  1.00 34.46 ? 148 GLN A OE1 1 
ATOM   722  N NE2 . GLN A 1 92  ? 1.517   12.224  -2.220  1.00 32.95 ? 148 GLN A NE2 1 
ATOM   723  N N   . GLY A 1 93  ? -1.435  11.644  -6.824  1.00 29.55 ? 149 GLY A N   1 
ATOM   724  C CA  . GLY A 1 93  ? -2.873  11.814  -6.785  1.00 31.12 ? 149 GLY A CA  1 
ATOM   725  C C   . GLY A 1 93  ? -3.569  10.523  -6.416  1.00 34.34 ? 149 GLY A C   1 
ATOM   726  O O   . GLY A 1 93  ? -4.433  10.499  -5.535  1.00 33.33 ? 149 GLY A O   1 
ATOM   727  N N   . VAL A 1 94  ? -3.184  9.448   -7.098  1.00 31.07 ? 150 VAL A N   1 
ATOM   728  C CA  . VAL A 1 94  ? -3.679  8.108   -6.787  1.00 33.15 ? 150 VAL A CA  1 
ATOM   729  C C   . VAL A 1 94  ? -3.458  7.763   -5.309  1.00 27.86 ? 150 VAL A C   1 
ATOM   730  O O   . VAL A 1 94  ? -4.339  7.223   -4.645  1.00 27.85 ? 150 VAL A O   1 
ATOM   731  C CB  . VAL A 1 94  ? -2.999  7.038   -7.695  1.00 33.09 ? 150 VAL A CB  1 
ATOM   732  C CG1 . VAL A 1 94  ? -3.286  5.624   -7.197  1.00 30.02 ? 150 VAL A CG1 1 
ATOM   733  C CG2 . VAL A 1 94  ? -3.446  7.205   -9.143  1.00 31.78 ? 150 VAL A CG2 1 
ATOM   734  N N   . VAL A 1 95  ? -2.278  8.087   -4.799  1.00 27.98 ? 151 VAL A N   1 
ATOM   735  C CA  . VAL A 1 95  ? -1.931  7.772   -3.419  1.00 32.26 ? 151 VAL A CA  1 
ATOM   736  C C   . VAL A 1 95  ? -2.777  8.560   -2.435  1.00 31.33 ? 151 VAL A C   1 
ATOM   737  O O   . VAL A 1 95  ? -3.273  8.013   -1.453  1.00 32.20 ? 151 VAL A O   1 
ATOM   738  C CB  . VAL A 1 95  ? -0.451  8.065   -3.141  1.00 31.59 ? 151 VAL A CB  1 
ATOM   739  C CG1 . VAL A 1 95  ? -0.141  7.873   -1.670  1.00 28.21 ? 151 VAL A CG1 1 
ATOM   740  C CG2 . VAL A 1 95  ? 0.408   7.162   -3.977  1.00 30.65 ? 151 VAL A CG2 1 
ATOM   741  N N   . GLU A 1 96  ? -2.946  9.850   -2.702  1.00 31.46 ? 152 GLU A N   1 
ATOM   742  C CA  . GLU A 1 96  ? -3.675  10.706  -1.782  1.00 32.75 ? 152 GLU A CA  1 
ATOM   743  C C   . GLU A 1 96  ? -5.137  10.318  -1.707  1.00 30.51 ? 152 GLU A C   1 
ATOM   744  O O   . GLU A 1 96  ? -5.706  10.242  -0.626  1.00 36.54 ? 152 GLU A O   1 
ATOM   745  C CB  . GLU A 1 96  ? -3.503  12.178  -2.145  1.00 27.53 ? 152 GLU A CB  1 
ATOM   746  C CG  . GLU A 1 96  ? -2.110  12.707  -1.842  1.00 33.85 ? 152 GLU A CG  1 
ATOM   747  C CD  . GLU A 1 96  ? -1.848  12.861  -0.352  1.00 41.44 ? 152 GLU A CD  1 
ATOM   748  O OE1 . GLU A 1 96  ? -2.810  12.746  0.437   1.00 44.13 ? 152 GLU A OE1 1 
ATOM   749  O OE2 . GLU A 1 96  ? -0.682  13.105  0.030   1.00 45.91 ? 152 GLU A OE2 1 
ATOM   750  N N   . ARG A 1 97  ? -5.749  10.059  -2.848  1.00 27.44 ? 153 ARG A N   1 
ATOM   751  C CA  . ARG A 1 97  ? -7.112  9.575   -2.831  1.00 30.62 ? 153 ARG A CA  1 
ATOM   752  C C   . ARG A 1 97  ? -7.181  8.278   -2.023  1.00 37.35 ? 153 ARG A C   1 
ATOM   753  O O   . ARG A 1 97  ? -8.053  8.115   -1.164  1.00 38.35 ? 153 ARG A O   1 
ATOM   754  C CB  . ARG A 1 97  ? -7.631  9.350   -4.248  1.00 31.46 ? 153 ARG A CB  1 
ATOM   755  C CG  . ARG A 1 97  ? -9.095  8.958   -4.295  1.00 42.57 ? 153 ARG A CG  1 
ATOM   756  C CD  . ARG A 1 97  ? -9.586  8.783   -5.718  1.00 41.47 ? 153 ARG A CD  1 
ATOM   757  N NE  . ARG A 1 97  ? -8.897  7.694   -6.404  1.00 44.10 ? 153 ARG A NE  1 
ATOM   758  C CZ  . ARG A 1 97  ? -9.005  7.449   -7.708  1.00 58.37 ? 153 ARG A CZ  1 
ATOM   759  N NH1 . ARG A 1 97  ? -8.344  6.434   -8.254  1.00 54.49 ? 153 ARG A NH1 1 
ATOM   760  N NH2 . ARG A 1 97  ? -9.773  8.220   -8.473  1.00 61.30 ? 153 ARG A NH2 1 
ATOM   761  N N   . ALA A 1 98  ? -6.252  7.362   -2.284  1.00 32.12 ? 154 ALA A N   1 
ATOM   762  C CA  . ALA A 1 98  ? -6.264  6.074   -1.601  1.00 32.08 ? 154 ALA A CA  1 
ATOM   763  C C   . ALA A 1 98  ? -6.222  6.274   -0.095  1.00 35.02 ? 154 ALA A C   1 
ATOM   764  O O   . ALA A 1 98  ? -6.976  5.641   0.646   1.00 36.48 ? 154 ALA A O   1 
ATOM   765  C CB  . ALA A 1 98  ? -5.107  5.217   -2.053  1.00 30.24 ? 154 ALA A CB  1 
ATOM   766  N N   . HIS A 1 99  ? -5.349  7.165   0.356   1.00 28.85 ? 155 HIS A N   1 
ATOM   767  C CA  . HIS A 1 99  ? -5.223  7.427   1.784   1.00 35.94 ? 155 HIS A CA  1 
ATOM   768  C C   . HIS A 1 99  ? -6.540  7.927   2.365   1.00 38.13 ? 155 HIS A C   1 
ATOM   769  O O   . HIS A 1 99  ? -6.880  7.642   3.515   1.00 39.55 ? 155 HIS A O   1 
ATOM   770  C CB  . HIS A 1 99  ? -4.125  8.455   2.046   1.00 31.29 ? 155 HIS A CB  1 
ATOM   771  C CG  . HIS A 1 99  ? -2.734  7.912   1.902   1.00 27.88 ? 155 HIS A CG  1 
ATOM   772  N ND1 . HIS A 1 99  ? -1.618  8.640   2.234   1.00 32.86 ? 155 HIS A ND1 1 
ATOM   773  C CD2 . HIS A 1 99  ? -2.291  6.713   1.464   1.00 29.00 ? 155 HIS A CD2 1 
ATOM   774  C CE1 . HIS A 1 99  ? -0.536  7.912   2.003   1.00 29.16 ? 155 HIS A CE1 1 
ATOM   775  N NE2 . HIS A 1 99  ? -0.918  6.742   1.539   1.00 27.93 ? 155 HIS A NE2 1 
ATOM   776  N N   . ARG A 1 100 ? -7.287  8.672   1.566   1.00 36.80 ? 156 ARG A N   1 
ATOM   777  C CA  . ARG A 1 100 ? -8.494  9.292   2.078   1.00 41.81 ? 156 ARG A CA  1 
ATOM   778  C C   . ARG A 1 100 ? -9.647  8.293   2.056   1.00 37.42 ? 156 ARG A C   1 
ATOM   779  O O   . ARG A 1 100 ? -10.428 8.219   3.002   1.00 41.21 ? 156 ARG A O   1 
ATOM   780  C CB  . ARG A 1 100 ? -8.808  10.573  1.298   1.00 39.74 ? 156 ARG A CB  1 
ATOM   781  C CG  . ARG A 1 100 ? -9.917  11.431  1.890   1.00 35.92 ? 156 ARG A CG  1 
ATOM   782  C CD  . ARG A 1 100 ? -11.268 10.981  1.360   1.00 42.96 ? 156 ARG A CD  1 
ATOM   783  N NE  . ARG A 1 100 ? -11.141 10.321  0.056   1.00 51.28 ? 156 ARG A NE  1 
ATOM   784  C CZ  . ARG A 1 100 ? -11.098 10.940  -1.125  1.00 55.09 ? 156 ARG A CZ  1 
ATOM   785  N NH1 . ARG A 1 100 ? -11.167 12.268  -1.207  1.00 61.02 ? 156 ARG A NH1 1 
ATOM   786  N NH2 . ARG A 1 100 ? -10.987 10.223  -2.236  1.00 46.77 ? 156 ARG A NH2 1 
ATOM   787  N N   . ASP A 1 101 ? -9.740  7.510   0.987   1.00 33.50 ? 157 ASP A N   1 
ATOM   788  C CA  . ASP A 1 101 ? -10.689 6.400   0.952   1.00 36.60 ? 157 ASP A CA  1 
ATOM   789  C C   . ASP A 1 101 ? -10.430 5.407   2.089   1.00 34.86 ? 157 ASP A C   1 
ATOM   790  O O   . ASP A 1 101 ? -11.366 4.895   2.691   1.00 33.34 ? 157 ASP A O   1 
ATOM   791  C CB  . ASP A 1 101 ? -10.642 5.685   -0.396  1.00 40.05 ? 157 ASP A CB  1 
ATOM   792  C CG  . ASP A 1 101 ? -11.087 6.571   -1.548  1.00 40.53 ? 157 ASP A CG  1 
ATOM   793  O OD1 . ASP A 1 101 ? -10.718 6.268   -2.700  1.00 39.65 ? 157 ASP A OD1 1 
ATOM   794  O OD2 . ASP A 1 101 ? -11.803 7.568   -1.304  1.00 40.10 ? 157 ASP A OD2 1 
ATOM   795  N N   . LEU A 1 102 ? -9.160  5.147   2.395   1.00 37.72 ? 158 LEU A N   1 
ATOM   796  C CA  . LEU A 1 102 ? -8.833  4.220   3.476   1.00 35.66 ? 158 LEU A CA  1 
ATOM   797  C C   . LEU A 1 102 ? -9.330  4.738   4.812   1.00 36.61 ? 158 LEU A C   1 
ATOM   798  O O   . LEU A 1 102 ? -9.895  3.982   5.597   1.00 36.30 ? 158 LEU A O   1 
ATOM   799  C CB  . LEU A 1 102 ? -7.333  3.945   3.557   1.00 30.07 ? 158 LEU A CB  1 
ATOM   800  C CG  . LEU A 1 102 ? -6.955  2.818   4.535   1.00 35.91 ? 158 LEU A CG  1 
ATOM   801  C CD1 . LEU A 1 102 ? -7.639  1.485   4.179   1.00 24.62 ? 158 LEU A CD1 1 
ATOM   802  C CD2 . LEU A 1 102 ? -5.449  2.630   4.611   1.00 28.27 ? 158 LEU A CD2 1 
ATOM   803  N N   . LYS A 1 103 ? -9.112  6.025   5.067   1.00 37.69 ? 159 LYS A N   1 
ATOM   804  C CA  . LYS A 1 103 ? -9.572  6.652   6.303   1.00 38.69 ? 159 LYS A CA  1 
ATOM   805  C C   . LYS A 1 103 ? -11.095 6.745   6.373   1.00 37.06 ? 159 LYS A C   1 
ATOM   806  O O   . LYS A 1 103 ? -11.674 6.675   7.451   1.00 43.05 ? 159 LYS A O   1 
ATOM   807  C CB  . LYS A 1 103 ? -8.950  8.037   6.481   1.00 43.32 ? 159 LYS A CB  1 
ATOM   808  C CG  . LYS A 1 103 ? -7.482  8.003   6.825   1.00 44.60 ? 159 LYS A CG  1 
ATOM   809  C CD  . LYS A 1 103 ? -6.966  9.381   7.179   1.00 50.32 ? 159 LYS A CD  1 
ATOM   810  C CE  . LYS A 1 103 ? -5.495  9.332   7.571   1.00 49.03 ? 159 LYS A CE  1 
ATOM   811  N NZ  . LYS A 1 103 ? -5.248  8.414   8.719   1.00 55.93 ? 159 LYS A NZ  1 
ATOM   812  N N   . ASP A 1 104 ? -11.741 6.911   5.226   1.00 39.44 ? 160 ASP A N   1 
ATOM   813  C CA  . ASP A 1 104 ? -13.202 6.883   5.179   1.00 46.34 ? 160 ASP A CA  1 
ATOM   814  C C   . ASP A 1 104 ? -13.709 5.497   5.527   1.00 43.62 ? 160 ASP A C   1 
ATOM   815  O O   . ASP A 1 104 ? -14.495 5.331   6.458   1.00 47.77 ? 160 ASP A O   1 
ATOM   816  C CB  . ASP A 1 104 ? -13.725 7.280   3.795   1.00 42.59 ? 160 ASP A CB  1 
ATOM   817  C CG  . ASP A 1 104 ? -13.575 8.764   3.519   1.00 46.57 ? 160 ASP A CG  1 
ATOM   818  O OD1 . ASP A 1 104 ? -13.722 9.170   2.341   1.00 47.05 ? 160 ASP A OD1 1 
ATOM   819  O OD2 . ASP A 1 104 ? -13.308 9.520   4.481   1.00 49.21 ? 160 ASP A OD2 1 
ATOM   820  N N   . ARG A 1 105 ? -13.257 4.504   4.767   1.00 38.62 ? 161 ARG A N   1 
ATOM   821  C CA  . ARG A 1 105 ? -13.681 3.124   4.969   1.00 42.11 ? 161 ARG A CA  1 
ATOM   822  C C   . ARG A 1 105 ? -13.315 2.648   6.366   1.00 41.46 ? 161 ARG A C   1 
ATOM   823  O O   . ARG A 1 105 ? -14.039 1.863   6.969   1.00 42.04 ? 161 ARG A O   1 
ATOM   824  C CB  . ARG A 1 105 ? -13.060 2.206   3.909   1.00 42.01 ? 161 ARG A CB  1 
ATOM   825  C CG  . ARG A 1 105 ? -13.564 2.465   2.492   1.00 39.19 ? 161 ARG A CG  1 
ATOM   826  C CD  . ARG A 1 105 ? -14.989 1.959   2.312   1.00 47.24 ? 161 ARG A CD  1 
ATOM   827  N NE  . ARG A 1 105 ? -15.983 2.822   2.942   1.00 50.37 ? 161 ARG A NE  1 
ATOM   828  C CZ  . ARG A 1 105 ? -17.176 2.412   3.363   1.00 52.55 ? 161 ARG A CZ  1 
ATOM   829  N NH1 . ARG A 1 105 ? -17.526 1.138   3.245   1.00 54.46 ? 161 ARG A NH1 1 
ATOM   830  N NH2 . ARG A 1 105 ? -18.014 3.276   3.920   1.00 57.27 ? 161 ARG A NH2 1 
ATOM   831  N N   . LEU A 1 106 ? -12.195 3.145   6.878   1.00 41.92 ? 162 LEU A N   1 
ATOM   832  C CA  . LEU A 1 106 ? -11.721 2.781   8.204   1.00 37.77 ? 162 LEU A CA  1 
ATOM   833  C C   . LEU A 1 106 ? -12.665 3.327   9.263   1.00 42.86 ? 162 LEU A C   1 
ATOM   834  O O   . LEU A 1 106 ? -12.956 2.664   10.253  1.00 49.92 ? 162 LEU A O   1 
ATOM   835  C CB  . LEU A 1 106 ? -10.316 3.341   8.410   1.00 45.26 ? 162 LEU A CB  1 
ATOM   836  C CG  . LEU A 1 106 ? -9.347  2.604   9.333   1.00 50.64 ? 162 LEU A CG  1 
ATOM   837  C CD1 . LEU A 1 106 ? -9.554  1.099   9.270   1.00 39.79 ? 162 LEU A CD1 1 
ATOM   838  C CD2 . LEU A 1 106 ? -7.921  2.968   8.966   1.00 48.05 ? 162 LEU A CD2 1 
ATOM   839  N N   . ALA A 1 107 ? -13.138 4.548   9.053   1.00 46.57 ? 163 ALA A N   1 
ATOM   840  C CA  . ALA A 1 107 ? -14.099 5.163   9.960   1.00 47.27 ? 163 ALA A CA  1 
ATOM   841  C C   . ALA A 1 107 ? -15.414 4.388   9.960   1.00 49.52 ? 163 ALA A C   1 
ATOM   842  O O   . ALA A 1 107 ? -16.038 4.208   11.003  1.00 52.76 ? 163 ALA A O   1 
ATOM   843  C CB  . ALA A 1 107 ? -14.341 6.598   9.563   1.00 41.54 ? 163 ALA A CB  1 
ATOM   844  N N   . ALA A 1 108 ? -15.826 3.933   8.780   1.00 47.36 ? 164 ALA A N   1 
ATOM   845  C CA  . ALA A 1 108 ? -17.103 3.243   8.606   1.00 44.85 ? 164 ALA A CA  1 
ATOM   846  C C   . ALA A 1 108 ? -17.165 1.905   9.340   1.00 46.59 ? 164 ALA A C   1 
ATOM   847  O O   . ALA A 1 108 ? -18.224 1.505   9.822   1.00 48.38 ? 164 ALA A O   1 
ATOM   848  C CB  . ALA A 1 108 ? -17.404 3.047   7.119   1.00 41.70 ? 164 ALA A CB  1 
ATOM   849  N N   . TYR A 1 109 ? -16.034 1.211   9.411   1.00 42.40 ? 165 TYR A N   1 
ATOM   850  C CA  . TYR A 1 109 ? -15.987 -0.090  10.066  1.00 46.83 ? 165 TYR A CA  1 
ATOM   851  C C   . TYR A 1 109 ? -15.478 0.056   11.493  1.00 47.77 ? 165 TYR A C   1 
ATOM   852  O O   . TYR A 1 109 ? -15.574 -0.871  12.296  1.00 52.21 ? 165 TYR A O   1 
ATOM   853  C CB  . TYR A 1 109 ? -15.133 -1.088  9.264   1.00 42.26 ? 165 TYR A CB  1 
ATOM   854  C CG  . TYR A 1 109 ? -15.753 -1.467  7.936   1.00 38.89 ? 165 TYR A CG  1 
ATOM   855  C CD1 . TYR A 1 109 ? -16.676 -2.503  7.843   1.00 39.49 ? 165 TYR A CD1 1 
ATOM   856  C CD2 . TYR A 1 109 ? -15.429 -0.778  6.777   1.00 41.40 ? 165 TYR A CD2 1 
ATOM   857  C CE1 . TYR A 1 109 ? -17.257 -2.846  6.625   1.00 43.20 ? 165 TYR A CE1 1 
ATOM   858  C CE2 . TYR A 1 109 ? -16.004 -1.106  5.557   1.00 42.58 ? 165 TYR A CE2 1 
ATOM   859  C CZ  . TYR A 1 109 ? -16.918 -2.138  5.483   1.00 48.48 ? 165 TYR A CZ  1 
ATOM   860  O OH  . TYR A 1 109 ? -17.488 -2.459  4.263   1.00 47.49 ? 165 TYR A OH  1 
ATOM   861  N N   . GLN A 1 110 ? -14.953 1.235   11.801  1.00 49.77 ? 166 GLN A N   1 
ATOM   862  C CA  . GLN A 1 110 ? -14.423 1.533   13.129  1.00 54.45 ? 166 GLN A CA  1 
ATOM   863  C C   . GLN A 1 110 ? -15.407 1.178   14.238  1.00 56.17 ? 166 GLN A C   1 
ATOM   864  O O   . GLN A 1 110 ? -15.021 0.621   15.266  1.00 54.60 ? 166 GLN A O   1 
ATOM   865  C CB  . GLN A 1 110 ? -14.041 3.015   13.216  1.00 59.25 ? 166 GLN A CB  1 
ATOM   866  C CG  . GLN A 1 110 ? -13.978 3.587   14.631  1.00 68.22 ? 166 GLN A CG  1 
ATOM   867  C CD  . GLN A 1 110 ? -15.243 4.338   15.027  1.00 71.77 ? 166 GLN A CD  1 
ATOM   868  O OE1 . GLN A 1 110 ? -15.531 4.516   16.215  1.00 71.22 ? 166 GLN A OE1 1 
ATOM   869  N NE2 . GLN A 1 110 ? -16.004 4.783   14.032  1.00 69.93 ? 166 GLN A NE2 1 
ATOM   870  N N   . GLY A 1 111 ? -16.680 1.495   14.020  1.00 55.86 ? 167 GLY A N   1 
ATOM   871  C CA  . GLY A 1 111 ? -17.700 1.296   15.032  1.00 56.65 ? 167 GLY A CA  1 
ATOM   872  C C   . GLY A 1 111 ? -18.298 -0.096  15.081  1.00 52.93 ? 167 GLY A C   1 
ATOM   873  O O   . GLY A 1 111 ? -19.321 -0.309  15.727  1.00 57.66 ? 167 GLY A O   1 
ATOM   874  N N   . ASP A 1 112 ? -17.666 -1.046  14.401  1.00 57.06 ? 168 ASP A N   1 
ATOM   875  C CA  . ASP A 1 112 ? -18.140 -2.428  14.396  1.00 50.97 ? 168 ASP A CA  1 
ATOM   876  C C   . ASP A 1 112 ? -17.010 -3.382  14.768  1.00 50.95 ? 168 ASP A C   1 
ATOM   877  O O   . ASP A 1 112 ? -17.162 -4.608  14.691  1.00 46.44 ? 168 ASP A O   1 
ATOM   878  C CB  . ASP A 1 112 ? -18.698 -2.804  13.021  1.00 49.04 ? 168 ASP A CB  1 
ATOM   879  C CG  . ASP A 1 112 ? -19.670 -1.771  12.480  1.00 57.32 ? 168 ASP A CG  1 
ATOM   880  O OD1 . ASP A 1 112 ? -19.719 -1.587  11.243  1.00 54.70 ? 168 ASP A OD1 1 
ATOM   881  O OD2 . ASP A 1 112 ? -20.383 -1.141  13.290  1.00 66.64 ? 168 ASP A OD2 1 
ATOM   882  N N   . CYS A 1 113 ? -15.877 -2.811  15.172  1.00 45.95 ? 169 CYS A N   1 
ATOM   883  C CA  . CYS A 1 113 ? -14.686 -3.591  15.480  1.00 45.59 ? 169 CYS A CA  1 
ATOM   884  C C   . CYS A 1 113 ? -14.053 -3.177  16.789  1.00 48.63 ? 169 CYS A C   1 
ATOM   885  O O   . CYS A 1 113 ? -14.305 -2.086  17.297  1.00 55.46 ? 169 CYS A O   1 
ATOM   886  C CB  . CYS A 1 113 ? -13.648 -3.439  14.378  1.00 43.95 ? 169 CYS A CB  1 
ATOM   887  S SG  . CYS A 1 113 ? -14.199 -4.034  12.795  1.00 45.61 ? 169 CYS A SG  1 
ATOM   888  N N   . GLU A 1 114 ? -13.204 -4.052  17.311  1.00 48.66 ? 170 GLU A N   1 
ATOM   889  C CA  . GLU A 1 114 ? -12.530 -3.809  18.573  1.00 44.99 ? 170 GLU A CA  1 
ATOM   890  C C   . GLU A 1 114 ? -11.120 -3.335  18.316  1.00 44.13 ? 170 GLU A C   1 
ATOM   891  O O   . GLU A 1 114 ? -10.638 -2.402  18.955  1.00 51.53 ? 170 GLU A O   1 
ATOM   892  C CB  . GLU A 1 114 ? -12.495 -5.088  19.405  1.00 53.41 ? 170 GLU A CB  1 
ATOM   893  C CG  . GLU A 1 114 ? -13.853 -5.715  19.616  1.00 55.16 ? 170 GLU A CG  1 
ATOM   894  C CD  . GLU A 1 114 ? -13.804 -6.879  20.572  1.00 55.82 ? 170 GLU A CD  1 
ATOM   895  O OE1 . GLU A 1 114 ? -12.781 -7.600  20.582  1.00 51.63 ? 170 GLU A OE1 1 
ATOM   896  O OE2 . GLU A 1 114 ? -14.794 -7.068  21.311  1.00 60.58 ? 170 GLU A OE2 1 
ATOM   897  N N   . THR A 1 115 ? -10.449 -3.984  17.377  1.00 45.79 ? 171 THR A N   1 
ATOM   898  C CA  . THR A 1 115 ? -9.073  -3.629  17.086  1.00 46.22 ? 171 THR A CA  1 
ATOM   899  C C   . THR A 1 115 ? -8.987  -2.882  15.776  1.00 43.04 ? 171 THR A C   1 
ATOM   900  O O   . THR A 1 115 ? -9.860  -3.009  14.911  1.00 44.55 ? 171 THR A O   1 
ATOM   901  C CB  . THR A 1 115 ? -8.170  -4.864  17.012  1.00 48.06 ? 171 THR A CB  1 
ATOM   902  O OG1 . THR A 1 115 ? -8.652  -5.742  15.988  1.00 45.63 ? 171 THR A OG1 1 
ATOM   903  C CG2 . THR A 1 115 ? -8.154  -5.595  18.352  1.00 46.61 ? 171 THR A CG2 1 
ATOM   904  N N   . VAL A 1 116 ? -7.931  -2.094  15.636  1.00 41.45 ? 172 VAL A N   1 
ATOM   905  C CA  . VAL A 1 116 ? -7.683  -1.389  14.394  1.00 40.33 ? 172 VAL A CA  1 
ATOM   906  C C   . VAL A 1 116 ? -7.279  -2.377  13.299  1.00 38.25 ? 172 VAL A C   1 
ATOM   907  O O   . VAL A 1 116 ? -7.636  -2.203  12.131  1.00 34.80 ? 172 VAL A O   1 
ATOM   908  C CB  . VAL A 1 116 ? -6.607  -0.309  14.576  1.00 49.18 ? 172 VAL A CB  1 
ATOM   909  C CG1 . VAL A 1 116 ? -6.620  0.642   13.391  1.00 43.19 ? 172 VAL A CG1 1 
ATOM   910  C CG2 . VAL A 1 116 ? -6.853  0.452   15.875  1.00 50.63 ? 172 VAL A CG2 1 
ATOM   911  N N   . GLU A 1 117 ? -6.563  -3.433  13.678  1.00 36.05 ? 173 GLU A N   1 
ATOM   912  C CA  . GLU A 1 117 ? -6.149  -4.437  12.701  1.00 39.07 ? 173 GLU A CA  1 
ATOM   913  C C   . GLU A 1 117 ? -7.348  -5.055  11.999  1.00 34.13 ? 173 GLU A C   1 
ATOM   914  O O   . GLU A 1 117 ? -7.355  -5.198  10.775  1.00 34.07 ? 173 GLU A O   1 
ATOM   915  C CB  . GLU A 1 117 ? -5.261  -5.516  13.334  1.00 32.90 ? 173 GLU A CB  1 
ATOM   916  C CG  . GLU A 1 117 ? -5.260  -5.513  14.846  1.00 44.49 ? 173 GLU A CG  1 
ATOM   917  C CD  . GLU A 1 117 ? -4.409  -4.401  15.421  1.00 45.18 ? 173 GLU A CD  1 
ATOM   918  O OE1 . GLU A 1 117 ? -4.988  -3.443  15.978  1.00 48.20 ? 173 GLU A OE1 1 
ATOM   919  O OE2 . GLU A 1 117 ? -3.165  -4.476  15.302  1.00 49.50 ? 173 GLU A OE2 1 
ATOM   920  N N   . ALA A 1 118 ? -8.364  -5.413  12.775  1.00 27.63 ? 174 ALA A N   1 
ATOM   921  C CA  . ALA A 1 118 ? -9.587  -5.968  12.221  1.00 23.65 ? 174 ALA A CA  1 
ATOM   922  C C   . ALA A 1 118 ? -10.310 -4.937  11.351  1.00 34.96 ? 174 ALA A C   1 
ATOM   923  O O   . ALA A 1 118 ? -10.766 -5.246  10.248  1.00 31.46 ? 174 ALA A O   1 
ATOM   924  C CB  . ALA A 1 118 ? -10.489 -6.452  13.332  1.00 28.94 ? 174 ALA A CB  1 
ATOM   925  N N   . ALA A 1 119 ? -10.413 -3.707  11.845  1.00 37.45 ? 175 ALA A N   1 
ATOM   926  C CA  . ALA A 1 119 ? -11.001 -2.631  11.055  1.00 34.19 ? 175 ALA A CA  1 
ATOM   927  C C   . ALA A 1 119 ? -10.265 -2.454  9.730   1.00 29.04 ? 175 ALA A C   1 
ATOM   928  O O   . ALA A 1 119 ? -10.884 -2.279  8.685   1.00 30.14 ? 175 ALA A O   1 
ATOM   929  C CB  . ALA A 1 119 ? -10.989 -1.330  11.839  1.00 37.82 ? 175 ALA A CB  1 
ATOM   930  N N   . LEU A 1 120 ? -8.942  -2.492  9.781   1.00 28.47 ? 176 LEU A N   1 
ATOM   931  C CA  . LEU A 1 120 ? -8.125  -2.260  8.592   1.00 33.94 ? 176 LEU A CA  1 
ATOM   932  C C   . LEU A 1 120 ? -8.399  -3.314  7.521   1.00 33.04 ? 176 LEU A C   1 
ATOM   933  O O   . LEU A 1 120 ? -8.531  -3.001  6.335   1.00 34.64 ? 176 LEU A O   1 
ATOM   934  C CB  . LEU A 1 120 ? -6.637  -2.235  8.968   1.00 30.52 ? 176 LEU A CB  1 
ATOM   935  C CG  . LEU A 1 120 ? -5.619  -1.984  7.858   1.00 35.09 ? 176 LEU A CG  1 
ATOM   936  C CD1 . LEU A 1 120 ? -5.898  -0.658  7.157   1.00 30.46 ? 176 LEU A CD1 1 
ATOM   937  C CD2 . LEU A 1 120 ? -4.206  -2.012  8.418   1.00 29.82 ? 176 LEU A CD2 1 
ATOM   938  N N   . SER A 1 121 ? -8.504  -4.563  7.947   1.00 25.92 ? 177 SER A N   1 
ATOM   939  C CA  . SER A 1 121 ? -8.805  -5.637  7.028   1.00 23.14 ? 177 SER A CA  1 
ATOM   940  C C   . SER A 1 121 ? -10.137 -5.411  6.329   1.00 28.38 ? 177 SER A C   1 
ATOM   941  O O   . SER A 1 121 ? -10.225 -5.509  5.107   1.00 30.37 ? 177 SER A O   1 
ATOM   942  C CB  . SER A 1 121 ? -8.793  -6.965  7.770   1.00 26.21 ? 177 SER A CB  1 
ATOM   943  O OG  . SER A 1 121 ? -7.547  -7.148  8.428   1.00 27.30 ? 177 SER A OG  1 
ATOM   944  N N   . LEU A 1 122 ? -11.175 -5.103  7.099   1.00 30.56 ? 178 LEU A N   1 
ATOM   945  C CA  . LEU A 1 122 ? -12.489 -4.816  6.526   1.00 28.15 ? 178 LEU A CA  1 
ATOM   946  C C   . LEU A 1 122 ? -12.463 -3.606  5.597   1.00 29.71 ? 178 LEU A C   1 
ATOM   947  O O   . LEU A 1 122 ? -13.113 -3.608  4.557   1.00 34.03 ? 178 LEU A O   1 
ATOM   948  C CB  . LEU A 1 122 ? -13.538 -4.613  7.622   1.00 32.93 ? 178 LEU A CB  1 
ATOM   949  C CG  . LEU A 1 122 ? -13.873 -5.850  8.460   1.00 35.78 ? 178 LEU A CG  1 
ATOM   950  C CD1 . LEU A 1 122 ? -14.839 -5.508  9.563   1.00 36.38 ? 178 LEU A CD1 1 
ATOM   951  C CD2 . LEU A 1 122 ? -14.441 -6.957  7.598   1.00 35.04 ? 178 LEU A CD2 1 
ATOM   952  N N   . ALA A 1 123 ? -11.712 -2.578  5.973   1.00 24.23 ? 179 ALA A N   1 
ATOM   953  C CA  . ALA A 1 123 ? -11.576 -1.381  5.145   1.00 24.10 ? 179 ALA A CA  1 
ATOM   954  C C   . ALA A 1 123 ? -10.885 -1.672  3.817   1.00 27.66 ? 179 ALA A C   1 
ATOM   955  O O   . ALA A 1 123 ? -11.292 -1.182  2.762   1.00 28.56 ? 179 ALA A O   1 
ATOM   956  C CB  . ALA A 1 123 ? -10.813 -0.317  5.898   1.00 30.20 ? 179 ALA A CB  1 
ATOM   957  N N   . LEU A 1 124 ? -9.824  -2.464  3.870   1.00 29.89 ? 180 LEU A N   1 
ATOM   958  C CA  . LEU A 1 124 ? -9.114  -2.851  2.660   1.00 26.29 ? 180 LEU A CA  1 
ATOM   959  C C   . LEU A 1 124 ? -10.000 -3.618  1.675   1.00 28.47 ? 180 LEU A C   1 
ATOM   960  O O   . LEU A 1 124 ? -9.976  -3.345  0.472   1.00 25.23 ? 180 LEU A O   1 
ATOM   961  C CB  . LEU A 1 124 ? -7.884  -3.672  3.022   1.00 30.43 ? 180 LEU A CB  1 
ATOM   962  C CG  . LEU A 1 124 ? -6.843  -2.852  3.772   1.00 26.13 ? 180 LEU A CG  1 
ATOM   963  C CD1 . LEU A 1 124 ? -5.752  -3.744  4.301   1.00 23.60 ? 180 LEU A CD1 1 
ATOM   964  C CD2 . LEU A 1 124 ? -6.289  -1.810  2.833   1.00 26.49 ? 180 LEU A CD2 1 
ATOM   965  N N   . VAL A 1 125 ? -10.776 -4.579  2.174   1.00 26.46 ? 181 VAL A N   1 
ATOM   966  C CA  . VAL A 1 125 ? -11.641 -5.357  1.285   1.00 26.28 ? 181 VAL A CA  1 
ATOM   967  C C   . VAL A 1 125 ? -12.709 -4.485  0.639   1.00 28.18 ? 181 VAL A C   1 
ATOM   968  O O   . VAL A 1 125 ? -13.005 -4.633  -0.541  1.00 30.46 ? 181 VAL A O   1 
ATOM   969  C CB  . VAL A 1 125 ? -12.267 -6.605  1.971   1.00 31.78 ? 181 VAL A CB  1 
ATOM   970  C CG1 . VAL A 1 125 ? -12.003 -6.601  3.453   1.00 34.48 ? 181 VAL A CG1 1 
ATOM   971  C CG2 . VAL A 1 125 ? -13.756 -6.696  1.677   1.00 33.95 ? 181 VAL A CG2 1 
ATOM   972  N N   . SER A 1 126 ? -13.264 -3.560  1.411   1.00 29.22 ? 182 SER A N   1 
ATOM   973  C CA  . SER A 1 126 ? -14.233 -2.607  0.889   1.00 31.40 ? 182 SER A CA  1 
ATOM   974  C C   . SER A 1 126 ? -13.641 -1.799  -0.272  1.00 31.70 ? 182 SER A C   1 
ATOM   975  O O   . SER A 1 126 ? -14.145 -1.825  -1.389  1.00 36.10 ? 182 SER A O   1 
ATOM   976  C CB  . SER A 1 126 ? -14.690 -1.669  2.007   1.00 32.23 ? 182 SER A CB  1 
ATOM   977  O OG  . SER A 1 126 ? -15.537 -0.652  1.511   1.00 42.23 ? 182 SER A OG  1 
ATOM   978  N N   . LEU A 1 127 ? -12.556 -1.096  0.017   1.00 33.29 ? 183 LEU A N   1 
ATOM   979  C CA  . LEU A 1 127 ? -11.867 -0.235  -0.931  1.00 29.81 ? 183 LEU A CA  1 
ATOM   980  C C   . LEU A 1 127 ? -11.424 -0.968  -2.190  1.00 31.26 ? 183 LEU A C   1 
ATOM   981  O O   . LEU A 1 127 ? -11.711 -0.537  -3.311  1.00 33.12 ? 183 LEU A O   1 
ATOM   982  C CB  . LEU A 1 127 ? -10.645 0.350   -0.229  1.00 31.90 ? 183 LEU A CB  1 
ATOM   983  C CG  . LEU A 1 127 ? -10.098 1.718   -0.607  1.00 34.29 ? 183 LEU A CG  1 
ATOM   984  C CD1 . LEU A 1 127 ? -9.537  2.358   0.640   1.00 34.49 ? 183 LEU A CD1 1 
ATOM   985  C CD2 . LEU A 1 127 ? -9.031  1.578   -1.685  1.00 45.94 ? 183 LEU A CD2 1 
ATOM   986  N N   . ASN A 1 128 ? -10.722 -2.078  -1.998  1.00 28.92 ? 184 ASN A N   1 
ATOM   987  C CA  . ASN A 1 128 ? -10.129 -2.819  -3.100  1.00 26.94 ? 184 ASN A CA  1 
ATOM   988  C C   . ASN A 1 128 ? -11.126 -3.701  -3.851  1.00 29.43 ? 184 ASN A C   1 
ATOM   989  O O   . ASN A 1 128 ? -11.041 -3.843  -5.065  1.00 30.06 ? 184 ASN A O   1 
ATOM   990  C CB  . ASN A 1 128 ? -8.976  -3.693  -2.588  1.00 28.12 ? 184 ASN A CB  1 
ATOM   991  C CG  . ASN A 1 128 ? -7.790  -2.884  -2.071  1.00 21.26 ? 184 ASN A CG  1 
ATOM   992  O OD1 . ASN A 1 128 ? -7.548  -1.757  -2.495  1.00 27.65 ? 184 ASN A OD1 1 
ATOM   993  N ND2 . ASN A 1 128 ? -7.032  -3.479  -1.161  1.00 22.08 ? 184 ASN A ND2 1 
ATOM   994  N N   . LYS A 1 129 ? -12.068 -4.299  -3.127  1.00 33.00 ? 185 LYS A N   1 
ATOM   995  C CA  . LYS A 1 129 ? -12.880 -5.378  -3.695  1.00 35.89 ? 185 LYS A CA  1 
ATOM   996  C C   . LYS A 1 129 ? -14.350 -5.043  -3.903  1.00 37.80 ? 185 LYS A C   1 
ATOM   997  O O   . LYS A 1 129 ? -15.037 -5.699  -4.683  1.00 39.68 ? 185 LYS A O   1 
ATOM   998  C CB  . LYS A 1 129 ? -12.802 -6.628  -2.814  1.00 36.35 ? 185 LYS A CB  1 
ATOM   999  C CG  . LYS A 1 129 ? -11.443 -7.293  -2.725  1.00 37.43 ? 185 LYS A CG  1 
ATOM   1000 C CD  . LYS A 1 129 ? -11.532 -8.560  -1.878  1.00 33.59 ? 185 LYS A CD  1 
ATOM   1001 C CE  . LYS A 1 129 ? -10.224 -9.329  -1.892  1.00 33.61 ? 185 LYS A CE  1 
ATOM   1002 N NZ  . LYS A 1 129 ? -10.440 -10.726 -1.441  1.00 36.77 ? 185 LYS A NZ  1 
ATOM   1003 N N   . LYS A 1 130 ? -14.841 -4.039  -3.199  1.00 34.62 ? 186 LYS A N   1 
ATOM   1004 C CA  . LYS A 1 130 ? -16.264 -3.771  -3.213  1.00 39.12 ? 186 LYS A CA  1 
ATOM   1005 C C   . LYS A 1 130 ? -16.587 -2.488  -3.946  1.00 45.86 ? 186 LYS A C   1 
ATOM   1006 O O   . LYS A 1 130 ? -17.583 -2.412  -4.660  1.00 49.99 ? 186 LYS A O   1 
ATOM   1007 C CB  . LYS A 1 130 ? -16.799 -3.716  -1.786  1.00 36.97 ? 186 LYS A CB  1 
ATOM   1008 C CG  . LYS A 1 130 ? -16.658 -5.032  -1.045  1.00 32.48 ? 186 LYS A CG  1 
ATOM   1009 C CD  . LYS A 1 130 ? -17.390 -4.990  0.284   1.00 39.30 ? 186 LYS A CD  1 
ATOM   1010 C CE  . LYS A 1 130 ? -17.316 -6.330  1.007   1.00 50.02 ? 186 LYS A CE  1 
ATOM   1011 N NZ  . LYS A 1 130 ? -17.866 -7.448  0.186   1.00 48.85 ? 186 LYS A NZ  1 
ATOM   1012 N N   . ARG A 1 131 ? -15.746 -1.477  -3.769  1.00 42.95 ? 187 ARG A N   1 
ATOM   1013 C CA  . ARG A 1 131 ? -15.976 -0.196  -4.420  1.00 47.90 ? 187 ARG A CA  1 
ATOM   1014 C C   . ARG A 1 131 ? -15.403 -0.209  -5.835  1.00 52.55 ? 187 ARG A C   1 
ATOM   1015 O O   . ARG A 1 131 ? -14.260 -0.615  -6.050  1.00 55.02 ? 187 ARG A O   1 
ATOM   1016 C CB  . ARG A 1 131 ? -15.363 0.942   -3.602  1.00 51.66 ? 187 ARG A CB  1 
ATOM   1017 C CG  . ARG A 1 131 ? -15.789 0.956   -2.136  1.00 47.94 ? 187 ARG A CG  1 
ATOM   1018 C CD  . ARG A 1 131 ? -17.214 1.449   -1.964  1.00 52.61 ? 187 ARG A CD  1 
ATOM   1019 N NE  . ARG A 1 131 ? -17.751 1.085   -0.656  1.00 65.07 ? 187 ARG A NE  1 
ATOM   1020 C CZ  . ARG A 1 131 ? -18.776 1.697   -0.070  1.00 65.27 ? 187 ARG A CZ  1 
ATOM   1021 N NH1 . ARG A 1 131 ? -19.371 2.718   -0.672  1.00 61.56 ? 187 ARG A NH1 1 
ATOM   1022 N NH2 . ARG A 1 131 ? -19.200 1.293   1.122   1.00 63.01 ? 187 ARG A NH2 1 
ATOM   1023 N N   . GLY A 1 132 ? -16.201 0.229   -6.799  1.00 51.26 ? 188 GLY A N   1 
ATOM   1024 C CA  . GLY A 1 132 ? -15.764 0.267   -8.180  1.00 47.48 ? 188 GLY A CA  1 
ATOM   1025 C C   . GLY A 1 132 ? -16.782 0.967   -9.048  1.00 47.73 ? 188 GLY A C   1 
ATOM   1026 O O   . GLY A 1 132 ? -17.853 1.353   -8.575  1.00 46.55 ? 188 GLY A O   1 
ATOM   1027 N N   . GLY A 1 133 ? -16.448 1.133   -10.322 1.00 47.89 ? 189 GLY A N   1 
ATOM   1028 C CA  . GLY A 1 133 ? -17.337 1.802   -11.253 1.00 49.94 ? 189 GLY A CA  1 
ATOM   1029 C C   . GLY A 1 133 ? -18.585 0.979   -11.481 1.00 45.09 ? 189 GLY A C   1 
ATOM   1030 O O   . GLY A 1 133 ? -18.519 -0.243  -11.520 1.00 45.86 ? 189 GLY A O   1 
ATOM   1031 N N   . ILE A 1 134 ? -19.729 1.642   -11.609 1.00 44.50 ? 190 ILE A N   1 
ATOM   1032 C CA  . ILE A 1 134 ? -20.964 0.945   -11.928 1.00 41.38 ? 190 ILE A CA  1 
ATOM   1033 C C   . ILE A 1 134 ? -20.700 0.136   -13.191 1.00 40.02 ? 190 ILE A C   1 
ATOM   1034 O O   . ILE A 1 134 ? -20.431 0.707   -14.247 1.00 40.27 ? 190 ILE A O   1 
ATOM   1035 C CB  . ILE A 1 134 ? -22.104 1.940   -12.208 1.00 44.26 ? 190 ILE A CB  1 
ATOM   1036 C CG1 . ILE A 1 134 ? -22.041 3.124   -11.243 1.00 42.45 ? 190 ILE A CG1 1 
ATOM   1037 C CG2 . ILE A 1 134 ? -23.454 1.250   -12.129 1.00 38.21 ? 190 ILE A CG2 1 
ATOM   1038 C CD1 . ILE A 1 134 ? -22.453 2.771   -9.846  1.00 44.97 ? 190 ILE A CD1 1 
ATOM   1039 N N   . GLY A 1 135 ? -20.745 -1.189  -13.079 1.00 40.47 ? 191 GLY A N   1 
ATOM   1040 C CA  . GLY A 1 135 ? -20.423 -2.063  -14.198 1.00 40.96 ? 191 GLY A CA  1 
ATOM   1041 C C   . GLY A 1 135 ? -18.970 -1.990  -14.665 1.00 47.96 ? 191 GLY A C   1 
ATOM   1042 O O   . GLY A 1 135 ? -18.648 -2.351  -15.803 1.00 43.86 ? 191 GLY A O   1 
ATOM   1043 N N   . GLY A 1 136 ? -18.091 -1.522  -13.784 1.00 43.62 ? 192 GLY A N   1 
ATOM   1044 C CA  . GLY A 1 136 ? -16.680 -1.402  -14.099 1.00 50.16 ? 192 GLY A CA  1 
ATOM   1045 C C   . GLY A 1 136 ? -15.780 -2.203  -13.171 1.00 48.02 ? 192 GLY A C   1 
ATOM   1046 O O   . GLY A 1 136 ? -16.210 -3.170  -12.537 1.00 46.29 ? 192 GLY A O   1 
ATOM   1047 N N   . HIS A 1 137 ? -14.523 -1.788  -13.083 1.00 48.51 ? 193 HIS A N   1 
ATOM   1048 C CA  . HIS A 1 137 ? -13.548 -2.483  -12.251 1.00 46.40 ? 193 HIS A CA  1 
ATOM   1049 C C   . HIS A 1 137 ? -13.374 -1.852  -10.871 1.00 45.27 ? 193 HIS A C   1 
ATOM   1050 O O   . HIS A 1 137 ? -13.529 -0.640  -10.682 1.00 42.64 ? 193 HIS A O   1 
ATOM   1051 C CB  . HIS A 1 137 ? -12.190 -2.555  -12.959 1.00 41.15 ? 193 HIS A CB  1 
ATOM   1052 C CG  . HIS A 1 137 ? -12.281 -2.944  -14.402 1.00 51.64 ? 193 HIS A CG  1 
ATOM   1053 N ND1 . HIS A 1 137 ? -12.130 -2.030  -15.429 1.00 55.44 ? 193 HIS A ND1 1 
ATOM   1054 C CD2 . HIS A 1 137 ? -12.515 -4.135  -14.992 1.00 53.59 ? 193 HIS A CD2 1 
ATOM   1055 C CE1 . HIS A 1 137 ? -12.266 -2.650  -16.585 1.00 52.60 ? 193 HIS A CE1 1 
ATOM   1056 N NE2 . HIS A 1 137 ? -12.504 -3.927  -16.355 1.00 56.32 ? 193 HIS A NE2 1 
ATOM   1057 N N   . THR A 1 138 ? -13.061 -2.706  -9.906  1.00 43.64 ? 194 THR A N   1 
ATOM   1058 C CA  . THR A 1 138 ? -12.568 -2.278  -8.611  1.00 42.03 ? 194 THR A CA  1 
ATOM   1059 C C   . THR A 1 138 ? -11.055 -2.210  -8.762  1.00 34.28 ? 194 THR A C   1 
ATOM   1060 O O   . THR A 1 138 ? -10.510 -2.729  -9.728  1.00 34.80 ? 194 THR A O   1 
ATOM   1061 C CB  . THR A 1 138 ? -12.934 -3.299  -7.521  1.00 38.51 ? 194 THR A CB  1 
ATOM   1062 O OG1 . THR A 1 138 ? -12.373 -4.574  -7.859  1.00 39.41 ? 194 THR A OG1 1 
ATOM   1063 C CG2 . THR A 1 138 ? -14.446 -3.448  -7.414  1.00 35.98 ? 194 THR A CG2 1 
ATOM   1064 N N   . PRO A 1 139 ? -10.369 -1.543  -7.829  1.00 35.16 ? 195 PRO A N   1 
ATOM   1065 C CA  . PRO A 1 139 ? -8.908  -1.566  -7.881  1.00 26.18 ? 195 PRO A CA  1 
ATOM   1066 C C   . PRO A 1 139 ? -8.354  -2.984  -7.947  1.00 30.26 ? 195 PRO A C   1 
ATOM   1067 O O   . PRO A 1 139 ? -7.325  -3.200  -8.573  1.00 29.82 ? 195 PRO A O   1 
ATOM   1068 C CB  . PRO A 1 139 ? -8.522  -0.897  -6.567  1.00 24.75 ? 195 PRO A CB  1 
ATOM   1069 C CG  . PRO A 1 139 ? -9.588  0.109   -6.366  1.00 25.52 ? 195 PRO A CG  1 
ATOM   1070 C CD  . PRO A 1 139 ? -10.864 -0.565  -6.846  1.00 37.87 ? 195 PRO A CD  1 
ATOM   1071 N N   . TYR A 1 140 ? -9.022  -3.941  -7.314  1.00 30.89 ? 196 TYR A N   1 
ATOM   1072 C CA  . TYR A 1 140 ? -8.537  -5.312  -7.339  1.00 31.75 ? 196 TYR A CA  1 
ATOM   1073 C C   . TYR A 1 140 ? -8.658  -5.922  -8.720  1.00 34.56 ? 196 TYR A C   1 
ATOM   1074 O O   . TYR A 1 140 ? -7.747  -6.592  -9.195  1.00 38.17 ? 196 TYR A O   1 
ATOM   1075 C CB  . TYR A 1 140 ? -9.302  -6.185  -6.356  1.00 31.91 ? 196 TYR A CB  1 
ATOM   1076 C CG  . TYR A 1 140 ? -8.744  -7.585  -6.286  1.00 32.23 ? 196 TYR A CG  1 
ATOM   1077 C CD1 . TYR A 1 140 ? -7.373  -7.795  -6.242  1.00 36.07 ? 196 TYR A CD1 1 
ATOM   1078 C CD2 . TYR A 1 140 ? -9.579  -8.694  -6.259  1.00 30.46 ? 196 TYR A CD2 1 
ATOM   1079 C CE1 . TYR A 1 140 ? -6.847  -9.065  -6.172  1.00 36.25 ? 196 TYR A CE1 1 
ATOM   1080 C CE2 . TYR A 1 140 ? -9.066  -9.973  -6.189  1.00 32.51 ? 196 TYR A CE2 1 
ATOM   1081 C CZ  . TYR A 1 140 ? -7.698  -10.154 -6.144  1.00 44.68 ? 196 TYR A CZ  1 
ATOM   1082 O OH  . TYR A 1 140 ? -7.163  -11.422 -6.075  1.00 45.76 ? 196 TYR A OH  1 
ATOM   1083 N N   . GLU A 1 141 ? -9.795  -5.700  -9.362  1.00 35.25 ? 197 GLU A N   1 
ATOM   1084 C CA  . GLU A 1 141 ? -10.035 -6.261  -10.677 1.00 32.32 ? 197 GLU A CA  1 
ATOM   1085 C C   . GLU A 1 141 ? -9.091  -5.632  -11.674 1.00 32.25 ? 197 GLU A C   1 
ATOM   1086 O O   . GLU A 1 141 ? -8.700  -6.265  -12.650 1.00 42.36 ? 197 GLU A O   1 
ATOM   1087 C CB  . GLU A 1 141 ? -11.492 -6.060  -11.095 1.00 35.91 ? 197 GLU A CB  1 
ATOM   1088 C CG  . GLU A 1 141 ? -12.475 -6.607  -10.077 1.00 40.28 ? 197 GLU A CG  1 
ATOM   1089 C CD  . GLU A 1 141 ? -13.911 -6.464  -10.506 1.00 42.28 ? 197 GLU A CD  1 
ATOM   1090 O OE1 . GLU A 1 141 ? -14.213 -5.549  -11.300 1.00 44.75 ? 197 GLU A OE1 1 
ATOM   1091 O OE2 . GLU A 1 141 ? -14.740 -7.272  -10.045 1.00 43.34 ? 197 GLU A OE2 1 
ATOM   1092 N N   . ILE A 1 142 ? -8.714  -4.385  -11.421 1.00 37.64 ? 198 ILE A N   1 
ATOM   1093 C CA  . ILE A 1 142 ? -7.767  -3.696  -12.289 1.00 35.38 ? 198 ILE A CA  1 
ATOM   1094 C C   . ILE A 1 142 ? -6.391  -4.309  -12.139 1.00 31.83 ? 198 ILE A C   1 
ATOM   1095 O O   . ILE A 1 142 ? -5.740  -4.651  -13.124 1.00 36.04 ? 198 ILE A O   1 
ATOM   1096 C CB  . ILE A 1 142 ? -7.669  -2.205  -11.960 1.00 33.14 ? 198 ILE A CB  1 
ATOM   1097 C CG1 . ILE A 1 142 ? -9.028  -1.531  -12.159 1.00 34.28 ? 198 ILE A CG1 1 
ATOM   1098 C CG2 . ILE A 1 142 ? -6.587  -1.543  -12.815 1.00 32.23 ? 198 ILE A CG2 1 
ATOM   1099 C CD1 . ILE A 1 142 ? -9.000  -0.016  -11.994 1.00 34.16 ? 198 ILE A CD1 1 
ATOM   1100 N N   . TYR A 1 143 ? -5.959  -4.442  -10.893 1.00 31.77 ? 199 TYR A N   1 
ATOM   1101 C CA  . TYR A 1 143 ? -4.673  -5.039  -10.586 1.00 33.83 ? 199 TYR A CA  1 
ATOM   1102 C C   . TYR A 1 143 ? -4.645  -6.472  -11.112 1.00 34.80 ? 199 TYR A C   1 
ATOM   1103 O O   . TYR A 1 143 ? -3.666  -6.926  -11.702 1.00 29.28 ? 199 TYR A O   1 
ATOM   1104 C CB  . TYR A 1 143 ? -4.424  -5.027  -9.069  1.00 31.76 ? 199 TYR A CB  1 
ATOM   1105 C CG  . TYR A 1 143 ? -3.212  -5.839  -8.678  1.00 30.95 ? 199 TYR A CG  1 
ATOM   1106 C CD1 . TYR A 1 143 ? -1.945  -5.264  -8.640  1.00 26.28 ? 199 TYR A CD1 1 
ATOM   1107 C CD2 . TYR A 1 143 ? -3.329  -7.192  -8.391  1.00 30.23 ? 199 TYR A CD2 1 
ATOM   1108 C CE1 . TYR A 1 143 ? -0.842  -6.013  -8.309  1.00 29.96 ? 199 TYR A CE1 1 
ATOM   1109 C CE2 . TYR A 1 143 ? -2.229  -7.949  -8.050  1.00 30.47 ? 199 TYR A CE2 1 
ATOM   1110 C CZ  . TYR A 1 143 ? -0.990  -7.357  -8.016  1.00 29.53 ? 199 TYR A CZ  1 
ATOM   1111 O OH  . TYR A 1 143 ? 0.108   -8.110  -7.687  1.00 28.69 ? 199 TYR A OH  1 
ATOM   1112 N N   . LEU A 1 144 ? -5.739  -7.181  -10.889 1.00 38.25 ? 200 LEU A N   1 
ATOM   1113 C CA  . LEU A 1 144 ? -5.817  -8.571  -11.274 1.00 38.38 ? 200 LEU A CA  1 
ATOM   1114 C C   . LEU A 1 144 ? -5.554  -8.668  -12.768 1.00 41.51 ? 200 LEU A C   1 
ATOM   1115 O O   . LEU A 1 144 ? -4.746  -9.481  -13.221 1.00 39.32 ? 200 LEU A O   1 
ATOM   1116 C CB  . LEU A 1 144 ? -7.193  -9.123  -10.929 1.00 39.19 ? 200 LEU A CB  1 
ATOM   1117 C CG  . LEU A 1 144 ? -7.306  -10.641 -10.865 1.00 49.89 ? 200 LEU A CG  1 
ATOM   1118 C CD1 . LEU A 1 144 ? -6.335  -11.196 -9.827  1.00 48.13 ? 200 LEU A CD1 1 
ATOM   1119 C CD2 . LEU A 1 144 ? -8.740  -11.035 -10.552 1.00 38.05 ? 200 LEU A CD2 1 
ATOM   1120 N N   . GLU A 1 145 ? -6.214  -7.800  -13.523 1.00 41.59 ? 201 GLU A N   1 
ATOM   1121 C CA  . GLU A 1 145 ? -6.122  -7.825  -14.977 1.00 39.85 ? 201 GLU A CA  1 
ATOM   1122 C C   . GLU A 1 145 ? -4.699  -7.618  -15.486 1.00 41.63 ? 201 GLU A C   1 
ATOM   1123 O O   . GLU A 1 145 ? -4.299  -8.223  -16.478 1.00 44.93 ? 201 GLU A O   1 
ATOM   1124 C CB  . GLU A 1 145 ? -7.071  -6.796  -15.590 1.00 42.04 ? 201 GLU A CB  1 
ATOM   1125 C CG  . GLU A 1 145 ? -7.429  -7.070  -17.043 1.00 56.40 ? 201 GLU A CG  1 
ATOM   1126 C CD  . GLU A 1 145 ? -7.918  -8.498  -17.283 1.00 63.47 ? 201 GLU A CD  1 
ATOM   1127 O OE1 . GLU A 1 145 ? -8.317  -9.184  -16.312 1.00 59.07 ? 201 GLU A OE1 1 
ATOM   1128 O OE2 . GLU A 1 145 ? -7.902  -8.934  -18.455 1.00 71.65 ? 201 GLU A OE2 1 
ATOM   1129 N N   . SER A 1 146 ? -3.932  -6.772  -14.809 1.00 40.85 ? 202 SER A N   1 
ATOM   1130 C CA  . SER A 1 146 ? -2.557  -6.530  -15.225 1.00 36.71 ? 202 SER A CA  1 
ATOM   1131 C C   . SER A 1 146 ? -1.610  -7.587  -14.646 1.00 37.28 ? 202 SER A C   1 
ATOM   1132 O O   . SER A 1 146 ? -0.547  -7.856  -15.196 1.00 38.83 ? 202 SER A O   1 
ATOM   1133 C CB  . SER A 1 146 ? -2.124  -5.117  -14.839 1.00 36.27 ? 202 SER A CB  1 
ATOM   1134 O OG  . SER A 1 146 ? -1.875  -5.016  -13.453 1.00 39.12 ? 202 SER A OG  1 
ATOM   1135 N N   . GLU A 1 147 ? -2.004  -8.182  -13.528 1.00 39.33 ? 203 GLU A N   1 
ATOM   1136 C CA  . GLU A 1 147 ? -1.298  -9.324  -12.966 1.00 34.77 ? 203 GLU A CA  1 
ATOM   1137 C C   . GLU A 1 147 ? -1.402  -10.484 -13.961 1.00 44.57 ? 203 GLU A C   1 
ATOM   1138 O O   . GLU A 1 147 ? -0.415  -11.161 -14.260 1.00 43.58 ? 203 GLU A O   1 
ATOM   1139 C CB  . GLU A 1 147 ? -1.942  -9.702  -11.632 1.00 37.29 ? 203 GLU A CB  1 
ATOM   1140 C CG  . GLU A 1 147 ? -1.308  -10.850 -10.873 1.00 37.64 ? 203 GLU A CG  1 
ATOM   1141 C CD  . GLU A 1 147 ? -0.030  -10.448 -10.180 1.00 42.21 ? 203 GLU A CD  1 
ATOM   1142 O OE1 . GLU A 1 147 ? 0.131   -10.749 -8.977  1.00 34.94 ? 203 GLU A OE1 1 
ATOM   1143 O OE2 . GLU A 1 147 ? 0.818   -9.818  -10.842 1.00 45.69 ? 203 GLU A OE2 1 
ATOM   1144 N N   . HIS A 1 148 ? -2.608  -10.691 -14.486 1.00 46.95 ? 204 HIS A N   1 
ATOM   1145 C CA  . HIS A 1 148 ? -2.865  -11.754 -15.456 1.00 48.72 ? 204 HIS A CA  1 
ATOM   1146 C C   . HIS A 1 148 ? -1.983  -11.632 -16.690 1.00 50.79 ? 204 HIS A C   1 
ATOM   1147 O O   . HIS A 1 148 ? -1.337  -12.597 -17.106 1.00 53.76 ? 204 HIS A O   1 
ATOM   1148 C CB  . HIS A 1 148 ? -4.335  -11.765 -15.883 1.00 49.32 ? 204 HIS A CB  1 
ATOM   1149 C CG  . HIS A 1 148 ? -4.590  -12.557 -17.129 1.00 60.24 ? 204 HIS A CG  1 
ATOM   1150 N ND1 . HIS A 1 148 ? -4.754  -13.926 -17.121 1.00 50.60 ? 204 HIS A ND1 1 
ATOM   1151 C CD2 . HIS A 1 148 ? -4.687  -12.173 -18.425 1.00 62.09 ? 204 HIS A CD2 1 
ATOM   1152 C CE1 . HIS A 1 148 ? -4.955  -14.350 -18.355 1.00 54.88 ? 204 HIS A CE1 1 
ATOM   1153 N NE2 . HIS A 1 148 ? -4.916  -13.308 -19.166 1.00 66.57 ? 204 HIS A NE2 1 
ATOM   1154 N N   . THR A 1 149 ? -1.980  -10.446 -17.286 1.00 44.98 ? 205 THR A N   1 
ATOM   1155 C CA  . THR A 1 149 ? -1.109  -10.172 -18.412 1.00 47.36 ? 205 THR A CA  1 
ATOM   1156 C C   . THR A 1 149 ? 0.326   -10.038 -17.920 1.00 45.58 ? 205 THR A C   1 
ATOM   1157 O O   . THR A 1 149 ? 0.960   -8.998  -18.084 1.00 59.54 ? 205 THR A O   1 
ATOM   1158 C CB  . THR A 1 149 ? -1.535  -8.889  -19.155 1.00 58.00 ? 205 THR A CB  1 
ATOM   1159 O OG1 . THR A 1 149 ? -1.119  -7.734  -18.414 1.00 57.69 ? 205 THR A OG1 1 
ATOM   1160 C CG2 . THR A 1 149 ? -3.057  -8.859  -19.350 1.00 54.49 ? 205 THR A CG2 1 
ATOM   1161 N N   . LYS A 1 150 ? 0.827   -11.102 -17.306 1.00 46.36 ? 206 LYS A N   1 
ATOM   1162 C CA  . LYS A 1 150 ? 2.200   -11.160 -16.818 1.00 44.52 ? 206 LYS A CA  1 
ATOM   1163 C C   . LYS A 1 150 ? 2.477   -12.540 -16.240 1.00 48.42 ? 206 LYS A C   1 
ATOM   1164 O O   . LYS A 1 150 ? 3.623   -12.980 -16.143 1.00 46.08 ? 206 LYS A O   1 
ATOM   1165 C CB  . LYS A 1 150 ? 2.454   -10.113 -15.734 1.00 40.73 ? 206 LYS A CB  1 
ATOM   1166 C CG  . LYS A 1 150 ? 3.748   -10.387 -14.973 1.00 41.47 ? 206 LYS A CG  1 
ATOM   1167 C CD  . LYS A 1 150 ? 4.054   -9.344  -13.928 1.00 44.12 ? 206 LYS A CD  1 
ATOM   1168 C CE  . LYS A 1 150 ? 5.550   -9.314  -13.619 1.00 46.25 ? 206 LYS A CE  1 
ATOM   1169 N NZ  . LYS A 1 150 ? 6.363   -8.681  -14.713 1.00 45.74 ? 206 LYS A NZ  1 
ATOM   1170 N N   . TYR A 1 151 ? 1.412   -13.221 -15.841 1.00 49.29 ? 207 TYR A N   1 
ATOM   1171 C CA  . TYR A 1 151 ? 1.546   -14.542 -15.260 1.00 46.16 ? 207 TYR A CA  1 
ATOM   1172 C C   . TYR A 1 151 ? 0.801   -15.597 -16.072 1.00 49.85 ? 207 TYR A C   1 
ATOM   1173 O O   . TYR A 1 151 ? 0.525   -16.683 -15.577 1.00 52.90 ? 207 TYR A O   1 
ATOM   1174 C CB  . TYR A 1 151 ? 1.065   -14.531 -13.810 1.00 39.25 ? 207 TYR A CB  1 
ATOM   1175 C CG  . TYR A 1 151 ? 2.143   -14.153 -12.820 1.00 41.28 ? 207 TYR A CG  1 
ATOM   1176 C CD1 . TYR A 1 151 ? 3.212   -15.008 -12.576 1.00 48.74 ? 207 TYR A CD1 1 
ATOM   1177 C CD2 . TYR A 1 151 ? 2.098   -12.947 -12.125 1.00 44.52 ? 207 TYR A CD2 1 
ATOM   1178 C CE1 . TYR A 1 151 ? 4.211   -14.679 -11.670 1.00 46.11 ? 207 TYR A CE1 1 
ATOM   1179 C CE2 . TYR A 1 151 ? 3.098   -12.603 -11.212 1.00 41.87 ? 207 TYR A CE2 1 
ATOM   1180 C CZ  . TYR A 1 151 ? 4.151   -13.481 -10.989 1.00 49.83 ? 207 TYR A CZ  1 
ATOM   1181 O OH  . TYR A 1 151 ? 5.154   -13.172 -10.091 1.00 49.33 ? 207 TYR A OH  1 
ATOM   1182 N N   . GLN A 1 152 ? 0.491   -15.281 -17.326 1.00 45.84 ? 208 GLN A N   1 
ATOM   1183 C CA  . GLN A 1 152 ? -0.257  -16.204 -18.173 1.00 48.69 ? 208 GLN A CA  1 
ATOM   1184 C C   . GLN A 1 152 ? 0.223   -17.652 -18.056 1.00 57.27 ? 208 GLN A C   1 
ATOM   1185 O O   . GLN A 1 152 ? -0.576  -18.538 -17.747 1.00 54.93 ? 208 GLN A O   1 
ATOM   1186 C CB  . GLN A 1 152 ? -0.184  -15.758 -19.623 1.00 46.07 ? 208 GLN A CB  1 
ATOM   1187 C CG  . GLN A 1 152 ? -0.527  -14.317 -19.807 1.00 49.49 ? 208 GLN A CG  1 
ATOM   1188 C CD  . GLN A 1 152 ? -0.415  -13.899 -21.245 1.00 55.19 ? 208 GLN A CD  1 
ATOM   1189 O OE1 . GLN A 1 152 ? -0.535  -12.719 -21.575 1.00 58.16 ? 208 GLN A OE1 1 
ATOM   1190 N NE2 . GLN A 1 152 ? -0.185  -14.873 -22.122 1.00 53.95 ? 208 GLN A NE2 1 
ATOM   1191 O OXT . GLN A 1 152 ? 1.401   -17.978 -18.264 1.00 50.97 ? 208 GLN A OXT 1 
HETATM 1192 N N   . NO3 B 2 .   ? -1.208  11.090  8.051   1.00 44.65 ? 1   NO3 A N   1 
HETATM 1193 O O1  . NO3 B 2 .   ? -2.556  10.837  8.312   1.00 51.69 ? 1   NO3 A O1  1 
HETATM 1194 O O2  . NO3 B 2 .   ? -0.757  11.156  6.730   1.00 48.42 ? 1   NO3 A O2  1 
HETATM 1195 O O3  . NO3 B 2 .   ? -0.316  11.275  9.113   1.00 48.00 ? 1   NO3 A O3  1 
HETATM 1196 N N   . NO3 C 2 .   ? 10.832  13.265  0.570   1.00 45.85 ? 2   NO3 A N   1 
HETATM 1197 O O1  . NO3 C 2 .   ? 12.030  13.472  -0.117  1.00 50.54 ? 2   NO3 A O1  1 
HETATM 1198 O O2  . NO3 C 2 .   ? 9.622   13.391  -0.119  1.00 43.12 ? 2   NO3 A O2  1 
HETATM 1199 O O3  . NO3 C 2 .   ? 10.849  12.941  1.932   1.00 48.20 ? 2   NO3 A O3  1 
HETATM 1200 N N   . NO3 D 2 .   ? 17.517  0.360   -9.008  1.00 56.59 ? 3   NO3 A N   1 
HETATM 1201 O O1  . NO3 D 2 .   ? 16.987  0.422   -7.699  1.00 37.86 ? 3   NO3 A O1  1 
HETATM 1202 O O2  . NO3 D 2 .   ? 18.359  1.382   -9.489  1.00 44.67 ? 3   NO3 A O2  1 
HETATM 1203 O O3  . NO3 D 2 .   ? 17.211  -0.725  -9.847  1.00 48.45 ? 3   NO3 A O3  1 
HETATM 1204 N N   . NO3 E 2 .   ? 16.787  7.689   -6.042  1.00 52.55 ? 4   NO3 A N   1 
HETATM 1205 O O1  . NO3 E 2 .   ? 17.489  6.561   -6.486  1.00 67.34 ? 4   NO3 A O1  1 
HETATM 1206 O O2  . NO3 E 2 .   ? 15.531  7.981   -6.582  1.00 48.38 ? 4   NO3 A O2  1 
HETATM 1207 O O3  . NO3 E 2 .   ? 17.343  8.523   -5.064  1.00 63.88 ? 4   NO3 A O3  1 
HETATM 1208 N N   . NO3 F 2 .   ? -21.223 1.867   4.923   1.00 80.03 ? 5   NO3 A N   1 
HETATM 1209 O O1  . NO3 F 2 .   ? -21.015 3.064   4.222   1.00 69.11 ? 5   NO3 A O1  1 
HETATM 1210 O O2  . NO3 F 2 .   ? -21.864 0.792   4.284   1.00 79.04 ? 5   NO3 A O2  1 
HETATM 1211 O O3  . NO3 F 2 .   ? -20.793 1.746   6.255   1.00 64.18 ? 5   NO3 A O3  1 
HETATM 1212 O O   . HOH G 3 .   ? 19.594  -0.810  8.395   1.00 41.82 ? 7   HOH A O   1 
HETATM 1213 O O   . HOH G 3 .   ? -17.704 1.401   -15.377 1.00 44.35 ? 8   HOH A O   1 
HETATM 1214 O O   . HOH G 3 .   ? -18.516 -1.407  2.168   1.00 46.67 ? 9   HOH A O   1 
HETATM 1215 O O   . HOH G 3 .   ? 4.008   10.015  -5.652  1.00 34.56 ? 10  HOH A O   1 
HETATM 1216 O O   . HOH G 3 .   ? -1.977  -2.520  -11.714 1.00 37.66 ? 13  HOH A O   1 
HETATM 1217 O O   . HOH G 3 .   ? 11.625  4.277   -1.259  1.00 26.29 ? 15  HOH A O   1 
HETATM 1218 O O   . HOH G 3 .   ? 12.097  -4.682  -11.010 1.00 36.48 ? 21  HOH A O   1 
HETATM 1219 O O   . HOH G 3 .   ? -0.768  -6.516  7.532   1.00 36.86 ? 22  HOH A O   1 
HETATM 1220 O O   . HOH G 3 .   ? -12.539 9.451   7.954   1.00 48.25 ? 24  HOH A O   1 
HETATM 1221 O O   . HOH G 3 .   ? 2.032   0.987   -11.349 1.00 37.34 ? 25  HOH A O   1 
HETATM 1222 O O   . HOH G 3 .   ? -12.149 2.033   -4.103  1.00 42.48 ? 26  HOH A O   1 
HETATM 1223 O O   . HOH G 3 .   ? -4.181  -5.829  0.315   1.00 40.77 ? 29  HOH A O   1 
HETATM 1224 O O   . HOH G 3 .   ? -4.904  -5.438  9.826   1.00 33.94 ? 32  HOH A O   1 
HETATM 1225 O O   . HOH G 3 .   ? -6.652  -8.865  10.339  1.00 30.98 ? 34  HOH A O   1 
HETATM 1226 O O   . HOH G 3 .   ? 5.635   -4.953  10.633  1.00 36.89 ? 40  HOH A O   1 
HETATM 1227 O O   . HOH G 3 .   ? -16.666 -4.824  -10.518 1.00 44.25 ? 42  HOH A O   1 
HETATM 1228 O O   . HOH G 3 .   ? -5.103  12.752  2.116   1.00 41.68 ? 43  HOH A O   1 
HETATM 1229 O O   . HOH G 3 .   ? 3.082   10.897  0.158   1.00 44.00 ? 44  HOH A O   1 
HETATM 1230 O O   . HOH G 3 .   ? -15.690 -4.804  4.240   1.00 35.90 ? 48  HOH A O   1 
HETATM 1231 O O   . HOH G 3 .   ? -18.905 0.065   -5.332  1.00 45.46 ? 50  HOH A O   1 
HETATM 1232 O O   . HOH G 3 .   ? 17.965  -0.873  -2.994  1.00 42.14 ? 54  HOH A O   1 
HETATM 1233 O O   . HOH G 3 .   ? -10.010 -7.961  17.361  1.00 48.44 ? 55  HOH A O   1 
HETATM 1234 O O   . HOH G 3 .   ? 16.442  4.652   -0.955  1.00 46.99 ? 209 HOH A O   1 
HETATM 1235 O O   . HOH G 3 .   ? 16.495  -3.306  -9.486  1.00 47.81 ? 210 HOH A O   1 
HETATM 1236 O O   . HOH G 3 .   ? -6.418  -3.344  20.335  1.00 56.26 ? 211 HOH A O   1 
HETATM 1237 O O   . HOH G 3 .   ? -5.237  -7.003  18.170  1.00 52.90 ? 212 HOH A O   1 
HETATM 1238 O O   . HOH G 3 .   ? -21.874 4.128   -0.149  1.00 58.93 ? 213 HOH A O   1 
HETATM 1239 O O   . HOH G 3 .   ? -17.387 6.491   2.609   1.00 50.38 ? 214 HOH A O   1 
HETATM 1240 O O   . HOH G 3 .   ? 1.253   5.218   0.608   1.00 26.12 ? 215 HOH A O   1 
HETATM 1241 O O   . HOH G 3 .   ? 1.799   15.568  5.191   0.50 58.94 ? 216 HOH A O   1 
HETATM 1242 O O   . HOH G 3 .   ? -0.220  18.109  6.688   1.00 61.92 ? 217 HOH A O   1 
HETATM 1243 O O   . HOH G 3 .   ? -4.042  -5.496  7.421   1.00 36.84 ? 219 HOH A O   1 
HETATM 1244 O O   . HOH G 3 .   ? -6.975  3.783   -4.584  1.00 26.79 ? 220 HOH A O   1 
HETATM 1245 O O   . HOH G 3 .   ? -6.523  6.182   -5.869  1.00 33.94 ? 221 HOH A O   1 
HETATM 1246 O O   . HOH G 3 .   ? 11.382  7.103   10.146  1.00 38.94 ? 222 HOH A O   1 
HETATM 1247 O O   . HOH G 3 .   ? -2.531  -4.954  10.730  1.00 39.05 ? 223 HOH A O   1 
HETATM 1248 O O   . HOH G 3 .   ? 0.584   1.689   16.053  1.00 43.42 ? 224 HOH A O   1 
HETATM 1249 O O   . HOH G 3 .   ? 11.168  11.560  -7.028  1.00 42.26 ? 225 HOH A O   1 
HETATM 1250 O O   . HOH G 3 .   ? 14.997  -15.585 -3.349  1.00 47.32 ? 226 HOH A O   1 
HETATM 1251 O O   . HOH G 3 .   ? 13.735  14.070  -6.602  1.00 54.93 ? 227 HOH A O   1 
HETATM 1252 O O   . HOH G 3 .   ? 15.211  -17.884 -4.449  1.00 44.83 ? 228 HOH A O   1 
HETATM 1253 O O   . HOH G 3 .   ? -16.579 -7.240  4.009   1.00 52.56 ? 229 HOH A O   1 
HETATM 1254 O O   . HOH G 3 .   ? 0.876   4.678   -13.179 1.00 49.69 ? 230 HOH A O   1 
HETATM 1255 O O   . HOH G 3 .   ? 2.017   7.319   -14.561 1.00 56.14 ? 231 HOH A O   1 
HETATM 1256 O O   . HOH G 3 .   ? 7.407   5.476   16.225  1.00 45.33 ? 232 HOH A O   1 
HETATM 1257 O O   . HOH G 3 .   ? 7.015   13.142  3.556   1.00 45.24 ? 233 HOH A O   1 
HETATM 1258 O O   . HOH G 3 .   ? 20.619  -1.395  -7.427  1.00 61.90 ? 234 HOH A O   1 
HETATM 1259 O O   . HOH G 3 .   ? 12.782  5.339   -12.544 1.00 43.53 ? 235 HOH A O   1 
HETATM 1260 O O   . HOH G 3 .   ? 12.428  2.323   -13.793 1.00 49.58 ? 236 HOH A O   1 
HETATM 1261 O O   . HOH G 3 .   ? 13.559  4.155   -16.589 1.00 66.64 ? 237 HOH A O   1 
HETATM 1262 O O   . HOH G 3 .   ? 9.222   9.955   -12.351 1.00 50.85 ? 238 HOH A O   1 
HETATM 1263 O O   . HOH G 3 .   ? 13.941  -11.917 -6.773  1.00 48.62 ? 239 HOH A O   1 
HETATM 1264 O O   . HOH G 3 .   ? 12.235  11.449  -14.695 1.00 57.94 ? 240 HOH A O   1 
HETATM 1265 O O   . HOH G 3 .   ? 7.481   8.515   -15.115 1.00 43.97 ? 241 HOH A O   1 
HETATM 1266 O O   . HOH G 3 .   ? 7.576   5.139   -14.624 1.00 61.05 ? 242 HOH A O   1 
HETATM 1267 O O   . HOH G 3 .   ? 5.274   6.963   -16.401 1.00 60.35 ? 243 HOH A O   1 
HETATM 1268 O O   . HOH G 3 .   ? 4.554   3.749   -13.815 1.00 48.45 ? 244 HOH A O   1 
HETATM 1269 O O   . HOH G 3 .   ? -8.641  0.476   19.084  1.00 52.87 ? 245 HOH A O   1 
HETATM 1270 O O   . HOH G 3 .   ? 2.285   -6.206  4.145   1.00 38.19 ? 246 HOH A O   1 
HETATM 1271 O O   . HOH G 3 .   ? 10.073  -8.366  -8.191  1.00 36.68 ? 247 HOH A O   1 
HETATM 1272 O O   . HOH G 3 .   ? 0.120   14.247  2.443   1.00 49.13 ? 248 HOH A O   1 
HETATM 1273 O O   . HOH G 3 .   ? 17.219  -1.617  -5.595  1.00 36.91 ? 249 HOH A O   1 
HETATM 1274 O O   . HOH G 3 .   ? 5.912   -5.949  -16.094 1.00 41.75 ? 250 HOH A O   1 
HETATM 1275 O O   . HOH G 3 .   ? -0.614  -5.737  12.157  1.00 46.52 ? 251 HOH A O   1 
HETATM 1276 O O   . HOH G 3 .   ? 4.275   10.103  3.978   1.00 43.11 ? 252 HOH A O   1 
HETATM 1277 O O   . HOH G 3 .   ? -0.957  15.552  -13.834 1.00 48.34 ? 253 HOH A O   1 
HETATM 1278 O O   . HOH G 3 .   ? 1.529   -4.140  16.009  1.00 36.46 ? 254 HOH A O   1 
HETATM 1279 O O   . HOH G 3 .   ? 0.854   -7.031  17.971  1.00 55.78 ? 255 HOH A O   1 
HETATM 1280 O O   . HOH G 3 .   ? -2.248  -6.265  19.024  1.00 63.92 ? 256 HOH A O   1 
HETATM 1281 O O   . HOH G 3 .   ? 0.282   14.638  -17.254 1.00 54.26 ? 257 HOH A O   1 
HETATM 1282 O O   . HOH G 3 .   ? -11.484 0.650   15.695  1.00 54.24 ? 258 HOH A O   1 
HETATM 1283 O O   . HOH G 3 .   ? -2.611  -4.237  -17.855 1.00 50.35 ? 259 HOH A O   1 
HETATM 1284 O O   . HOH G 3 .   ? -3.528  0.753   -17.761 1.00 50.86 ? 260 HOH A O   1 
HETATM 1285 O O   . HOH G 3 .   ? -5.380  1.881   -15.824 1.00 53.67 ? 261 HOH A O   1 
HETATM 1286 O O   . HOH G 3 .   ? -5.725  4.253   -11.095 1.00 44.22 ? 262 HOH A O   1 
HETATM 1287 O O   . HOH G 3 .   ? 11.109  0.154   -12.824 1.00 48.13 ? 263 HOH A O   1 
HETATM 1288 O O   . HOH G 3 .   ? -4.568  4.402   -14.860 1.00 55.21 ? 264 HOH A O   1 
HETATM 1289 O O   . HOH G 3 .   ? 2.789   0.128   19.971  1.00 53.43 ? 265 HOH A O   1 
HETATM 1290 O O   . HOH G 3 .   ? 18.027  12.396  -0.199  1.00 55.42 ? 266 HOH A O   1 
HETATM 1291 O O   . HOH G 3 .   ? 14.533  12.795  -3.625  1.00 42.75 ? 267 HOH A O   1 
HETATM 1292 O O   . HOH G 3 .   ? 18.927  2.103   -5.897  1.00 45.94 ? 268 HOH A O   1 
HETATM 1293 O O   . HOH G 3 .   ? -9.856  -8.373  20.617  1.00 48.69 ? 269 HOH A O   1 
HETATM 1294 O O   . HOH G 3 .   ? -20.425 -3.092  -11.230 1.00 36.27 ? 270 HOH A O   1 
HETATM 1295 O O   . HOH G 3 .   ? -11.686 1.145   -9.667  1.00 43.04 ? 271 HOH A O   1 
HETATM 1296 O O   . HOH G 3 .   ? -10.890 -10.204 -19.430 1.00 54.90 ? 272 HOH A O   1 
HETATM 1297 O O   . HOH G 3 .   ? 5.393   -11.344 -7.776  1.00 39.27 ? 273 HOH A O   1 
HETATM 1298 O O   . HOH G 3 .   ? 2.323   13.098  2.805   1.00 63.56 ? 274 HOH A O   1 
HETATM 1299 O O   . HOH G 3 .   ? -16.427 3.382   -5.756  1.00 55.05 ? 275 HOH A O   1 
HETATM 1300 O O   . HOH G 3 .   ? -15.434 4.477   -8.332  1.00 59.73 ? 276 HOH A O   1 
HETATM 1301 O O   . HOH G 3 .   ? 7.101   14.621  7.798   1.00 56.64 ? 277 HOH A O   1 
HETATM 1302 O O   . HOH G 3 .   ? 5.581   11.827  11.322  1.00 54.40 ? 278 HOH A O   1 
HETATM 1303 O O   . HOH G 3 .   ? 4.971   13.896  -15.379 1.00 50.83 ? 279 HOH A O   1 
HETATM 1304 O O   . HOH G 3 .   ? 7.281   11.719  -14.903 1.00 53.47 ? 280 HOH A O   1 
HETATM 1305 O O   . HOH G 3 .   ? 5.388   9.473   -17.863 1.00 59.74 ? 281 HOH A O   1 
HETATM 1306 O O   . HOH G 3 .   ? 4.224   6.338   -19.932 1.00 52.95 ? 282 HOH A O   1 
HETATM 1307 O O   . HOH G 3 .   ? 7.151   5.924   -18.949 1.00 56.73 ? 283 HOH A O   1 
HETATM 1308 O O   . HOH G 3 .   ? 22.064  7.109   -6.741  1.00 61.03 ? 284 HOH A O   1 
HETATM 1309 O O   . HOH G 3 .   ? 25.267  6.824   -7.275  1.00 61.14 ? 285 HOH A O   1 
HETATM 1310 O O   . HOH G 3 .   ? 16.912  9.708   -16.359 1.00 66.84 ? 286 HOH A O   1 
HETATM 1311 O O   . HOH G 3 .   ? -2.523  -0.979  -21.694 1.00 56.95 ? 287 HOH A O   1 
HETATM 1312 O O   . HOH G 3 .   ? -3.030  1.234   -24.218 1.00 59.60 ? 288 HOH A O   1 
HETATM 1313 O O   . HOH G 3 .   ? -1.204  9.525   -16.443 1.00 49.38 ? 289 HOH A O   1 
HETATM 1314 O O   . HOH G 3 .   ? -2.552  -0.985  17.679  1.00 49.39 ? 290 HOH A O   1 
HETATM 1315 O O   . HOH G 3 .   ? 5.714   8.413   5.727   1.00 36.64 ? 291 HOH A O   1 
HETATM 1316 O O   . HOH G 3 .   ? 13.818  10.286  12.475  1.00 46.21 ? 292 HOH A O   1 
HETATM 1317 O O   . HOH G 3 .   ? -18.196 4.717   16.836  1.00 58.18 ? 293 HOH A O   1 
HETATM 1318 O O   . HOH G 3 .   ? -20.085 -0.887  7.051   1.00 55.63 ? 294 HOH A O   1 
HETATM 1319 O O   . HOH G 3 .   ? -21.039 2.188   12.550  1.00 56.17 ? 295 HOH A O   1 
HETATM 1320 O O   . HOH G 3 .   ? -3.241  17.039  -13.956 1.00 49.58 ? 296 HOH A O   1 
HETATM 1321 O O   . HOH G 3 .   ? 6.707   15.438  -13.085 1.00 38.46 ? 297 HOH A O   1 
HETATM 1322 O O   . HOH G 3 .   ? -12.599 6.804   -6.068  1.00 49.61 ? 298 HOH A O   1 
HETATM 1323 O O   . HOH G 3 .   ? -10.119 10.882  6.177   1.00 51.35 ? 299 HOH A O   1 
HETATM 1324 O O   . HOH G 3 .   ? -8.899  11.094  10.164  1.00 58.61 ? 300 HOH A O   1 
HETATM 1325 O O   . HOH G 3 .   ? -7.885  5.493   -14.097 1.00 56.21 ? 301 HOH A O   1 
HETATM 1326 O O   . HOH G 3 .   ? -6.721  12.405  12.920  1.00 65.33 ? 302 HOH A O   1 
HETATM 1327 O O   . HOH G 3 .   ? 24.741  -3.983  0.009   1.00 35.90 ? 303 HOH A O   1 
HETATM 1328 O O   . HOH G 3 .   ? 25.274  2.305   2.119   1.00 65.36 ? 304 HOH A O   1 
HETATM 1329 O O   . HOH G 3 .   ? 13.034  0.952   -17.677 1.00 54.33 ? 305 HOH A O   1 
HETATM 1330 O O   . HOH G 3 .   ? 14.704  12.651  -15.480 1.00 67.37 ? 306 HOH A O   1 
HETATM 1331 O O   . HOH G 3 .   ? 4.766   16.760  -17.637 1.00 57.79 ? 307 HOH A O   1 
HETATM 1332 O O   . HOH G 3 .   ? -17.244 5.625   -6.978  1.00 59.13 ? 308 HOH A O   1 
HETATM 1333 O O   . HOH G 3 .   ? 10.969  12.882  4.791   1.00 52.59 ? 309 HOH A O   1 
# 
loop_
_pdbx_poly_seq_scheme.asym_id 
_pdbx_poly_seq_scheme.entity_id 
_pdbx_poly_seq_scheme.seq_id 
_pdbx_poly_seq_scheme.mon_id 
_pdbx_poly_seq_scheme.ndb_seq_num 
_pdbx_poly_seq_scheme.pdb_seq_num 
_pdbx_poly_seq_scheme.auth_seq_num 
_pdbx_poly_seq_scheme.pdb_mon_id 
_pdbx_poly_seq_scheme.auth_mon_id 
_pdbx_poly_seq_scheme.pdb_strand_id 
_pdbx_poly_seq_scheme.pdb_ins_code 
_pdbx_poly_seq_scheme.hetero 
A 1 1   GLY 1   57  57  GLY GLY A . n 
A 1 2   SER 2   58  58  SER SER A . n 
A 1 3   HIS 3   59  59  HIS HIS A . n 
A 1 4   LEU 4   60  60  LEU LEU A . n 
A 1 5   TRP 5   61  61  TRP TRP A . n 
A 1 6   GLN 6   62  62  GLN GLN A . n 
A 1 7   MET 7   63  63  MET MET A . n 
A 1 8   ASP 8   64  64  ASP ASP A . n 
A 1 9   ASN 9   65  65  ASN ASN A . n 
A 1 10  THR 10  66  66  THR THR A . n 
A 1 11  HIS 11  67  67  HIS HIS A . n 
A 1 12  TRP 12  68  68  TRP TRP A . n 
A 1 13  ASN 13  69  69  ASN ASN A . n 
A 1 14  LYS 14  70  70  LYS LYS A . n 
A 1 15  THR 15  71  71  THR THR A . n 
A 1 16  ILE 16  72  72  ILE ILE A . n 
A 1 17  ILE 17  73  73  ILE ILE A . n 
A 1 18  TRP 18  74  74  TRP TRP A . n 
A 1 19  VAL 19  75  75  VAL VAL A . n 
A 1 20  ALA 20  76  76  ALA ALA A . n 
A 1 21  VAL 21  77  77  VAL VAL A . n 
A 1 22  GLU 22  78  78  GLU GLU A . n 
A 1 23  THR 23  79  79  THR THR A . n 
A 1 24  ASN 24  80  80  ASN ASN A . n 
A 1 25  SER 25  81  81  SER SER A . n 
A 1 26  GLY 26  82  82  GLY GLY A . n 
A 1 27  LEU 27  83  83  LEU LEU A . n 
A 1 28  VAL 28  84  84  VAL VAL A . n 
A 1 29  GLU 29  85  85  GLU GLU A . n 
A 1 30  ALA 30  86  86  ALA ALA A . n 
A 1 31  GLN 31  87  87  GLN GLN A . n 
A 1 32  VAL 32  88  88  VAL VAL A . n 
A 1 33  ILE 33  89  89  ILE ILE A . n 
A 1 34  PRO 34  90  90  PRO PRO A . n 
A 1 35  GLU 35  91  91  GLU GLU A . n 
A 1 36  GLU 36  92  92  GLU GLU A . n 
A 1 37  THR 37  93  93  THR THR A . n 
A 1 38  ALA 38  94  94  ALA ALA A . n 
A 1 39  LEU 39  95  95  LEU LEU A . n 
A 1 40  GLN 40  96  96  GLN GLN A . n 
A 1 41  VAL 41  97  97  VAL VAL A . n 
A 1 42  ALA 42  98  98  ALA ALA A . n 
A 1 43  LEU 43  99  99  LEU LEU A . n 
A 1 44  CYS 44  100 100 CYS CYS A . n 
A 1 45  ILE 45  101 101 ILE ILE A . n 
A 1 46  LEU 46  102 102 LEU LEU A . n 
A 1 47  GLN 47  103 103 GLN GLN A . n 
A 1 48  LEU 48  104 104 LEU LEU A . n 
A 1 49  ILE 49  105 105 ILE ILE A . n 
A 1 50  GLN 50  106 106 GLN GLN A . n 
A 1 51  ARG 51  107 107 ARG ARG A . n 
A 1 52  TYR 52  108 108 TYR TYR A . n 
A 1 53  THR 53  109 109 THR THR A . n 
A 1 54  VAL 54  110 110 VAL VAL A . n 
A 1 55  LEU 55  111 111 LEU LEU A . n 
A 1 56  HIS 56  112 112 HIS HIS A . n 
A 1 57  LEU 57  113 113 LEU LEU A . n 
A 1 58  HIS 58  114 114 HIS HIS A . n 
A 1 59  SER 59  115 115 SER SER A . n 
A 1 60  ASP 60  116 116 ASP ASP A . n 
A 1 61  ASN 61  117 117 ASN ASN A . n 
A 1 62  GLY 62  118 118 GLY GLY A . n 
A 1 63  PRO 63  119 119 PRO PRO A . n 
A 1 64  CYS 64  120 120 CYS CYS A . n 
A 1 65  PHE 65  121 121 PHE PHE A . n 
A 1 66  THR 66  122 122 THR THR A . n 
A 1 67  ALA 67  123 123 ALA ALA A . n 
A 1 68  HIS 68  124 124 HIS HIS A . n 
A 1 69  ARG 69  125 125 ARG ARG A . n 
A 1 70  ILE 70  126 126 ILE ILE A . n 
A 1 71  GLU 71  127 127 GLU GLU A . n 
A 1 72  ASN 72  128 128 ASN ASN A . n 
A 1 73  LEU 73  129 129 LEU LEU A . n 
A 1 74  CYS 74  130 130 CYS CYS A . n 
A 1 75  LYS 75  131 131 LYS LYS A . n 
A 1 76  TYR 76  132 132 TYR TYR A . n 
A 1 77  LEU 77  133 133 LEU LEU A . n 
A 1 78  GLY 78  134 134 GLY GLY A . n 
A 1 79  ILE 79  135 135 ILE ILE A . n 
A 1 80  THR 80  136 136 THR THR A . n 
A 1 81  LYS 81  137 137 LYS LYS A . n 
A 1 82  THR 82  138 138 THR THR A . n 
A 1 83  THR 83  139 139 THR THR A . n 
A 1 84  GLY 84  140 140 GLY GLY A . n 
A 1 85  ILE 85  141 141 ILE ILE A . n 
A 1 86  PRO 86  142 142 PRO PRO A . n 
A 1 87  TYR 87  143 143 TYR TYR A . n 
A 1 88  ASN 88  144 144 ASN ASN A . n 
A 1 89  PRO 89  145 145 PRO PRO A . n 
A 1 90  GLN 90  146 146 GLN GLN A . n 
A 1 91  SER 91  147 147 SER SER A . n 
A 1 92  GLN 92  148 148 GLN GLN A . n 
A 1 93  GLY 93  149 149 GLY GLY A . n 
A 1 94  VAL 94  150 150 VAL VAL A . n 
A 1 95  VAL 95  151 151 VAL VAL A . n 
A 1 96  GLU 96  152 152 GLU GLU A . n 
A 1 97  ARG 97  153 153 ARG ARG A . n 
A 1 98  ALA 98  154 154 ALA ALA A . n 
A 1 99  HIS 99  155 155 HIS HIS A . n 
A 1 100 ARG 100 156 156 ARG ARG A . n 
A 1 101 ASP 101 157 157 ASP ASP A . n 
A 1 102 LEU 102 158 158 LEU LEU A . n 
A 1 103 LYS 103 159 159 LYS LYS A . n 
A 1 104 ASP 104 160 160 ASP ASP A . n 
A 1 105 ARG 105 161 161 ARG ARG A . n 
A 1 106 LEU 106 162 162 LEU LEU A . n 
A 1 107 ALA 107 163 163 ALA ALA A . n 
A 1 108 ALA 108 164 164 ALA ALA A . n 
A 1 109 TYR 109 165 165 TYR TYR A . n 
A 1 110 GLN 110 166 166 GLN GLN A . n 
A 1 111 GLY 111 167 167 GLY GLY A . n 
A 1 112 ASP 112 168 168 ASP ASP A . n 
A 1 113 CYS 113 169 169 CYS CYS A . n 
A 1 114 GLU 114 170 170 GLU GLU A . n 
A 1 115 THR 115 171 171 THR THR A . n 
A 1 116 VAL 116 172 172 VAL VAL A . n 
A 1 117 GLU 117 173 173 GLU GLU A . n 
A 1 118 ALA 118 174 174 ALA ALA A . n 
A 1 119 ALA 119 175 175 ALA ALA A . n 
A 1 120 LEU 120 176 176 LEU LEU A . n 
A 1 121 SER 121 177 177 SER SER A . n 
A 1 122 LEU 122 178 178 LEU LEU A . n 
A 1 123 ALA 123 179 179 ALA ALA A . n 
A 1 124 LEU 124 180 180 LEU LEU A . n 
A 1 125 VAL 125 181 181 VAL VAL A . n 
A 1 126 SER 126 182 182 SER SER A . n 
A 1 127 LEU 127 183 183 LEU LEU A . n 
A 1 128 ASN 128 184 184 ASN ASN A . n 
A 1 129 LYS 129 185 185 LYS LYS A . n 
A 1 130 LYS 130 186 186 LYS LYS A . n 
A 1 131 ARG 131 187 187 ARG ARG A . n 
A 1 132 GLY 132 188 188 GLY GLY A . n 
A 1 133 GLY 133 189 189 GLY GLY A . n 
A 1 134 ILE 134 190 190 ILE ILE A . n 
A 1 135 GLY 135 191 191 GLY GLY A . n 
A 1 136 GLY 136 192 192 GLY GLY A . n 
A 1 137 HIS 137 193 193 HIS HIS A . n 
A 1 138 THR 138 194 194 THR THR A . n 
A 1 139 PRO 139 195 195 PRO PRO A . n 
A 1 140 TYR 140 196 196 TYR TYR A . n 
A 1 141 GLU 141 197 197 GLU GLU A . n 
A 1 142 ILE 142 198 198 ILE ILE A . n 
A 1 143 TYR 143 199 199 TYR TYR A . n 
A 1 144 LEU 144 200 200 LEU LEU A . n 
A 1 145 GLU 145 201 201 GLU GLU A . n 
A 1 146 SER 146 202 202 SER SER A . n 
A 1 147 GLU 147 203 203 GLU GLU A . n 
A 1 148 HIS 148 204 204 HIS HIS A . n 
A 1 149 THR 149 205 205 THR THR A . n 
A 1 150 LYS 150 206 206 LYS LYS A . n 
A 1 151 TYR 151 207 207 TYR TYR A . n 
A 1 152 GLN 152 208 208 GLN GLN A . n 
# 
loop_
_pdbx_nonpoly_scheme.asym_id 
_pdbx_nonpoly_scheme.entity_id 
_pdbx_nonpoly_scheme.mon_id 
_pdbx_nonpoly_scheme.ndb_seq_num 
_pdbx_nonpoly_scheme.pdb_seq_num 
_pdbx_nonpoly_scheme.auth_seq_num 
_pdbx_nonpoly_scheme.pdb_mon_id 
_pdbx_nonpoly_scheme.auth_mon_id 
_pdbx_nonpoly_scheme.pdb_strand_id 
_pdbx_nonpoly_scheme.pdb_ins_code 
B 2 NO3 1   1   1   NO3 NO3 A . 
C 2 NO3 1   2   2   NO3 NO3 A . 
D 2 NO3 1   3   3   NO3 NO3 A . 
E 2 NO3 1   4   4   NO3 NO3 A . 
F 2 NO3 1   5   5   NO3 NO3 A . 
G 3 HOH 1   7   7   HOH HOH A . 
G 3 HOH 2   8   8   HOH HOH A . 
G 3 HOH 3   9   9   HOH HOH A . 
G 3 HOH 4   10  10  HOH HOH A . 
G 3 HOH 5   13  13  HOH HOH A . 
G 3 HOH 6   15  15  HOH HOH A . 
G 3 HOH 7   21  21  HOH HOH A . 
G 3 HOH 8   22  22  HOH HOH A . 
G 3 HOH 9   24  24  HOH HOH A . 
G 3 HOH 10  25  25  HOH HOH A . 
G 3 HOH 11  26  26  HOH HOH A . 
G 3 HOH 12  29  29  HOH HOH A . 
G 3 HOH 13  32  32  HOH HOH A . 
G 3 HOH 14  34  34  HOH HOH A . 
G 3 HOH 15  40  40  HOH HOH A . 
G 3 HOH 16  42  42  HOH HOH A . 
G 3 HOH 17  43  43  HOH HOH A . 
G 3 HOH 18  44  44  HOH HOH A . 
G 3 HOH 19  48  48  HOH HOH A . 
G 3 HOH 20  50  50  HOH HOH A . 
G 3 HOH 21  54  54  HOH HOH A . 
G 3 HOH 22  55  55  HOH HOH A . 
G 3 HOH 23  209 209 HOH HOH A . 
G 3 HOH 24  210 210 HOH HOH A . 
G 3 HOH 25  211 211 HOH HOH A . 
G 3 HOH 26  212 212 HOH HOH A . 
G 3 HOH 27  213 213 HOH HOH A . 
G 3 HOH 28  214 214 HOH HOH A . 
G 3 HOH 29  215 215 HOH HOH A . 
G 3 HOH 30  216 216 HOH HOH A . 
G 3 HOH 31  217 217 HOH HOH A . 
G 3 HOH 32  219 219 HOH HOH A . 
G 3 HOH 33  220 220 HOH HOH A . 
G 3 HOH 34  221 221 HOH HOH A . 
G 3 HOH 35  222 222 HOH HOH A . 
G 3 HOH 36  223 223 HOH HOH A . 
G 3 HOH 37  224 224 HOH HOH A . 
G 3 HOH 38  225 225 HOH HOH A . 
G 3 HOH 39  226 226 HOH HOH A . 
G 3 HOH 40  227 227 HOH HOH A . 
G 3 HOH 41  228 228 HOH HOH A . 
G 3 HOH 42  229 229 HOH HOH A . 
G 3 HOH 43  230 230 HOH HOH A . 
G 3 HOH 44  231 231 HOH HOH A . 
G 3 HOH 45  232 232 HOH HOH A . 
G 3 HOH 46  233 233 HOH HOH A . 
G 3 HOH 47  234 234 HOH HOH A . 
G 3 HOH 48  235 235 HOH HOH A . 
G 3 HOH 49  236 236 HOH HOH A . 
G 3 HOH 50  237 237 HOH HOH A . 
G 3 HOH 51  238 238 HOH HOH A . 
G 3 HOH 52  239 239 HOH HOH A . 
G 3 HOH 53  240 240 HOH HOH A . 
G 3 HOH 54  241 241 HOH HOH A . 
G 3 HOH 55  242 242 HOH HOH A . 
G 3 HOH 56  243 243 HOH HOH A . 
G 3 HOH 57  244 244 HOH HOH A . 
G 3 HOH 58  245 245 HOH HOH A . 
G 3 HOH 59  246 246 HOH HOH A . 
G 3 HOH 60  247 247 HOH HOH A . 
G 3 HOH 61  248 248 HOH HOH A . 
G 3 HOH 62  249 249 HOH HOH A . 
G 3 HOH 63  250 250 HOH HOH A . 
G 3 HOH 64  251 251 HOH HOH A . 
G 3 HOH 65  252 252 HOH HOH A . 
G 3 HOH 66  253 253 HOH HOH A . 
G 3 HOH 67  254 254 HOH HOH A . 
G 3 HOH 68  255 255 HOH HOH A . 
G 3 HOH 69  256 256 HOH HOH A . 
G 3 HOH 70  257 257 HOH HOH A . 
G 3 HOH 71  258 258 HOH HOH A . 
G 3 HOH 72  259 259 HOH HOH A . 
G 3 HOH 73  260 260 HOH HOH A . 
G 3 HOH 74  261 261 HOH HOH A . 
G 3 HOH 75  262 262 HOH HOH A . 
G 3 HOH 76  263 263 HOH HOH A . 
G 3 HOH 77  264 264 HOH HOH A . 
G 3 HOH 78  265 265 HOH HOH A . 
G 3 HOH 79  266 266 HOH HOH A . 
G 3 HOH 80  267 267 HOH HOH A . 
G 3 HOH 81  268 268 HOH HOH A . 
G 3 HOH 82  269 269 HOH HOH A . 
G 3 HOH 83  270 270 HOH HOH A . 
G 3 HOH 84  271 271 HOH HOH A . 
G 3 HOH 85  272 272 HOH HOH A . 
G 3 HOH 86  273 273 HOH HOH A . 
G 3 HOH 87  274 274 HOH HOH A . 
G 3 HOH 88  275 275 HOH HOH A . 
G 3 HOH 89  276 276 HOH HOH A . 
G 3 HOH 90  277 277 HOH HOH A . 
G 3 HOH 91  278 278 HOH HOH A . 
G 3 HOH 92  279 279 HOH HOH A . 
G 3 HOH 93  280 280 HOH HOH A . 
G 3 HOH 94  281 281 HOH HOH A . 
G 3 HOH 95  282 282 HOH HOH A . 
G 3 HOH 96  283 283 HOH HOH A . 
G 3 HOH 97  284 284 HOH HOH A . 
G 3 HOH 98  285 285 HOH HOH A . 
G 3 HOH 99  286 286 HOH HOH A . 
G 3 HOH 100 287 287 HOH HOH A . 
G 3 HOH 101 288 288 HOH HOH A . 
G 3 HOH 102 289 289 HOH HOH A . 
G 3 HOH 103 290 290 HOH HOH A . 
G 3 HOH 104 291 291 HOH HOH A . 
G 3 HOH 105 292 292 HOH HOH A . 
G 3 HOH 106 293 293 HOH HOH A . 
G 3 HOH 107 294 294 HOH HOH A . 
G 3 HOH 108 295 295 HOH HOH A . 
G 3 HOH 109 296 296 HOH HOH A . 
G 3 HOH 110 297 297 HOH HOH A . 
G 3 HOH 111 298 298 HOH HOH A . 
G 3 HOH 112 299 299 HOH HOH A . 
G 3 HOH 113 300 300 HOH HOH A . 
G 3 HOH 114 301 301 HOH HOH A . 
G 3 HOH 115 302 302 HOH HOH A . 
G 3 HOH 116 303 303 HOH HOH A . 
G 3 HOH 117 304 304 HOH HOH A . 
G 3 HOH 118 305 305 HOH HOH A . 
G 3 HOH 119 306 306 HOH HOH A . 
G 3 HOH 120 307 307 HOH HOH A . 
G 3 HOH 121 308 308 HOH HOH A . 
G 3 HOH 122 309 309 HOH HOH A . 
# 
loop_
_pdbx_struct_assembly.id 
_pdbx_struct_assembly.details 
_pdbx_struct_assembly.method_details 
_pdbx_struct_assembly.oligomeric_details 
_pdbx_struct_assembly.oligomeric_count 
1 author_defined_assembly   ?    monomeric 1 
2 software_defined_assembly PISA dimeric   2 
# 
loop_
_pdbx_struct_assembly_gen.assembly_id 
_pdbx_struct_assembly_gen.oper_expression 
_pdbx_struct_assembly_gen.asym_id_list 
1 1   A,B,C,D,E,F,G 
2 1,2 A,B,C,D,E,F,G 
# 
loop_
_pdbx_struct_assembly_prop.biol_id 
_pdbx_struct_assembly_prop.type 
_pdbx_struct_assembly_prop.value 
_pdbx_struct_assembly_prop.details 
2 'ABSA (A^2)' 2540  ? 
2 MORE         -11   ? 
2 'SSA (A^2)'  13320 ? 
# 
loop_
_pdbx_struct_oper_list.id 
_pdbx_struct_oper_list.type 
_pdbx_struct_oper_list.name 
_pdbx_struct_oper_list.symmetry_operation 
_pdbx_struct_oper_list.matrix[1][1] 
_pdbx_struct_oper_list.matrix[1][2] 
_pdbx_struct_oper_list.matrix[1][3] 
_pdbx_struct_oper_list.vector[1] 
_pdbx_struct_oper_list.matrix[2][1] 
_pdbx_struct_oper_list.matrix[2][2] 
_pdbx_struct_oper_list.matrix[2][3] 
_pdbx_struct_oper_list.vector[2] 
_pdbx_struct_oper_list.matrix[3][1] 
_pdbx_struct_oper_list.matrix[3][2] 
_pdbx_struct_oper_list.matrix[3][3] 
_pdbx_struct_oper_list.vector[3] 
1 'identity operation'         1_555 x,y,z  1.0000000000  0.0000000000 0.0000000000 0.0000000000  0.0000000000 1.0000000000  0.0000000000 0.0000000000   0.0000000000 0.0000000000 1.0000000000 0.0000000000 
2 'crystal symmetry operation' 7_555 y,x,-z -0.8536552354 0.0724121967 0.5157801982 -3.2245819033 0.0724121967 -0.9641700457 0.2552108868 -21.2501261797 0.5157801982 0.2552108868 0.8178252811 3.8983059118 
# 
_pdbx_struct_special_symmetry.id              1 
_pdbx_struct_special_symmetry.PDB_model_num   1 
_pdbx_struct_special_symmetry.auth_asym_id    A 
_pdbx_struct_special_symmetry.auth_comp_id    HOH 
_pdbx_struct_special_symmetry.auth_seq_id     216 
_pdbx_struct_special_symmetry.PDB_ins_code    ? 
_pdbx_struct_special_symmetry.label_asym_id   G 
_pdbx_struct_special_symmetry.label_comp_id   HOH 
_pdbx_struct_special_symmetry.label_seq_id    . 
# 
loop_
_pdbx_audit_revision_history.ordinal 
_pdbx_audit_revision_history.data_content_type 
_pdbx_audit_revision_history.major_revision 
_pdbx_audit_revision_history.minor_revision 
_pdbx_audit_revision_history.revision_date 
1 'Structure model' 1 0 2010-09-22 
2 'Structure model' 1 1 2011-07-13 
3 'Structure model' 1 2 2012-03-28 
4 'Structure model' 1 3 2023-11-01 
# 
_pdbx_audit_revision_details.ordinal             1 
_pdbx_audit_revision_details.revision_ordinal    1 
_pdbx_audit_revision_details.data_content_type   'Structure model' 
_pdbx_audit_revision_details.provider            repository 
_pdbx_audit_revision_details.type                'Initial release' 
_pdbx_audit_revision_details.description         ? 
_pdbx_audit_revision_details.details             ? 
# 
loop_
_pdbx_audit_revision_group.ordinal 
_pdbx_audit_revision_group.revision_ordinal 
_pdbx_audit_revision_group.data_content_type 
_pdbx_audit_revision_group.group 
1 2 'Structure model' 'Source and taxonomy'       
2 2 'Structure model' 'Version format compliance' 
3 3 'Structure model' 'Database references'       
4 4 'Structure model' 'Data collection'           
5 4 'Structure model' 'Database references'       
6 4 'Structure model' 'Derived calculations'      
7 4 'Structure model' 'Refinement description'    
# 
loop_
_pdbx_audit_revision_category.ordinal 
_pdbx_audit_revision_category.revision_ordinal 
_pdbx_audit_revision_category.data_content_type 
_pdbx_audit_revision_category.category 
1 4 'Structure model' chem_comp_atom                
2 4 'Structure model' chem_comp_bond                
3 4 'Structure model' database_2                    
4 4 'Structure model' pdbx_initial_refinement_model 
5 4 'Structure model' struct_ref_seq_dif            
6 4 'Structure model' struct_site                   
# 
loop_
_pdbx_audit_revision_item.ordinal 
_pdbx_audit_revision_item.revision_ordinal 
_pdbx_audit_revision_item.data_content_type 
_pdbx_audit_revision_item.item 
1 4 'Structure model' '_database_2.pdbx_DOI'                
2 4 'Structure model' '_database_2.pdbx_database_accession' 
3 4 'Structure model' '_struct_ref_seq_dif.details'         
4 4 'Structure model' '_struct_site.pdbx_auth_asym_id'      
5 4 'Structure model' '_struct_site.pdbx_auth_comp_id'      
6 4 'Structure model' '_struct_site.pdbx_auth_seq_id'       
# 
loop_
_software.name 
_software.classification 
_software.version 
_software.citation_id 
_software.pdbx_ordinal 
HKL-2000 'data collection' .                 ? 1 
PHASER   phasing           .                 ? 2 
PHENIX   refinement        '(phenix.refine)' ? 3 
HKL-2000 'data reduction'  .                 ? 4 
HKL-2000 'data scaling'    .                 ? 5 
# 
loop_
_pdbx_validate_rmsd_bond.id 
_pdbx_validate_rmsd_bond.PDB_model_num 
_pdbx_validate_rmsd_bond.auth_atom_id_1 
_pdbx_validate_rmsd_bond.auth_asym_id_1 
_pdbx_validate_rmsd_bond.auth_comp_id_1 
_pdbx_validate_rmsd_bond.auth_seq_id_1 
_pdbx_validate_rmsd_bond.PDB_ins_code_1 
_pdbx_validate_rmsd_bond.label_alt_id_1 
_pdbx_validate_rmsd_bond.auth_atom_id_2 
_pdbx_validate_rmsd_bond.auth_asym_id_2 
_pdbx_validate_rmsd_bond.auth_comp_id_2 
_pdbx_validate_rmsd_bond.auth_seq_id_2 
_pdbx_validate_rmsd_bond.PDB_ins_code_2 
_pdbx_validate_rmsd_bond.label_alt_id_2 
_pdbx_validate_rmsd_bond.bond_value 
_pdbx_validate_rmsd_bond.bond_target_value 
_pdbx_validate_rmsd_bond.bond_deviation 
_pdbx_validate_rmsd_bond.bond_standard_deviation 
_pdbx_validate_rmsd_bond.linker_flag 
1 1 CA A ASN 69  ? ? C   A ASN 69  ? ? 1.344 1.525 -0.181 0.026 N 
2 1 C  A ASN 69  ? ? O   A ASN 69  ? ? 1.114 1.229 -0.115 0.019 N 
3 1 CA A LYS 70  ? ? CB  A LYS 70  ? ? 1.292 1.535 -0.243 0.022 N 
4 1 CB A THR 71  ? ? CG2 A THR 71  ? ? 1.317 1.519 -0.202 0.033 N 
5 1 N  A ARG 107 ? ? CA  A ARG 107 ? ? 1.323 1.459 -0.136 0.020 N 
6 1 C  A ARG 107 ? ? O   A ARG 107 ? ? 1.054 1.229 -0.175 0.019 N 
7 1 C  A ARG 107 ? ? N   A TYR 108 ? ? 1.573 1.336 0.237  0.023 Y 
# 
_pdbx_validate_rmsd_angle.id                         1 
_pdbx_validate_rmsd_angle.PDB_model_num              1 
_pdbx_validate_rmsd_angle.auth_atom_id_1             C 
_pdbx_validate_rmsd_angle.auth_asym_id_1             A 
_pdbx_validate_rmsd_angle.auth_comp_id_1             ARG 
_pdbx_validate_rmsd_angle.auth_seq_id_1              107 
_pdbx_validate_rmsd_angle.PDB_ins_code_1             ? 
_pdbx_validate_rmsd_angle.label_alt_id_1             ? 
_pdbx_validate_rmsd_angle.auth_atom_id_2             N 
_pdbx_validate_rmsd_angle.auth_asym_id_2             A 
_pdbx_validate_rmsd_angle.auth_comp_id_2             TYR 
_pdbx_validate_rmsd_angle.auth_seq_id_2              108 
_pdbx_validate_rmsd_angle.PDB_ins_code_2             ? 
_pdbx_validate_rmsd_angle.label_alt_id_2             ? 
_pdbx_validate_rmsd_angle.auth_atom_id_3             CA 
_pdbx_validate_rmsd_angle.auth_asym_id_3             A 
_pdbx_validate_rmsd_angle.auth_comp_id_3             TYR 
_pdbx_validate_rmsd_angle.auth_seq_id_3              108 
_pdbx_validate_rmsd_angle.PDB_ins_code_3             ? 
_pdbx_validate_rmsd_angle.label_alt_id_3             ? 
_pdbx_validate_rmsd_angle.angle_value                105.62 
_pdbx_validate_rmsd_angle.angle_target_value         121.70 
_pdbx_validate_rmsd_angle.angle_deviation            -16.08 
_pdbx_validate_rmsd_angle.angle_standard_deviation   2.50 
_pdbx_validate_rmsd_angle.linker_flag                Y 
# 
loop_
_pdbx_validate_torsion.id 
_pdbx_validate_torsion.PDB_model_num 
_pdbx_validate_torsion.auth_comp_id 
_pdbx_validate_torsion.auth_asym_id 
_pdbx_validate_torsion.auth_seq_id 
_pdbx_validate_torsion.PDB_ins_code 
_pdbx_validate_torsion.label_alt_id 
_pdbx_validate_torsion.phi 
_pdbx_validate_torsion.psi 
1 1 TRP A 68  ? ? -113.61 -89.02  
2 1 ASN A 69  ? ? -71.17  -87.91  
3 1 LYS A 70  ? ? -141.17 19.29   
4 1 SER A 115 ? ? -172.07 -176.34 
5 1 LYS A 206 ? ? -176.75 -23.21  
# 
loop_
_pdbx_unobs_or_zero_occ_atoms.id 
_pdbx_unobs_or_zero_occ_atoms.PDB_model_num 
_pdbx_unobs_or_zero_occ_atoms.polymer_flag 
_pdbx_unobs_or_zero_occ_atoms.occupancy_flag 
_pdbx_unobs_or_zero_occ_atoms.auth_asym_id 
_pdbx_unobs_or_zero_occ_atoms.auth_comp_id 
_pdbx_unobs_or_zero_occ_atoms.auth_seq_id 
_pdbx_unobs_or_zero_occ_atoms.PDB_ins_code 
_pdbx_unobs_or_zero_occ_atoms.auth_atom_id 
_pdbx_unobs_or_zero_occ_atoms.label_alt_id 
_pdbx_unobs_or_zero_occ_atoms.label_asym_id 
_pdbx_unobs_or_zero_occ_atoms.label_comp_id 
_pdbx_unobs_or_zero_occ_atoms.label_seq_id 
_pdbx_unobs_or_zero_occ_atoms.label_atom_id 
1  1 Y 1 A LYS 70  ? CG  ? A LYS 14 CG  
2  1 Y 1 A LYS 70  ? CD  ? A LYS 14 CD  
3  1 Y 1 A LYS 70  ? CE  ? A LYS 14 CE  
4  1 Y 1 A LYS 70  ? NZ  ? A LYS 14 NZ  
5  1 Y 1 A ARG 107 ? CG  ? A ARG 51 CG  
6  1 Y 1 A ARG 107 ? CD  ? A ARG 51 CD  
7  1 Y 1 A ARG 107 ? NE  ? A ARG 51 NE  
8  1 Y 1 A ARG 107 ? CZ  ? A ARG 51 CZ  
9  1 Y 1 A ARG 107 ? NH1 ? A ARG 51 NH1 
10 1 Y 1 A ARG 107 ? NH2 ? A ARG 51 NH2 
# 
loop_
_chem_comp_atom.comp_id 
_chem_comp_atom.atom_id 
_chem_comp_atom.type_symbol 
_chem_comp_atom.pdbx_aromatic_flag 
_chem_comp_atom.pdbx_stereo_config 
_chem_comp_atom.pdbx_ordinal 
ALA N    N N N 1   
ALA CA   C N S 2   
ALA C    C N N 3   
ALA O    O N N 4   
ALA CB   C N N 5   
ALA OXT  O N N 6   
ALA H    H N N 7   
ALA H2   H N N 8   
ALA HA   H N N 9   
ALA HB1  H N N 10  
ALA HB2  H N N 11  
ALA HB3  H N N 12  
ALA HXT  H N N 13  
ARG N    N N N 14  
ARG CA   C N S 15  
ARG C    C N N 16  
ARG O    O N N 17  
ARG CB   C N N 18  
ARG CG   C N N 19  
ARG CD   C N N 20  
ARG NE   N N N 21  
ARG CZ   C N N 22  
ARG NH1  N N N 23  
ARG NH2  N N N 24  
ARG OXT  O N N 25  
ARG H    H N N 26  
ARG H2   H N N 27  
ARG HA   H N N 28  
ARG HB2  H N N 29  
ARG HB3  H N N 30  
ARG HG2  H N N 31  
ARG HG3  H N N 32  
ARG HD2  H N N 33  
ARG HD3  H N N 34  
ARG HE   H N N 35  
ARG HH11 H N N 36  
ARG HH12 H N N 37  
ARG HH21 H N N 38  
ARG HH22 H N N 39  
ARG HXT  H N N 40  
ASN N    N N N 41  
ASN CA   C N S 42  
ASN C    C N N 43  
ASN O    O N N 44  
ASN CB   C N N 45  
ASN CG   C N N 46  
ASN OD1  O N N 47  
ASN ND2  N N N 48  
ASN OXT  O N N 49  
ASN H    H N N 50  
ASN H2   H N N 51  
ASN HA   H N N 52  
ASN HB2  H N N 53  
ASN HB3  H N N 54  
ASN HD21 H N N 55  
ASN HD22 H N N 56  
ASN HXT  H N N 57  
ASP N    N N N 58  
ASP CA   C N S 59  
ASP C    C N N 60  
ASP O    O N N 61  
ASP CB   C N N 62  
ASP CG   C N N 63  
ASP OD1  O N N 64  
ASP OD2  O N N 65  
ASP OXT  O N N 66  
ASP H    H N N 67  
ASP H2   H N N 68  
ASP HA   H N N 69  
ASP HB2  H N N 70  
ASP HB3  H N N 71  
ASP HD2  H N N 72  
ASP HXT  H N N 73  
CYS N    N N N 74  
CYS CA   C N R 75  
CYS C    C N N 76  
CYS O    O N N 77  
CYS CB   C N N 78  
CYS SG   S N N 79  
CYS OXT  O N N 80  
CYS H    H N N 81  
CYS H2   H N N 82  
CYS HA   H N N 83  
CYS HB2  H N N 84  
CYS HB3  H N N 85  
CYS HG   H N N 86  
CYS HXT  H N N 87  
GLN N    N N N 88  
GLN CA   C N S 89  
GLN C    C N N 90  
GLN O    O N N 91  
GLN CB   C N N 92  
GLN CG   C N N 93  
GLN CD   C N N 94  
GLN OE1  O N N 95  
GLN NE2  N N N 96  
GLN OXT  O N N 97  
GLN H    H N N 98  
GLN H2   H N N 99  
GLN HA   H N N 100 
GLN HB2  H N N 101 
GLN HB3  H N N 102 
GLN HG2  H N N 103 
GLN HG3  H N N 104 
GLN HE21 H N N 105 
GLN HE22 H N N 106 
GLN HXT  H N N 107 
GLU N    N N N 108 
GLU CA   C N S 109 
GLU C    C N N 110 
GLU O    O N N 111 
GLU CB   C N N 112 
GLU CG   C N N 113 
GLU CD   C N N 114 
GLU OE1  O N N 115 
GLU OE2  O N N 116 
GLU OXT  O N N 117 
GLU H    H N N 118 
GLU H2   H N N 119 
GLU HA   H N N 120 
GLU HB2  H N N 121 
GLU HB3  H N N 122 
GLU HG2  H N N 123 
GLU HG3  H N N 124 
GLU HE2  H N N 125 
GLU HXT  H N N 126 
GLY N    N N N 127 
GLY CA   C N N 128 
GLY C    C N N 129 
GLY O    O N N 130 
GLY OXT  O N N 131 
GLY H    H N N 132 
GLY H2   H N N 133 
GLY HA2  H N N 134 
GLY HA3  H N N 135 
GLY HXT  H N N 136 
HIS N    N N N 137 
HIS CA   C N S 138 
HIS C    C N N 139 
HIS O    O N N 140 
HIS CB   C N N 141 
HIS CG   C Y N 142 
HIS ND1  N Y N 143 
HIS CD2  C Y N 144 
HIS CE1  C Y N 145 
HIS NE2  N Y N 146 
HIS OXT  O N N 147 
HIS H    H N N 148 
HIS H2   H N N 149 
HIS HA   H N N 150 
HIS HB2  H N N 151 
HIS HB3  H N N 152 
HIS HD1  H N N 153 
HIS HD2  H N N 154 
HIS HE1  H N N 155 
HIS HE2  H N N 156 
HIS HXT  H N N 157 
HOH O    O N N 158 
HOH H1   H N N 159 
HOH H2   H N N 160 
ILE N    N N N 161 
ILE CA   C N S 162 
ILE C    C N N 163 
ILE O    O N N 164 
ILE CB   C N S 165 
ILE CG1  C N N 166 
ILE CG2  C N N 167 
ILE CD1  C N N 168 
ILE OXT  O N N 169 
ILE H    H N N 170 
ILE H2   H N N 171 
ILE HA   H N N 172 
ILE HB   H N N 173 
ILE HG12 H N N 174 
ILE HG13 H N N 175 
ILE HG21 H N N 176 
ILE HG22 H N N 177 
ILE HG23 H N N 178 
ILE HD11 H N N 179 
ILE HD12 H N N 180 
ILE HD13 H N N 181 
ILE HXT  H N N 182 
LEU N    N N N 183 
LEU CA   C N S 184 
LEU C    C N N 185 
LEU O    O N N 186 
LEU CB   C N N 187 
LEU CG   C N N 188 
LEU CD1  C N N 189 
LEU CD2  C N N 190 
LEU OXT  O N N 191 
LEU H    H N N 192 
LEU H2   H N N 193 
LEU HA   H N N 194 
LEU HB2  H N N 195 
LEU HB3  H N N 196 
LEU HG   H N N 197 
LEU HD11 H N N 198 
LEU HD12 H N N 199 
LEU HD13 H N N 200 
LEU HD21 H N N 201 
LEU HD22 H N N 202 
LEU HD23 H N N 203 
LEU HXT  H N N 204 
LYS N    N N N 205 
LYS CA   C N S 206 
LYS C    C N N 207 
LYS O    O N N 208 
LYS CB   C N N 209 
LYS CG   C N N 210 
LYS CD   C N N 211 
LYS CE   C N N 212 
LYS NZ   N N N 213 
LYS OXT  O N N 214 
LYS H    H N N 215 
LYS H2   H N N 216 
LYS HA   H N N 217 
LYS HB2  H N N 218 
LYS HB3  H N N 219 
LYS HG2  H N N 220 
LYS HG3  H N N 221 
LYS HD2  H N N 222 
LYS HD3  H N N 223 
LYS HE2  H N N 224 
LYS HE3  H N N 225 
LYS HZ1  H N N 226 
LYS HZ2  H N N 227 
LYS HZ3  H N N 228 
LYS HXT  H N N 229 
MET N    N N N 230 
MET CA   C N S 231 
MET C    C N N 232 
MET O    O N N 233 
MET CB   C N N 234 
MET CG   C N N 235 
MET SD   S N N 236 
MET CE   C N N 237 
MET OXT  O N N 238 
MET H    H N N 239 
MET H2   H N N 240 
MET HA   H N N 241 
MET HB2  H N N 242 
MET HB3  H N N 243 
MET HG2  H N N 244 
MET HG3  H N N 245 
MET HE1  H N N 246 
MET HE2  H N N 247 
MET HE3  H N N 248 
MET HXT  H N N 249 
NO3 N    N N N 250 
NO3 O1   O N N 251 
NO3 O2   O N N 252 
NO3 O3   O N N 253 
PHE N    N N N 254 
PHE CA   C N S 255 
PHE C    C N N 256 
PHE O    O N N 257 
PHE CB   C N N 258 
PHE CG   C Y N 259 
PHE CD1  C Y N 260 
PHE CD2  C Y N 261 
PHE CE1  C Y N 262 
PHE CE2  C Y N 263 
PHE CZ   C Y N 264 
PHE OXT  O N N 265 
PHE H    H N N 266 
PHE H2   H N N 267 
PHE HA   H N N 268 
PHE HB2  H N N 269 
PHE HB3  H N N 270 
PHE HD1  H N N 271 
PHE HD2  H N N 272 
PHE HE1  H N N 273 
PHE HE2  H N N 274 
PHE HZ   H N N 275 
PHE HXT  H N N 276 
PRO N    N N N 277 
PRO CA   C N S 278 
PRO C    C N N 279 
PRO O    O N N 280 
PRO CB   C N N 281 
PRO CG   C N N 282 
PRO CD   C N N 283 
PRO OXT  O N N 284 
PRO H    H N N 285 
PRO HA   H N N 286 
PRO HB2  H N N 287 
PRO HB3  H N N 288 
PRO HG2  H N N 289 
PRO HG3  H N N 290 
PRO HD2  H N N 291 
PRO HD3  H N N 292 
PRO HXT  H N N 293 
SER N    N N N 294 
SER CA   C N S 295 
SER C    C N N 296 
SER O    O N N 297 
SER CB   C N N 298 
SER OG   O N N 299 
SER OXT  O N N 300 
SER H    H N N 301 
SER H2   H N N 302 
SER HA   H N N 303 
SER HB2  H N N 304 
SER HB3  H N N 305 
SER HG   H N N 306 
SER HXT  H N N 307 
THR N    N N N 308 
THR CA   C N S 309 
THR C    C N N 310 
THR O    O N N 311 
THR CB   C N R 312 
THR OG1  O N N 313 
THR CG2  C N N 314 
THR OXT  O N N 315 
THR H    H N N 316 
THR H2   H N N 317 
THR HA   H N N 318 
THR HB   H N N 319 
THR HG1  H N N 320 
THR HG21 H N N 321 
THR HG22 H N N 322 
THR HG23 H N N 323 
THR HXT  H N N 324 
TRP N    N N N 325 
TRP CA   C N S 326 
TRP C    C N N 327 
TRP O    O N N 328 
TRP CB   C N N 329 
TRP CG   C Y N 330 
TRP CD1  C Y N 331 
TRP CD2  C Y N 332 
TRP NE1  N Y N 333 
TRP CE2  C Y N 334 
TRP CE3  C Y N 335 
TRP CZ2  C Y N 336 
TRP CZ3  C Y N 337 
TRP CH2  C Y N 338 
TRP OXT  O N N 339 
TRP H    H N N 340 
TRP H2   H N N 341 
TRP HA   H N N 342 
TRP HB2  H N N 343 
TRP HB3  H N N 344 
TRP HD1  H N N 345 
TRP HE1  H N N 346 
TRP HE3  H N N 347 
TRP HZ2  H N N 348 
TRP HZ3  H N N 349 
TRP HH2  H N N 350 
TRP HXT  H N N 351 
TYR N    N N N 352 
TYR CA   C N S 353 
TYR C    C N N 354 
TYR O    O N N 355 
TYR CB   C N N 356 
TYR CG   C Y N 357 
TYR CD1  C Y N 358 
TYR CD2  C Y N 359 
TYR CE1  C Y N 360 
TYR CE2  C Y N 361 
TYR CZ   C Y N 362 
TYR OH   O N N 363 
TYR OXT  O N N 364 
TYR H    H N N 365 
TYR H2   H N N 366 
TYR HA   H N N 367 
TYR HB2  H N N 368 
TYR HB3  H N N 369 
TYR HD1  H N N 370 
TYR HD2  H N N 371 
TYR HE1  H N N 372 
TYR HE2  H N N 373 
TYR HH   H N N 374 
TYR HXT  H N N 375 
VAL N    N N N 376 
VAL CA   C N S 377 
VAL C    C N N 378 
VAL O    O N N 379 
VAL CB   C N N 380 
VAL CG1  C N N 381 
VAL CG2  C N N 382 
VAL OXT  O N N 383 
VAL H    H N N 384 
VAL H2   H N N 385 
VAL HA   H N N 386 
VAL HB   H N N 387 
VAL HG11 H N N 388 
VAL HG12 H N N 389 
VAL HG13 H N N 390 
VAL HG21 H N N 391 
VAL HG22 H N N 392 
VAL HG23 H N N 393 
VAL HXT  H N N 394 
# 
loop_
_chem_comp_bond.comp_id 
_chem_comp_bond.atom_id_1 
_chem_comp_bond.atom_id_2 
_chem_comp_bond.value_order 
_chem_comp_bond.pdbx_aromatic_flag 
_chem_comp_bond.pdbx_stereo_config 
_chem_comp_bond.pdbx_ordinal 
ALA N   CA   sing N N 1   
ALA N   H    sing N N 2   
ALA N   H2   sing N N 3   
ALA CA  C    sing N N 4   
ALA CA  CB   sing N N 5   
ALA CA  HA   sing N N 6   
ALA C   O    doub N N 7   
ALA C   OXT  sing N N 8   
ALA CB  HB1  sing N N 9   
ALA CB  HB2  sing N N 10  
ALA CB  HB3  sing N N 11  
ALA OXT HXT  sing N N 12  
ARG N   CA   sing N N 13  
ARG N   H    sing N N 14  
ARG N   H2   sing N N 15  
ARG CA  C    sing N N 16  
ARG CA  CB   sing N N 17  
ARG CA  HA   sing N N 18  
ARG C   O    doub N N 19  
ARG C   OXT  sing N N 20  
ARG CB  CG   sing N N 21  
ARG CB  HB2  sing N N 22  
ARG CB  HB3  sing N N 23  
ARG CG  CD   sing N N 24  
ARG CG  HG2  sing N N 25  
ARG CG  HG3  sing N N 26  
ARG CD  NE   sing N N 27  
ARG CD  HD2  sing N N 28  
ARG CD  HD3  sing N N 29  
ARG NE  CZ   sing N N 30  
ARG NE  HE   sing N N 31  
ARG CZ  NH1  sing N N 32  
ARG CZ  NH2  doub N N 33  
ARG NH1 HH11 sing N N 34  
ARG NH1 HH12 sing N N 35  
ARG NH2 HH21 sing N N 36  
ARG NH2 HH22 sing N N 37  
ARG OXT HXT  sing N N 38  
ASN N   CA   sing N N 39  
ASN N   H    sing N N 40  
ASN N   H2   sing N N 41  
ASN CA  C    sing N N 42  
ASN CA  CB   sing N N 43  
ASN CA  HA   sing N N 44  
ASN C   O    doub N N 45  
ASN C   OXT  sing N N 46  
ASN CB  CG   sing N N 47  
ASN CB  HB2  sing N N 48  
ASN CB  HB3  sing N N 49  
ASN CG  OD1  doub N N 50  
ASN CG  ND2  sing N N 51  
ASN ND2 HD21 sing N N 52  
ASN ND2 HD22 sing N N 53  
ASN OXT HXT  sing N N 54  
ASP N   CA   sing N N 55  
ASP N   H    sing N N 56  
ASP N   H2   sing N N 57  
ASP CA  C    sing N N 58  
ASP CA  CB   sing N N 59  
ASP CA  HA   sing N N 60  
ASP C   O    doub N N 61  
ASP C   OXT  sing N N 62  
ASP CB  CG   sing N N 63  
ASP CB  HB2  sing N N 64  
ASP CB  HB3  sing N N 65  
ASP CG  OD1  doub N N 66  
ASP CG  OD2  sing N N 67  
ASP OD2 HD2  sing N N 68  
ASP OXT HXT  sing N N 69  
CYS N   CA   sing N N 70  
CYS N   H    sing N N 71  
CYS N   H2   sing N N 72  
CYS CA  C    sing N N 73  
CYS CA  CB   sing N N 74  
CYS CA  HA   sing N N 75  
CYS C   O    doub N N 76  
CYS C   OXT  sing N N 77  
CYS CB  SG   sing N N 78  
CYS CB  HB2  sing N N 79  
CYS CB  HB3  sing N N 80  
CYS SG  HG   sing N N 81  
CYS OXT HXT  sing N N 82  
GLN N   CA   sing N N 83  
GLN N   H    sing N N 84  
GLN N   H2   sing N N 85  
GLN CA  C    sing N N 86  
GLN CA  CB   sing N N 87  
GLN CA  HA   sing N N 88  
GLN C   O    doub N N 89  
GLN C   OXT  sing N N 90  
GLN CB  CG   sing N N 91  
GLN CB  HB2  sing N N 92  
GLN CB  HB3  sing N N 93  
GLN CG  CD   sing N N 94  
GLN CG  HG2  sing N N 95  
GLN CG  HG3  sing N N 96  
GLN CD  OE1  doub N N 97  
GLN CD  NE2  sing N N 98  
GLN NE2 HE21 sing N N 99  
GLN NE2 HE22 sing N N 100 
GLN OXT HXT  sing N N 101 
GLU N   CA   sing N N 102 
GLU N   H    sing N N 103 
GLU N   H2   sing N N 104 
GLU CA  C    sing N N 105 
GLU CA  CB   sing N N 106 
GLU CA  HA   sing N N 107 
GLU C   O    doub N N 108 
GLU C   OXT  sing N N 109 
GLU CB  CG   sing N N 110 
GLU CB  HB2  sing N N 111 
GLU CB  HB3  sing N N 112 
GLU CG  CD   sing N N 113 
GLU CG  HG2  sing N N 114 
GLU CG  HG3  sing N N 115 
GLU CD  OE1  doub N N 116 
GLU CD  OE2  sing N N 117 
GLU OE2 HE2  sing N N 118 
GLU OXT HXT  sing N N 119 
GLY N   CA   sing N N 120 
GLY N   H    sing N N 121 
GLY N   H2   sing N N 122 
GLY CA  C    sing N N 123 
GLY CA  HA2  sing N N 124 
GLY CA  HA3  sing N N 125 
GLY C   O    doub N N 126 
GLY C   OXT  sing N N 127 
GLY OXT HXT  sing N N 128 
HIS N   CA   sing N N 129 
HIS N   H    sing N N 130 
HIS N   H2   sing N N 131 
HIS CA  C    sing N N 132 
HIS CA  CB   sing N N 133 
HIS CA  HA   sing N N 134 
HIS C   O    doub N N 135 
HIS C   OXT  sing N N 136 
HIS CB  CG   sing N N 137 
HIS CB  HB2  sing N N 138 
HIS CB  HB3  sing N N 139 
HIS CG  ND1  sing Y N 140 
HIS CG  CD2  doub Y N 141 
HIS ND1 CE1  doub Y N 142 
HIS ND1 HD1  sing N N 143 
HIS CD2 NE2  sing Y N 144 
HIS CD2 HD2  sing N N 145 
HIS CE1 NE2  sing Y N 146 
HIS CE1 HE1  sing N N 147 
HIS NE2 HE2  sing N N 148 
HIS OXT HXT  sing N N 149 
HOH O   H1   sing N N 150 
HOH O   H2   sing N N 151 
ILE N   CA   sing N N 152 
ILE N   H    sing N N 153 
ILE N   H2   sing N N 154 
ILE CA  C    sing N N 155 
ILE CA  CB   sing N N 156 
ILE CA  HA   sing N N 157 
ILE C   O    doub N N 158 
ILE C   OXT  sing N N 159 
ILE CB  CG1  sing N N 160 
ILE CB  CG2  sing N N 161 
ILE CB  HB   sing N N 162 
ILE CG1 CD1  sing N N 163 
ILE CG1 HG12 sing N N 164 
ILE CG1 HG13 sing N N 165 
ILE CG2 HG21 sing N N 166 
ILE CG2 HG22 sing N N 167 
ILE CG2 HG23 sing N N 168 
ILE CD1 HD11 sing N N 169 
ILE CD1 HD12 sing N N 170 
ILE CD1 HD13 sing N N 171 
ILE OXT HXT  sing N N 172 
LEU N   CA   sing N N 173 
LEU N   H    sing N N 174 
LEU N   H2   sing N N 175 
LEU CA  C    sing N N 176 
LEU CA  CB   sing N N 177 
LEU CA  HA   sing N N 178 
LEU C   O    doub N N 179 
LEU C   OXT  sing N N 180 
LEU CB  CG   sing N N 181 
LEU CB  HB2  sing N N 182 
LEU CB  HB3  sing N N 183 
LEU CG  CD1  sing N N 184 
LEU CG  CD2  sing N N 185 
LEU CG  HG   sing N N 186 
LEU CD1 HD11 sing N N 187 
LEU CD1 HD12 sing N N 188 
LEU CD1 HD13 sing N N 189 
LEU CD2 HD21 sing N N 190 
LEU CD2 HD22 sing N N 191 
LEU CD2 HD23 sing N N 192 
LEU OXT HXT  sing N N 193 
LYS N   CA   sing N N 194 
LYS N   H    sing N N 195 
LYS N   H2   sing N N 196 
LYS CA  C    sing N N 197 
LYS CA  CB   sing N N 198 
LYS CA  HA   sing N N 199 
LYS C   O    doub N N 200 
LYS C   OXT  sing N N 201 
LYS CB  CG   sing N N 202 
LYS CB  HB2  sing N N 203 
LYS CB  HB3  sing N N 204 
LYS CG  CD   sing N N 205 
LYS CG  HG2  sing N N 206 
LYS CG  HG3  sing N N 207 
LYS CD  CE   sing N N 208 
LYS CD  HD2  sing N N 209 
LYS CD  HD3  sing N N 210 
LYS CE  NZ   sing N N 211 
LYS CE  HE2  sing N N 212 
LYS CE  HE3  sing N N 213 
LYS NZ  HZ1  sing N N 214 
LYS NZ  HZ2  sing N N 215 
LYS NZ  HZ3  sing N N 216 
LYS OXT HXT  sing N N 217 
MET N   CA   sing N N 218 
MET N   H    sing N N 219 
MET N   H2   sing N N 220 
MET CA  C    sing N N 221 
MET CA  CB   sing N N 222 
MET CA  HA   sing N N 223 
MET C   O    doub N N 224 
MET C   OXT  sing N N 225 
MET CB  CG   sing N N 226 
MET CB  HB2  sing N N 227 
MET CB  HB3  sing N N 228 
MET CG  SD   sing N N 229 
MET CG  HG2  sing N N 230 
MET CG  HG3  sing N N 231 
MET SD  CE   sing N N 232 
MET CE  HE1  sing N N 233 
MET CE  HE2  sing N N 234 
MET CE  HE3  sing N N 235 
MET OXT HXT  sing N N 236 
NO3 N   O1   doub N N 237 
NO3 N   O2   sing N N 238 
NO3 N   O3   sing N N 239 
PHE N   CA   sing N N 240 
PHE N   H    sing N N 241 
PHE N   H2   sing N N 242 
PHE CA  C    sing N N 243 
PHE CA  CB   sing N N 244 
PHE CA  HA   sing N N 245 
PHE C   O    doub N N 246 
PHE C   OXT  sing N N 247 
PHE CB  CG   sing N N 248 
PHE CB  HB2  sing N N 249 
PHE CB  HB3  sing N N 250 
PHE CG  CD1  doub Y N 251 
PHE CG  CD2  sing Y N 252 
PHE CD1 CE1  sing Y N 253 
PHE CD1 HD1  sing N N 254 
PHE CD2 CE2  doub Y N 255 
PHE CD2 HD2  sing N N 256 
PHE CE1 CZ   doub Y N 257 
PHE CE1 HE1  sing N N 258 
PHE CE2 CZ   sing Y N 259 
PHE CE2 HE2  sing N N 260 
PHE CZ  HZ   sing N N 261 
PHE OXT HXT  sing N N 262 
PRO N   CA   sing N N 263 
PRO N   CD   sing N N 264 
PRO N   H    sing N N 265 
PRO CA  C    sing N N 266 
PRO CA  CB   sing N N 267 
PRO CA  HA   sing N N 268 
PRO C   O    doub N N 269 
PRO C   OXT  sing N N 270 
PRO CB  CG   sing N N 271 
PRO CB  HB2  sing N N 272 
PRO CB  HB3  sing N N 273 
PRO CG  CD   sing N N 274 
PRO CG  HG2  sing N N 275 
PRO CG  HG3  sing N N 276 
PRO CD  HD2  sing N N 277 
PRO CD  HD3  sing N N 278 
PRO OXT HXT  sing N N 279 
SER N   CA   sing N N 280 
SER N   H    sing N N 281 
SER N   H2   sing N N 282 
SER CA  C    sing N N 283 
SER CA  CB   sing N N 284 
SER CA  HA   sing N N 285 
SER C   O    doub N N 286 
SER C   OXT  sing N N 287 
SER CB  OG   sing N N 288 
SER CB  HB2  sing N N 289 
SER CB  HB3  sing N N 290 
SER OG  HG   sing N N 291 
SER OXT HXT  sing N N 292 
THR N   CA   sing N N 293 
THR N   H    sing N N 294 
THR N   H2   sing N N 295 
THR CA  C    sing N N 296 
THR CA  CB   sing N N 297 
THR CA  HA   sing N N 298 
THR C   O    doub N N 299 
THR C   OXT  sing N N 300 
THR CB  OG1  sing N N 301 
THR CB  CG2  sing N N 302 
THR CB  HB   sing N N 303 
THR OG1 HG1  sing N N 304 
THR CG2 HG21 sing N N 305 
THR CG2 HG22 sing N N 306 
THR CG2 HG23 sing N N 307 
THR OXT HXT  sing N N 308 
TRP N   CA   sing N N 309 
TRP N   H    sing N N 310 
TRP N   H2   sing N N 311 
TRP CA  C    sing N N 312 
TRP CA  CB   sing N N 313 
TRP CA  HA   sing N N 314 
TRP C   O    doub N N 315 
TRP C   OXT  sing N N 316 
TRP CB  CG   sing N N 317 
TRP CB  HB2  sing N N 318 
TRP CB  HB3  sing N N 319 
TRP CG  CD1  doub Y N 320 
TRP CG  CD2  sing Y N 321 
TRP CD1 NE1  sing Y N 322 
TRP CD1 HD1  sing N N 323 
TRP CD2 CE2  doub Y N 324 
TRP CD2 CE3  sing Y N 325 
TRP NE1 CE2  sing Y N 326 
TRP NE1 HE1  sing N N 327 
TRP CE2 CZ2  sing Y N 328 
TRP CE3 CZ3  doub Y N 329 
TRP CE3 HE3  sing N N 330 
TRP CZ2 CH2  doub Y N 331 
TRP CZ2 HZ2  sing N N 332 
TRP CZ3 CH2  sing Y N 333 
TRP CZ3 HZ3  sing N N 334 
TRP CH2 HH2  sing N N 335 
TRP OXT HXT  sing N N 336 
TYR N   CA   sing N N 337 
TYR N   H    sing N N 338 
TYR N   H2   sing N N 339 
TYR CA  C    sing N N 340 
TYR CA  CB   sing N N 341 
TYR CA  HA   sing N N 342 
TYR C   O    doub N N 343 
TYR C   OXT  sing N N 344 
TYR CB  CG   sing N N 345 
TYR CB  HB2  sing N N 346 
TYR CB  HB3  sing N N 347 
TYR CG  CD1  doub Y N 348 
TYR CG  CD2  sing Y N 349 
TYR CD1 CE1  sing Y N 350 
TYR CD1 HD1  sing N N 351 
TYR CD2 CE2  doub Y N 352 
TYR CD2 HD2  sing N N 353 
TYR CE1 CZ   doub Y N 354 
TYR CE1 HE1  sing N N 355 
TYR CE2 CZ   sing Y N 356 
TYR CE2 HE2  sing N N 357 
TYR CZ  OH   sing N N 358 
TYR OH  HH   sing N N 359 
TYR OXT HXT  sing N N 360 
VAL N   CA   sing N N 361 
VAL N   H    sing N N 362 
VAL N   H2   sing N N 363 
VAL CA  C    sing N N 364 
VAL CA  CB   sing N N 365 
VAL CA  HA   sing N N 366 
VAL C   O    doub N N 367 
VAL C   OXT  sing N N 368 
VAL CB  CG1  sing N N 369 
VAL CB  CG2  sing N N 370 
VAL CB  HB   sing N N 371 
VAL CG1 HG11 sing N N 372 
VAL CG1 HG12 sing N N 373 
VAL CG1 HG13 sing N N 374 
VAL CG2 HG21 sing N N 375 
VAL CG2 HG22 sing N N 376 
VAL CG2 HG23 sing N N 377 
VAL OXT HXT  sing N N 378 
# 
loop_
_pdbx_entity_nonpoly.entity_id 
_pdbx_entity_nonpoly.name 
_pdbx_entity_nonpoly.comp_id 
2 'NITRATE ION' NO3 
3 water         HOH 
# 
_pdbx_initial_refinement_model.id               1 
_pdbx_initial_refinement_model.entity_id_list   ? 
_pdbx_initial_refinement_model.type             'experimental model' 
_pdbx_initial_refinement_model.source_name      PDB 
_pdbx_initial_refinement_model.accession_code   1BIS 
_pdbx_initial_refinement_model.details          'PDB ENTRY 1BIS' 
# 
